data_5DQL
#
_entry.id   5DQL
#
_cell.length_a   75.086
_cell.length_b   129.236
_cell.length_c   167.952
_cell.angle_alpha   90.00
_cell.angle_beta   90.00
_cell.angle_gamma   90.00
#
_symmetry.space_group_name_H-M   'P 21 21 21'
#
loop_
_entity.id
_entity.type
_entity.pdbx_description
1 polymer 'Isocitrate lyase 1'
2 non-polymer 'MAGNESIUM ION'
3 non-polymer '4-hydroxy-2-oxobutanoic acid'
4 water water
#
_entity_poly.entity_id   1
_entity_poly.type   'polypeptide(L)'
_entity_poly.pdbx_seq_one_letter_code
;MSVVGTPKSAEQIQQEWDTNPRWKDVTRTYSAEDVVALQGSVVEEHTLARRGAEVLWEQLHDLEWVNALGALTGNMAVQQ
VRAGLKAIYLSGWQVAGDANLSGHTYPDQSLYPANSVPQVVRRINNALQRADQIAKIEGDTSVENWLAPIVADGEAGFGG
ALNVYELQKALIAAGVAGSHWEDQLASEKKCGHLGGKVLIPTQQHIRTLTSARLAADVADVPTVVIARTDAEAATLITSD
VDERDQPFITGERTREGFYRTKNGIEPCIARAKAYAPFADLIWMETGTPDLEAARQFSEAVKAEYPDQMLAYNCSPSFNW
KKHLDDATIAKFQKELAAMGFKFQFITLAGFHALNYSMFDLAYGYAQNQMSAYVELQEREFAAEERGYTATKHQREVGAG
YFDRIATTVDPNSSTTALTGSTEEGQFH
;
_entity_poly.pdbx_strand_id   A,B,C,D
#
loop_
_chem_comp.id
_chem_comp.type
_chem_comp.name
_chem_comp.formula
MG non-polymer 'MAGNESIUM ION' 'Mg 2'
VGX non-polymer '4-hydroxy-2-oxobutanoic acid' 'C4 H6 O4'
#
# COMPACT_ATOMS: atom_id res chain seq x y z
N MET A 1 3.71 32.84 -7.00
CA MET A 1 4.35 32.24 -5.83
C MET A 1 3.57 32.53 -4.55
N SER A 2 4.17 32.20 -3.41
CA SER A 2 3.49 32.28 -2.12
C SER A 2 4.47 32.28 -0.95
N VAL A 3 4.01 32.76 0.20
CA VAL A 3 4.81 32.79 1.42
C VAL A 3 4.46 31.62 2.35
N VAL A 4 3.43 30.86 1.98
CA VAL A 4 3.00 29.74 2.84
C VAL A 4 4.08 28.67 2.89
N GLY A 5 4.52 28.35 4.11
CA GLY A 5 5.55 27.34 4.29
C GLY A 5 6.93 27.84 3.93
N THR A 6 7.09 29.16 3.83
CA THR A 6 8.40 29.77 3.57
C THR A 6 9.35 29.36 4.68
N PRO A 7 10.56 28.89 4.31
CA PRO A 7 11.48 28.41 5.35
C PRO A 7 11.98 29.57 6.20
N LYS A 8 12.34 29.27 7.45
CA LYS A 8 12.96 30.25 8.30
C LYS A 8 14.37 30.53 7.76
N SER A 9 14.97 31.63 8.20
CA SER A 9 16.36 31.92 7.87
C SER A 9 17.27 31.13 8.82
N ALA A 10 18.55 30.99 8.46
CA ALA A 10 19.51 30.29 9.31
C ALA A 10 19.70 30.98 10.66
N GLU A 11 19.68 32.31 10.65
CA GLU A 11 19.82 33.08 11.88
C GLU A 11 18.64 32.82 12.83
N GLN A 12 17.44 32.79 12.27
CA GLN A 12 16.25 32.46 13.06
C GLN A 12 16.41 31.08 13.72
N ILE A 13 16.86 30.11 12.93
CA ILE A 13 17.07 28.74 13.43
C ILE A 13 18.16 28.69 14.51
N GLN A 14 19.28 29.36 14.25
CA GLN A 14 20.34 29.48 15.24
C GLN A 14 19.81 30.10 16.53
N GLN A 15 19.08 31.21 16.38
CA GLN A 15 18.49 31.88 17.53
C GLN A 15 17.70 30.88 18.36
N GLU A 16 16.87 30.07 17.69
CA GLU A 16 16.05 29.08 18.37
C GLU A 16 16.88 28.02 19.14
N TRP A 17 17.95 27.52 18.51
CA TRP A 17 18.83 26.54 19.17
C TRP A 17 19.52 27.15 20.40
N ASP A 18 19.87 28.43 20.28
CA ASP A 18 20.53 29.13 21.36
C ASP A 18 19.53 29.53 22.46
N THR A 19 18.29 29.81 22.07
CA THR A 19 17.29 30.38 22.97
C THR A 19 16.39 29.36 23.70
N ASN A 20 15.73 28.49 22.93
CA ASN A 20 14.83 27.48 23.48
C ASN A 20 15.54 26.51 24.44
N PRO A 21 15.04 26.40 25.67
CA PRO A 21 15.61 25.45 26.64
C PRO A 21 15.52 24.00 26.17
N ARG A 22 14.65 23.71 25.21
CA ARG A 22 14.57 22.38 24.59
C ARG A 22 15.95 21.89 24.17
N TRP A 23 16.77 22.82 23.70
CA TRP A 23 18.06 22.49 23.09
C TRP A 23 19.27 22.69 24.01
N LYS A 24 19.03 22.71 25.32
CA LYS A 24 20.08 23.00 26.30
C LYS A 24 21.25 22.01 26.24
N ASP A 25 20.95 20.71 26.28
CA ASP A 25 22.03 19.71 26.30
C ASP A 25 22.19 18.98 24.97
N VAL A 26 21.94 19.67 23.86
CA VAL A 26 21.90 19.03 22.54
C VAL A 26 22.97 19.55 21.57
N THR A 27 23.89 18.66 21.22
CA THR A 27 24.97 18.94 20.28
C THR A 27 24.58 18.64 18.83
N ARG A 28 24.77 19.64 17.96
CA ARG A 28 24.63 19.43 16.52
C ARG A 28 26.00 19.70 15.88
N THR A 29 26.50 18.75 15.11
CA THR A 29 27.82 18.90 14.47
C THR A 29 27.70 19.51 13.07
N TYR A 30 26.47 19.74 12.63
CA TYR A 30 26.22 20.47 11.40
C TYR A 30 25.75 21.87 11.77
N SER A 31 25.57 22.72 10.77
CA SER A 31 25.23 24.12 11.01
C SER A 31 23.76 24.41 10.73
N ALA A 32 23.26 25.53 11.27
CA ALA A 32 21.91 25.99 10.94
C ALA A 32 21.81 26.24 9.45
N GLU A 33 22.91 26.72 8.86
CA GLU A 33 22.97 26.97 7.42
C GLU A 33 22.79 25.67 6.62
N ASP A 34 23.32 24.58 7.17
CA ASP A 34 23.23 23.27 6.54
C ASP A 34 21.76 22.81 6.48
N VAL A 35 21.04 23.05 7.57
CA VAL A 35 19.62 22.71 7.64
C VAL A 35 18.81 23.45 6.57
N VAL A 36 18.99 24.78 6.49
CA VAL A 36 18.27 25.59 5.51
C VAL A 36 18.58 25.16 4.09
N ALA A 37 19.84 24.77 3.86
CA ALA A 37 20.26 24.36 2.51
C ALA A 37 19.48 23.14 2.02
N LEU A 38 18.98 22.35 2.97
CA LEU A 38 18.27 21.11 2.66
C LEU A 38 16.75 21.29 2.57
N GLN A 39 16.27 22.51 2.79
CA GLN A 39 14.84 22.73 2.95
C GLN A 39 14.04 23.11 1.71
N GLY A 40 14.71 23.38 0.60
CA GLY A 40 14.00 23.82 -0.58
C GLY A 40 13.28 25.14 -0.35
N SER A 41 12.24 25.41 -1.12
CA SER A 41 11.52 26.68 -1.05
C SER A 41 10.32 26.62 -0.11
N VAL A 42 9.92 25.40 0.24
CA VAL A 42 8.73 25.19 1.04
C VAL A 42 8.98 24.12 2.10
N VAL A 43 8.59 24.42 3.33
CA VAL A 43 8.67 23.49 4.44
C VAL A 43 7.25 23.10 4.84
N GLU A 44 6.89 21.82 4.67
CA GLU A 44 5.56 21.36 5.08
C GLU A 44 5.45 21.44 6.58
N GLU A 45 4.32 21.93 7.07
CA GLU A 45 4.06 21.89 8.51
C GLU A 45 3.63 20.49 8.91
N HIS A 46 4.18 20.00 10.02
CA HIS A 46 3.80 18.69 10.55
C HIS A 46 3.18 18.83 11.92
N THR A 47 1.90 19.21 11.94
CA THR A 47 1.16 19.52 13.16
C THR A 47 1.26 18.46 14.23
N LEU A 48 0.90 17.22 13.90
CA LEU A 48 0.86 16.18 14.92
C LEU A 48 2.23 15.83 15.46
N ALA A 49 3.26 15.94 14.62
CA ALA A 49 4.63 15.62 15.06
C ALA A 49 5.13 16.69 16.01
N ARG A 50 4.91 17.94 15.61
CA ARG A 50 5.21 19.10 16.44
C ARG A 50 4.49 19.06 17.79
N ARG A 51 3.16 18.96 17.74
CA ARG A 51 2.33 18.88 18.92
C ARG A 51 2.77 17.73 19.82
N GLY A 52 2.94 16.55 19.24
CA GLY A 52 3.36 15.39 20.00
C GLY A 52 4.71 15.56 20.68
N ALA A 53 5.70 15.99 19.91
CA ALA A 53 7.05 16.10 20.46
C ALA A 53 7.08 17.08 21.63
N GLU A 54 6.37 18.20 21.49
CA GLU A 54 6.32 19.21 22.55
C GLU A 54 5.58 18.71 23.79
N VAL A 55 4.46 18.03 23.59
CA VAL A 55 3.76 17.41 24.70
C VAL A 55 4.61 16.36 25.41
N LEU A 56 5.30 15.53 24.63
CA LEU A 56 6.12 14.47 25.22
C LEU A 56 7.22 15.07 26.08
N TRP A 57 7.88 16.10 25.57
CA TRP A 57 9.00 16.71 26.27
C TRP A 57 8.52 17.27 27.61
N GLU A 58 7.41 18.00 27.60
CA GLU A 58 6.85 18.54 28.84
C GLU A 58 6.51 17.43 29.84
N GLN A 59 5.92 16.33 29.36
CA GLN A 59 5.53 15.21 30.22
C GLN A 59 6.72 14.57 30.92
N LEU A 60 7.84 14.46 30.19
CA LEU A 60 9.04 13.84 30.75
C LEU A 60 9.58 14.68 31.90
N HIS A 61 9.34 15.98 31.83
CA HIS A 61 9.76 16.94 32.84
C HIS A 61 8.70 17.21 33.93
N ASP A 62 7.43 17.09 33.56
CA ASP A 62 6.34 17.45 34.46
C ASP A 62 5.83 16.27 35.28
N LEU A 63 6.02 15.05 34.79
CA LEU A 63 5.52 13.89 35.52
C LEU A 63 6.64 13.17 36.25
N GLU A 64 6.27 12.37 37.25
CA GLU A 64 7.22 11.53 37.97
C GLU A 64 7.86 10.57 36.96
N TRP A 65 7.03 10.00 36.08
CA TRP A 65 7.51 9.31 34.88
C TRP A 65 6.39 9.04 33.88
N VAL A 66 6.79 8.76 32.64
CA VAL A 66 5.84 8.47 31.57
C VAL A 66 5.92 6.99 31.21
N ASN A 67 4.81 6.26 31.40
CA ASN A 67 4.77 4.86 30.99
C ASN A 67 3.81 4.63 29.82
N ALA A 68 4.09 3.61 29.02
CA ALA A 68 3.39 3.37 27.76
C ALA A 68 3.23 1.87 27.53
N LEU A 69 2.27 1.48 26.69
CA LEU A 69 2.19 0.08 26.28
C LEU A 69 2.33 0.03 24.76
N GLY A 70 2.94 -1.03 24.24
CA GLY A 70 3.01 -1.21 22.79
C GLY A 70 1.64 -1.37 22.14
N ALA A 71 1.33 -0.50 21.18
CA ALA A 71 0.08 -0.56 20.42
C ALA A 71 0.38 -0.98 18.97
N LEU A 72 -0.34 -1.97 18.46
CA LEU A 72 -0.13 -2.34 17.06
C LEU A 72 -1.32 -2.04 16.16
N THR A 73 -2.46 -1.66 16.74
CA THR A 73 -3.58 -1.12 15.97
C THR A 73 -4.04 0.23 16.51
N GLY A 74 -4.80 0.95 15.69
CA GLY A 74 -5.38 2.21 16.10
C GLY A 74 -6.30 2.08 17.30
N ASN A 75 -7.22 1.12 17.26
CA ASN A 75 -8.14 0.90 18.38
C ASN A 75 -7.37 0.60 19.67
N MET A 76 -6.20 -0.03 19.54
CA MET A 76 -5.42 -0.38 20.73
C MET A 76 -4.96 0.88 21.42
N ALA A 77 -4.55 1.87 20.63
CA ALA A 77 -4.08 3.14 21.16
C ALA A 77 -5.24 3.91 21.78
N VAL A 78 -6.40 3.85 21.13
CA VAL A 78 -7.59 4.51 21.64
C VAL A 78 -7.94 4.01 23.05
N GLN A 79 -7.91 2.70 23.25
CA GLN A 79 -8.22 2.13 24.55
C GLN A 79 -7.16 2.55 25.60
N GLN A 80 -5.89 2.53 25.22
CA GLN A 80 -4.84 2.97 26.14
C GLN A 80 -5.09 4.39 26.63
N VAL A 81 -5.41 5.30 25.70
CA VAL A 81 -5.73 6.68 26.09
C VAL A 81 -7.01 6.79 26.93
N ARG A 82 -8.02 6.00 26.58
CA ARG A 82 -9.30 5.96 27.30
C ARG A 82 -9.08 5.48 28.74
N ALA A 83 -8.12 4.59 28.93
CA ALA A 83 -7.84 4.02 30.25
C ALA A 83 -6.90 4.88 31.08
N GLY A 84 -6.52 6.04 30.57
CA GLY A 84 -5.74 6.99 31.33
C GLY A 84 -4.26 7.06 31.00
N LEU A 85 -3.79 6.19 30.10
CA LEU A 85 -2.39 6.29 29.66
C LEU A 85 -2.13 7.57 28.87
N LYS A 86 -0.94 8.13 29.03
CA LYS A 86 -0.64 9.47 28.51
C LYS A 86 0.34 9.45 27.34
N ALA A 87 0.85 8.27 26.99
CA ALA A 87 1.73 8.15 25.83
C ALA A 87 1.55 6.78 25.21
N ILE A 88 1.95 6.65 23.96
CA ILE A 88 1.81 5.40 23.22
C ILE A 88 3.16 4.91 22.74
N TYR A 89 3.41 3.61 22.89
CA TYR A 89 4.65 3.02 22.35
C TYR A 89 4.37 2.16 21.11
N LEU A 90 5.11 2.42 20.03
CA LEU A 90 4.95 1.70 18.78
C LEU A 90 6.18 0.81 18.60
N SER A 91 5.94 -0.49 18.62
CA SER A 91 6.98 -1.48 18.66
C SER A 91 7.24 -2.03 17.26
N GLY A 92 8.51 -2.04 16.86
CA GLY A 92 8.92 -2.67 15.61
C GLY A 92 8.71 -4.18 15.65
N TRP A 93 8.93 -4.78 16.82
CA TRP A 93 8.69 -6.22 16.99
C TRP A 93 7.25 -6.52 16.64
N GLN A 94 6.33 -5.70 17.17
CA GLN A 94 4.90 -5.96 16.95
C GLN A 94 4.54 -5.76 15.48
N VAL A 95 5.22 -4.81 14.86
CA VAL A 95 4.96 -4.53 13.46
C VAL A 95 5.42 -5.71 12.60
N ALA A 96 6.58 -6.27 12.93
CA ALA A 96 7.10 -7.48 12.28
C ALA A 96 6.14 -8.66 12.47
N GLY A 97 5.65 -8.82 13.70
CA GLY A 97 4.80 -9.96 14.03
C GLY A 97 3.40 -9.95 13.42
N ASP A 98 2.80 -8.78 13.20
CA ASP A 98 1.37 -8.72 12.92
C ASP A 98 0.86 -7.43 12.27
N ALA A 99 1.74 -6.51 11.84
CA ALA A 99 1.22 -5.26 11.25
C ALA A 99 2.21 -4.58 10.29
N ASN A 100 2.79 -5.33 9.35
CA ASN A 100 3.74 -4.71 8.45
C ASN A 100 3.30 -4.80 6.99
N LEU A 101 3.96 -4.02 6.13
CA LEU A 101 3.51 -3.82 4.77
C LEU A 101 3.77 -5.00 3.81
N SER A 102 4.49 -6.03 4.25
CA SER A 102 4.69 -7.22 3.41
C SER A 102 3.49 -8.17 3.52
N GLY A 103 2.73 -8.00 4.58
CA GLY A 103 1.60 -8.87 4.87
C GLY A 103 2.03 -10.13 5.61
N HIS A 104 3.33 -10.29 5.86
CA HIS A 104 3.83 -11.54 6.46
C HIS A 104 4.08 -11.45 7.96
N THR A 105 4.08 -12.62 8.62
CA THR A 105 4.48 -12.68 10.02
C THR A 105 6.01 -12.85 10.06
N TYR A 106 6.71 -11.96 10.77
CA TYR A 106 8.16 -12.04 10.86
C TYR A 106 8.67 -11.99 12.29
N PRO A 107 9.82 -12.62 12.54
CA PRO A 107 10.54 -12.32 13.78
C PRO A 107 11.16 -10.93 13.72
N ASP A 108 11.66 -10.46 14.85
CA ASP A 108 12.10 -9.08 14.95
C ASP A 108 13.52 -8.92 14.43
N GLN A 109 13.66 -8.90 13.10
CA GLN A 109 14.99 -8.86 12.50
C GLN A 109 15.06 -7.90 11.30
N SER A 110 14.25 -6.85 11.34
CA SER A 110 14.22 -5.84 10.27
C SER A 110 14.00 -6.48 8.90
N LEU A 111 13.01 -7.37 8.83
CA LEU A 111 12.69 -8.06 7.58
C LEU A 111 11.60 -7.37 6.76
N TYR A 112 10.77 -6.54 7.43
CA TYR A 112 9.62 -5.91 6.81
C TYR A 112 10.01 -4.62 6.05
N PRO A 113 9.11 -4.12 5.16
CA PRO A 113 9.44 -2.91 4.40
C PRO A 113 9.63 -1.70 5.31
N ALA A 114 10.63 -0.85 5.06
CA ALA A 114 11.03 0.20 6.00
C ALA A 114 9.99 1.30 6.25
N ASN A 115 8.96 1.38 5.43
CA ASN A 115 7.91 2.35 5.69
C ASN A 115 6.76 1.75 6.54
N SER A 116 6.97 0.56 7.09
CA SER A 116 5.89 -0.11 7.87
C SER A 116 5.53 0.63 9.18
N VAL A 117 6.53 1.05 9.95
CA VAL A 117 6.28 1.73 11.22
C VAL A 117 5.62 3.12 11.02
N PRO A 118 6.14 3.95 10.07
CA PRO A 118 5.46 5.21 9.76
C PRO A 118 3.97 5.01 9.44
N GLN A 119 3.63 3.95 8.71
CA GLN A 119 2.24 3.66 8.42
C GLN A 119 1.43 3.43 9.69
N VAL A 120 2.01 2.72 10.65
CA VAL A 120 1.27 2.48 11.90
C VAL A 120 1.21 3.74 12.77
N VAL A 121 2.26 4.56 12.72
CA VAL A 121 2.16 5.87 13.39
C VAL A 121 0.98 6.66 12.85
N ARG A 122 0.88 6.71 11.52
CA ARG A 122 -0.19 7.47 10.87
C ARG A 122 -1.56 6.84 11.20
N ARG A 123 -1.60 5.51 11.23
CA ARG A 123 -2.82 4.81 11.62
C ARG A 123 -3.25 5.16 13.05
N ILE A 124 -2.29 5.10 13.97
CA ILE A 124 -2.60 5.37 15.38
C ILE A 124 -3.11 6.80 15.55
N ASN A 125 -2.42 7.75 14.95
CA ASN A 125 -2.88 9.14 14.94
C ASN A 125 -4.29 9.31 14.34
N ASN A 126 -4.58 8.65 13.23
CA ASN A 126 -5.94 8.72 12.67
C ASN A 126 -6.96 8.20 13.67
N ALA A 127 -6.61 7.14 14.38
CA ALA A 127 -7.55 6.53 15.29
C ALA A 127 -7.81 7.41 16.50
N LEU A 128 -6.77 8.09 16.98
CA LEU A 128 -6.92 9.02 18.09
C LEU A 128 -7.71 10.26 17.64
N GLN A 129 -7.46 10.72 16.41
CA GLN A 129 -8.22 11.84 15.86
C GLN A 129 -9.71 11.52 15.78
N ARG A 130 -10.05 10.29 15.38
CA ARG A 130 -11.47 9.93 15.34
C ARG A 130 -12.05 9.89 16.75
N ALA A 131 -11.32 9.30 17.69
CA ALA A 131 -11.80 9.24 19.07
C ALA A 131 -12.05 10.66 19.59
N ASP A 132 -11.17 11.58 19.20
CA ASP A 132 -11.27 12.99 19.56
C ASP A 132 -12.47 13.68 18.91
N GLN A 133 -12.70 13.41 17.62
CA GLN A 133 -13.87 13.95 16.92
C GLN A 133 -15.20 13.48 17.54
N ILE A 134 -15.25 12.20 17.90
CA ILE A 134 -16.46 11.61 18.46
C ILE A 134 -16.75 12.20 19.84
N ALA A 135 -15.70 12.33 20.66
CA ALA A 135 -15.84 12.89 22.01
C ALA A 135 -16.41 14.31 21.96
N LYS A 136 -15.90 15.11 21.04
CA LYS A 136 -16.38 16.47 20.86
C LYS A 136 -17.88 16.56 20.56
N ILE A 137 -18.38 15.81 19.57
CA ILE A 137 -19.80 15.84 19.29
C ILE A 137 -20.62 15.17 20.40
N GLU A 138 -19.98 14.34 21.23
CA GLU A 138 -20.69 13.67 22.31
C GLU A 138 -20.67 14.48 23.60
N GLY A 139 -19.81 15.51 23.66
CA GLY A 139 -19.62 16.29 24.86
C GLY A 139 -18.83 15.52 25.91
N ASP A 140 -18.02 14.57 25.45
CA ASP A 140 -17.20 13.76 26.35
C ASP A 140 -15.92 14.51 26.68
N THR A 141 -15.79 14.98 27.93
CA THR A 141 -14.56 15.66 28.34
C THR A 141 -13.71 14.80 29.25
N SER A 142 -14.01 13.49 29.29
CA SER A 142 -13.30 12.57 30.16
C SER A 142 -11.79 12.49 29.88
N VAL A 143 -11.40 12.65 28.61
CA VAL A 143 -9.97 12.73 28.25
C VAL A 143 -9.62 14.12 27.72
N GLU A 144 -8.67 14.79 28.37
CA GLU A 144 -8.34 16.17 27.94
C GLU A 144 -7.56 16.23 26.63
N ASN A 145 -6.65 15.28 26.42
CA ASN A 145 -5.92 15.23 25.16
C ASN A 145 -5.91 13.82 24.53
N TRP A 146 -6.68 13.65 23.47
CA TRP A 146 -6.78 12.34 22.81
C TRP A 146 -5.51 12.04 22.02
N LEU A 147 -4.88 13.10 21.53
CA LEU A 147 -3.65 12.98 20.76
C LEU A 147 -2.44 12.78 21.68
N ALA A 148 -2.40 11.63 22.35
CA ALA A 148 -1.25 11.29 23.19
C ALA A 148 -0.03 11.11 22.30
N PRO A 149 1.15 11.56 22.78
CA PRO A 149 2.37 11.45 21.97
C PRO A 149 2.77 10.01 21.70
N ILE A 150 3.32 9.77 20.50
CA ILE A 150 3.73 8.44 20.07
C ILE A 150 5.26 8.34 19.96
N VAL A 151 5.84 7.36 20.65
CA VAL A 151 7.27 7.07 20.54
C VAL A 151 7.40 5.78 19.76
N ALA A 152 8.10 5.82 18.64
CA ALA A 152 8.12 4.69 17.72
C ALA A 152 9.52 4.14 17.51
N ASP A 153 9.55 2.89 17.05
CA ASP A 153 10.77 2.11 16.89
C ASP A 153 11.44 2.41 15.56
N GLY A 154 12.63 3.03 15.59
CA GLY A 154 13.42 3.23 14.39
C GLY A 154 14.37 2.07 14.08
N GLU A 155 14.36 1.05 14.93
CA GLU A 155 15.19 -0.14 14.72
C GLU A 155 16.66 0.23 14.53
N ALA A 156 17.32 -0.42 13.56
CA ALA A 156 18.71 -0.10 13.25
C ALA A 156 18.78 0.78 12.00
N GLY A 157 17.65 1.35 11.61
CA GLY A 157 17.56 2.32 10.53
C GLY A 157 17.47 1.76 9.12
N PHE A 158 17.43 0.43 9.00
CA PHE A 158 17.33 -0.26 7.70
C PHE A 158 18.44 0.14 6.71
N GLY A 159 19.67 0.23 7.20
CA GLY A 159 20.79 0.52 6.32
C GLY A 159 21.72 1.55 6.90
N GLY A 160 22.03 2.58 6.11
CA GLY A 160 22.99 3.58 6.52
C GLY A 160 22.37 4.89 6.97
N ALA A 161 23.20 5.93 7.04
CA ALA A 161 22.74 7.24 7.51
C ALA A 161 21.56 7.76 6.68
N LEU A 162 21.55 7.45 5.38
CA LEU A 162 20.49 7.92 4.50
C LEU A 162 19.18 7.19 4.72
N ASN A 163 19.26 5.89 5.02
CA ASN A 163 18.07 5.13 5.36
C ASN A 163 17.50 5.65 6.67
N VAL A 164 18.38 5.95 7.62
CA VAL A 164 17.97 6.47 8.93
C VAL A 164 17.23 7.79 8.73
N TYR A 165 17.83 8.65 7.91
CA TYR A 165 17.23 9.95 7.58
C TYR A 165 15.82 9.78 7.02
N GLU A 166 15.67 8.94 5.98
CA GLU A 166 14.35 8.75 5.37
C GLU A 166 13.31 8.17 6.33
N LEU A 167 13.75 7.30 7.25
CA LEU A 167 12.82 6.73 8.22
C LEU A 167 12.34 7.78 9.23
N GLN A 168 13.25 8.60 9.74
CA GLN A 168 12.85 9.65 10.68
C GLN A 168 11.89 10.64 9.98
N LYS A 169 12.22 11.00 8.76
CA LYS A 169 11.37 11.91 7.98
C LYS A 169 9.96 11.34 7.79
N ALA A 170 9.89 10.05 7.47
CA ALA A 170 8.61 9.35 7.30
C ALA A 170 7.84 9.30 8.60
N LEU A 171 8.53 9.03 9.70
CA LEU A 171 7.90 8.96 11.02
C LEU A 171 7.33 10.32 11.40
N ILE A 172 8.06 11.38 11.04
CA ILE A 172 7.61 12.74 11.32
C ILE A 172 6.39 13.11 10.45
N ALA A 173 6.43 12.76 9.17
CA ALA A 173 5.32 13.05 8.28
C ALA A 173 4.03 12.43 8.81
N ALA A 174 4.17 11.33 9.58
CA ALA A 174 3.03 10.56 10.06
C ALA A 174 2.57 11.03 11.42
N GLY A 175 3.39 11.86 12.08
CA GLY A 175 3.02 12.49 13.34
C GLY A 175 3.67 11.89 14.58
N VAL A 176 4.88 11.34 14.43
CA VAL A 176 5.52 10.75 15.60
C VAL A 176 6.01 11.85 16.54
N ALA A 177 6.09 11.52 17.84
CA ALA A 177 6.58 12.40 18.90
C ALA A 177 8.05 12.09 19.24
N GLY A 178 8.39 10.81 19.24
CA GLY A 178 9.74 10.37 19.56
C GLY A 178 10.12 9.14 18.77
N SER A 179 11.42 8.97 18.53
CA SER A 179 11.89 7.77 17.84
C SER A 179 13.17 7.24 18.47
N HIS A 180 13.32 5.91 18.49
CA HIS A 180 14.55 5.34 19.04
C HIS A 180 15.37 4.58 18.03
N TRP A 181 16.68 4.57 18.26
CA TRP A 181 17.65 4.06 17.31
C TRP A 181 18.70 3.25 18.04
N GLU A 182 18.98 2.05 17.55
CA GLU A 182 19.85 1.14 18.28
C GLU A 182 21.17 0.91 17.54
N ASP A 183 22.23 0.60 18.29
CA ASP A 183 23.57 0.48 17.69
C ASP A 183 23.92 -0.92 17.19
N GLN A 184 22.97 -1.53 16.49
CA GLN A 184 23.13 -2.82 15.84
C GLN A 184 23.40 -2.69 14.34
N LEU A 185 24.08 -3.69 13.78
CA LEU A 185 24.23 -3.81 12.32
C LEU A 185 22.87 -4.10 11.68
N ALA A 186 22.37 -3.23 10.81
CA ALA A 186 21.01 -3.36 10.29
C ALA A 186 20.71 -4.71 9.61
N SER A 187 21.68 -5.23 8.87
CA SER A 187 21.51 -6.51 8.16
C SER A 187 21.49 -7.74 9.08
N GLU A 188 21.80 -7.55 10.36
CA GLU A 188 21.71 -8.66 11.33
C GLU A 188 20.93 -8.27 12.59
N LYS A 189 20.04 -7.28 12.45
CA LYS A 189 19.32 -6.69 13.59
C LYS A 189 18.50 -7.76 14.29
N LYS A 190 18.45 -7.69 15.62
CA LYS A 190 17.62 -8.57 16.45
C LYS A 190 16.88 -7.78 17.51
N CYS A 191 15.74 -8.31 17.94
CA CYS A 191 15.13 -7.90 19.19
C CYS A 191 16.22 -7.92 20.27
N GLY A 192 16.19 -6.94 21.18
CA GLY A 192 17.23 -6.84 22.19
C GLY A 192 17.39 -8.08 23.03
N HIS A 193 16.34 -8.90 23.07
CA HIS A 193 16.37 -10.10 23.89
C HIS A 193 16.45 -11.38 23.06
N LEU A 194 16.86 -11.24 21.81
CA LEU A 194 17.24 -12.40 20.99
C LEU A 194 18.76 -12.49 21.02
N GLY A 195 19.30 -13.62 20.60
CA GLY A 195 20.74 -13.77 20.54
C GLY A 195 21.25 -13.38 19.17
N GLY A 196 22.54 -13.58 18.92
CA GLY A 196 23.09 -13.32 17.59
C GLY A 196 23.15 -11.86 17.22
N LYS A 197 23.25 -10.98 18.22
CA LYS A 197 23.31 -9.54 17.93
C LYS A 197 24.71 -9.11 17.52
N VAL A 198 24.78 -8.16 16.59
CA VAL A 198 26.07 -7.60 16.15
C VAL A 198 26.08 -6.08 16.33
N LEU A 199 26.99 -5.58 17.16
CA LEU A 199 27.13 -4.13 17.31
C LEU A 199 27.85 -3.49 16.11
N ILE A 200 27.60 -2.20 15.91
CA ILE A 200 28.41 -1.37 15.03
C ILE A 200 29.27 -0.43 15.90
N PRO A 201 30.32 0.18 15.30
CA PRO A 201 31.22 1.04 16.09
C PRO A 201 30.51 2.25 16.68
N THR A 202 30.95 2.69 17.86
CA THR A 202 30.37 3.84 18.55
C THR A 202 30.14 5.04 17.61
N GLN A 203 31.13 5.35 16.79
CA GLN A 203 31.01 6.51 15.91
C GLN A 203 29.89 6.33 14.89
N GLN A 204 29.64 5.08 14.51
CA GLN A 204 28.65 4.81 13.49
C GLN A 204 27.27 5.08 14.05
N HIS A 205 27.08 4.81 15.34
CA HIS A 205 25.78 5.12 15.93
C HIS A 205 25.62 6.61 16.18
N ILE A 206 26.73 7.32 16.39
CA ILE A 206 26.62 8.76 16.51
C ILE A 206 26.17 9.38 15.17
N ARG A 207 26.65 8.82 14.06
CA ARG A 207 26.16 9.23 12.74
C ARG A 207 24.66 8.98 12.60
N THR A 208 24.18 7.84 13.11
CA THR A 208 22.75 7.54 13.09
C THR A 208 21.96 8.58 13.87
N LEU A 209 22.43 8.88 15.07
CA LEU A 209 21.74 9.81 15.97
C LEU A 209 21.76 11.23 15.41
N THR A 210 22.89 11.58 14.79
CA THR A 210 23.04 12.85 14.08
C THR A 210 22.09 12.91 12.92
N SER A 211 21.99 11.78 12.21
CA SER A 211 21.09 11.73 11.06
C SER A 211 19.63 11.85 11.49
N ALA A 212 19.27 11.26 12.64
CA ALA A 212 17.88 11.33 13.09
C ALA A 212 17.52 12.77 13.48
N ARG A 213 18.51 13.49 14.00
CA ARG A 213 18.29 14.87 14.40
C ARG A 213 18.23 15.80 13.20
N LEU A 214 19.11 15.56 12.22
CA LEU A 214 19.07 16.34 11.00
C LEU A 214 17.69 16.28 10.35
N ALA A 215 17.16 15.08 10.18
CA ALA A 215 15.83 14.93 9.57
C ALA A 215 14.78 15.74 10.32
N ALA A 216 14.84 15.70 11.64
CA ALA A 216 13.88 16.44 12.47
C ALA A 216 14.02 17.95 12.31
N ASP A 217 15.28 18.42 12.25
CA ASP A 217 15.55 19.84 12.05
C ASP A 217 15.09 20.31 10.67
N VAL A 218 15.45 19.56 9.64
CA VAL A 218 14.99 19.88 8.28
C VAL A 218 13.44 19.88 8.21
N ALA A 219 12.81 18.95 8.91
CA ALA A 219 11.35 18.93 9.00
C ALA A 219 10.82 19.96 10.01
N ASP A 220 11.74 20.70 10.65
CA ASP A 220 11.39 21.83 11.52
C ASP A 220 10.50 21.41 12.69
N VAL A 221 10.81 20.24 13.27
CA VAL A 221 10.08 19.76 14.44
C VAL A 221 11.03 19.23 15.49
N PRO A 222 10.66 19.38 16.78
CA PRO A 222 11.53 19.02 17.92
C PRO A 222 11.43 17.56 18.34
N THR A 223 11.47 16.66 17.36
CA THR A 223 11.33 15.23 17.63
C THR A 223 12.23 14.74 18.75
N VAL A 224 11.65 13.96 19.67
CA VAL A 224 12.44 13.40 20.76
C VAL A 224 13.27 12.23 20.24
N VAL A 225 14.59 12.34 20.38
CA VAL A 225 15.50 11.33 19.83
C VAL A 225 16.09 10.46 20.94
N ILE A 226 15.84 9.15 20.86
CA ILE A 226 16.25 8.19 21.87
C ILE A 226 17.33 7.28 21.33
N ALA A 227 18.42 7.11 22.09
CA ALA A 227 19.52 6.24 21.69
C ALA A 227 19.47 4.99 22.53
N ARG A 228 19.58 3.85 21.86
CA ARG A 228 19.54 2.58 22.56
C ARG A 228 20.82 1.83 22.29
N THR A 229 21.38 1.19 23.32
CA THR A 229 22.57 0.40 23.13
C THR A 229 22.26 -1.07 23.43
N ASP A 230 22.75 -1.96 22.57
CA ASP A 230 22.55 -3.40 22.72
C ASP A 230 23.81 -4.11 23.22
N ALA A 231 24.74 -3.35 23.79
CA ALA A 231 26.06 -3.88 24.17
C ALA A 231 26.05 -4.77 25.42
N GLU A 232 24.93 -4.84 26.14
CA GLU A 232 24.86 -5.67 27.34
C GLU A 232 24.97 -7.14 27.01
N ALA A 233 24.36 -7.56 25.90
CA ALA A 233 24.32 -8.98 25.52
C ALA A 233 25.05 -9.31 24.21
N ALA A 234 25.24 -8.32 23.35
CA ALA A 234 25.89 -8.55 22.06
C ALA A 234 27.35 -8.96 22.23
N THR A 235 27.71 -10.11 21.66
CA THR A 235 29.06 -10.64 21.75
C THR A 235 29.86 -10.37 20.49
N LEU A 236 29.24 -9.71 19.52
CA LEU A 236 29.91 -9.43 18.25
C LEU A 236 29.84 -7.96 17.86
N ILE A 237 30.84 -7.53 17.10
CA ILE A 237 30.88 -6.17 16.57
C ILE A 237 31.46 -6.21 15.15
N THR A 238 31.03 -5.31 14.28
CA THR A 238 31.41 -5.38 12.88
C THR A 238 32.87 -5.06 12.66
N SER A 239 33.45 -4.21 13.52
CA SER A 239 34.79 -3.66 13.28
C SER A 239 35.42 -3.18 14.58
N ASP A 240 36.75 -3.07 14.59
CA ASP A 240 37.46 -2.58 15.76
C ASP A 240 38.06 -1.20 15.50
N VAL A 241 37.55 -0.53 14.48
CA VAL A 241 38.10 0.76 14.03
C VAL A 241 38.03 1.86 15.11
N ASP A 242 37.00 1.80 15.97
CA ASP A 242 36.77 2.87 16.95
C ASP A 242 37.51 2.59 18.25
N GLU A 243 38.36 3.53 18.65
CA GLU A 243 39.24 3.33 19.81
C GLU A 243 38.44 3.07 21.09
N ARG A 244 37.21 3.59 21.13
CA ARG A 244 36.34 3.43 22.31
C ARG A 244 35.81 2.00 22.43
N ASP A 245 35.84 1.27 21.32
CA ASP A 245 35.33 -0.10 21.31
C ASP A 245 36.44 -1.12 21.51
N GLN A 246 37.65 -0.73 21.16
CA GLN A 246 38.83 -1.59 21.31
C GLN A 246 39.09 -2.22 22.70
N PRO A 247 38.73 -1.50 23.79
CA PRO A 247 38.95 -2.14 25.10
C PRO A 247 38.16 -3.44 25.32
N PHE A 248 37.09 -3.67 24.59
CA PHE A 248 36.30 -4.88 24.78
C PHE A 248 36.56 -5.95 23.71
N ILE A 249 37.26 -5.57 22.65
CA ILE A 249 37.63 -6.48 21.58
C ILE A 249 38.58 -7.57 22.05
N THR A 250 38.26 -8.84 21.78
CA THR A 250 39.07 -9.96 22.26
C THR A 250 40.10 -10.53 21.27
N GLY A 251 40.11 -10.01 20.05
CA GLY A 251 41.00 -10.52 19.01
C GLY A 251 40.42 -11.63 18.15
N GLU A 252 39.64 -12.52 18.76
CA GLU A 252 39.01 -13.63 18.04
C GLU A 252 37.96 -13.16 17.01
N ARG A 253 37.92 -13.84 15.87
CA ARG A 253 36.97 -13.50 14.82
C ARG A 253 36.08 -14.67 14.42
N THR A 254 34.90 -14.37 13.87
CA THR A 254 34.01 -15.38 13.31
C THR A 254 34.30 -15.52 11.81
N ARG A 255 33.72 -16.55 11.19
CA ARG A 255 33.94 -16.81 9.77
C ARG A 255 33.41 -15.71 8.87
N GLU A 256 32.39 -14.99 9.33
CA GLU A 256 31.83 -13.89 8.55
C GLU A 256 32.74 -12.67 8.62
N GLY A 257 33.61 -12.64 9.63
CA GLY A 257 34.54 -11.53 9.78
C GLY A 257 34.23 -10.66 10.98
N PHE A 258 33.20 -11.03 11.74
CA PHE A 258 32.80 -10.27 12.91
C PHE A 258 33.86 -10.39 14.02
N TYR A 259 34.02 -9.34 14.83
CA TYR A 259 34.93 -9.40 15.97
C TYR A 259 34.13 -9.75 17.22
N ARG A 260 34.65 -10.69 18.00
CA ARG A 260 34.09 -11.01 19.30
C ARG A 260 34.44 -9.87 20.26
N THR A 261 33.51 -9.58 21.17
CA THR A 261 33.66 -8.46 22.08
C THR A 261 33.11 -8.84 23.44
N LYS A 262 33.68 -8.29 24.50
CA LYS A 262 33.21 -8.62 25.84
C LYS A 262 32.02 -7.75 26.23
N ASN A 263 30.87 -8.39 26.38
CA ASN A 263 29.61 -7.70 26.62
C ASN A 263 29.41 -7.39 28.09
N GLY A 264 28.40 -6.58 28.41
CA GLY A 264 28.07 -6.32 29.80
C GLY A 264 27.74 -4.87 30.04
N ILE A 265 27.71 -4.46 31.31
CA ILE A 265 27.27 -3.12 31.64
C ILE A 265 28.35 -2.10 31.30
N GLU A 266 29.60 -2.53 31.33
CA GLU A 266 30.73 -1.65 31.12
C GLU A 266 30.68 -1.00 29.71
N PRO A 267 30.63 -1.82 28.62
CA PRO A 267 30.55 -1.12 27.33
C PRO A 267 29.22 -0.37 27.13
N CYS A 268 28.17 -0.80 27.84
CA CYS A 268 26.89 -0.06 27.80
C CYS A 268 27.04 1.36 28.35
N ILE A 269 27.73 1.47 29.48
CA ILE A 269 27.95 2.74 30.15
C ILE A 269 28.81 3.68 29.31
N ALA A 270 29.89 3.15 28.76
CA ALA A 270 30.76 3.94 27.89
C ALA A 270 30.02 4.40 26.64
N ARG A 271 29.21 3.51 26.09
CA ARG A 271 28.41 3.86 24.92
C ARG A 271 27.40 4.96 25.24
N ALA A 272 26.73 4.84 26.38
CA ALA A 272 25.75 5.83 26.82
C ALA A 272 26.36 7.23 26.94
N LYS A 273 27.56 7.31 27.53
CA LYS A 273 28.24 8.58 27.67
C LYS A 273 28.54 9.19 26.30
N ALA A 274 29.00 8.36 25.37
CA ALA A 274 29.32 8.84 24.03
C ALA A 274 28.10 9.32 23.26
N TYR A 275 26.94 8.71 23.51
CA TYR A 275 25.71 9.07 22.84
C TYR A 275 25.00 10.26 23.51
N ALA A 276 25.26 10.45 24.80
CA ALA A 276 24.56 11.46 25.60
C ALA A 276 24.35 12.84 24.92
N PRO A 277 25.41 13.42 24.33
CA PRO A 277 25.22 14.71 23.68
C PRO A 277 24.27 14.65 22.48
N PHE A 278 23.95 13.45 22.01
CA PHE A 278 23.16 13.28 20.79
C PHE A 278 21.84 12.58 21.05
N ALA A 279 21.53 12.37 22.33
CA ALA A 279 20.32 11.65 22.72
C ALA A 279 19.48 12.40 23.75
N ASP A 280 18.18 12.55 23.47
CA ASP A 280 17.25 13.14 24.43
C ASP A 280 16.94 12.17 25.59
N LEU A 281 16.99 10.87 25.28
CA LEU A 281 16.82 9.80 26.27
C LEU A 281 17.79 8.68 25.93
N ILE A 282 18.26 7.96 26.94
CA ILE A 282 19.20 6.87 26.71
C ILE A 282 18.67 5.58 27.32
N TRP A 283 18.81 4.49 26.56
CA TRP A 283 18.24 3.19 26.91
C TRP A 283 19.28 2.09 26.69
N MET A 284 19.54 1.28 27.72
CA MET A 284 20.35 0.07 27.50
C MET A 284 19.46 -1.14 27.71
N GLU A 285 19.45 -2.06 26.74
CA GLU A 285 18.73 -3.31 26.93
C GLU A 285 19.46 -4.15 27.96
N THR A 286 18.72 -4.96 28.73
CA THR A 286 19.31 -5.85 29.75
C THR A 286 18.72 -7.25 29.71
N GLY A 287 19.36 -8.20 30.38
CA GLY A 287 18.92 -9.58 30.33
C GLY A 287 17.83 -9.90 31.33
N THR A 288 17.72 -9.07 32.36
CA THR A 288 16.77 -9.31 33.46
C THR A 288 16.15 -8.01 33.95
N PRO A 289 14.94 -8.11 34.52
CA PRO A 289 14.41 -6.92 35.18
C PRO A 289 15.05 -6.77 36.56
N ASP A 290 16.11 -5.97 36.64
CA ASP A 290 16.90 -5.83 37.85
C ASP A 290 17.14 -4.35 38.21
N LEU A 291 16.64 -3.95 39.37
CA LEU A 291 16.71 -2.57 39.82
C LEU A 291 18.13 -2.08 40.11
N GLU A 292 18.93 -2.93 40.75
CA GLU A 292 20.32 -2.59 41.06
C GLU A 292 21.14 -2.35 39.79
N ALA A 293 20.98 -3.24 38.81
CA ALA A 293 21.67 -3.09 37.54
C ALA A 293 21.28 -1.76 36.88
N ALA A 294 19.99 -1.42 36.98
CA ALA A 294 19.51 -0.17 36.41
C ALA A 294 20.12 1.02 37.17
N ARG A 295 20.16 0.91 38.50
CA ARG A 295 20.74 1.96 39.33
C ARG A 295 22.21 2.17 38.95
N GLN A 296 22.92 1.05 38.85
CA GLN A 296 24.31 1.05 38.41
C GLN A 296 24.53 1.82 37.11
N PHE A 297 23.68 1.56 36.12
CA PHE A 297 23.81 2.23 34.83
C PHE A 297 23.45 3.70 34.97
N SER A 298 22.38 3.97 35.72
CA SER A 298 21.89 5.33 35.88
C SER A 298 22.92 6.23 36.58
N GLU A 299 23.50 5.73 37.66
CA GLU A 299 24.49 6.48 38.44
C GLU A 299 25.67 6.88 37.56
N ALA A 300 26.26 5.89 36.90
CA ALA A 300 27.45 6.11 36.09
C ALA A 300 27.25 7.14 34.97
N VAL A 301 26.09 7.11 34.32
CA VAL A 301 25.86 8.07 33.23
C VAL A 301 25.54 9.47 33.78
N LYS A 302 24.82 9.54 34.91
CA LYS A 302 24.49 10.85 35.49
C LYS A 302 25.72 11.54 36.13
N ALA A 303 26.68 10.73 36.57
CA ALA A 303 27.97 11.23 37.05
C ALA A 303 28.60 12.16 36.02
N GLU A 304 28.52 11.75 34.76
CA GLU A 304 29.06 12.54 33.67
C GLU A 304 28.02 13.55 33.15
N TYR A 305 26.76 13.12 33.11
CA TYR A 305 25.69 13.94 32.56
C TYR A 305 24.51 13.96 33.52
N PRO A 306 24.46 15.00 34.39
CA PRO A 306 23.51 15.04 35.49
C PRO A 306 22.05 15.03 35.03
N ASP A 307 21.77 15.73 33.93
CA ASP A 307 20.38 15.90 33.50
C ASP A 307 19.94 14.98 32.36
N GLN A 308 20.81 14.05 31.97
CA GLN A 308 20.49 13.09 30.92
C GLN A 308 19.38 12.15 31.37
N MET A 309 18.22 12.21 30.70
CA MET A 309 17.11 11.34 31.03
C MET A 309 17.32 9.94 30.46
N LEU A 310 16.72 8.94 31.10
CA LEU A 310 16.90 7.54 30.70
C LEU A 310 15.56 6.89 30.31
N ALA A 311 15.63 5.83 29.51
CA ALA A 311 14.44 5.04 29.21
C ALA A 311 14.66 3.57 29.61
N TYR A 312 13.58 2.87 29.95
CA TYR A 312 13.68 1.46 30.34
C TYR A 312 12.56 0.65 29.70
N ASN A 313 12.94 -0.55 29.24
CA ASN A 313 12.06 -1.48 28.58
C ASN A 313 11.58 -2.55 29.54
N CYS A 314 10.36 -2.42 30.04
CA CYS A 314 9.81 -3.49 30.87
C CYS A 314 9.29 -4.59 29.95
N SER A 315 10.22 -5.43 29.51
CA SER A 315 9.98 -6.33 28.39
C SER A 315 9.25 -7.59 28.77
N PRO A 316 8.23 -7.96 27.99
CA PRO A 316 7.58 -9.27 28.13
C PRO A 316 8.49 -10.41 27.75
N SER A 317 9.70 -10.09 27.25
CA SER A 317 10.71 -11.12 26.98
C SER A 317 11.35 -11.64 28.27
N PHE A 318 11.00 -11.01 29.39
CA PHE A 318 11.38 -11.48 30.72
C PHE A 318 10.24 -12.32 31.26
N ASN A 319 10.58 -13.42 31.93
CA ASN A 319 9.63 -14.12 32.79
C ASN A 319 9.67 -13.41 34.15
N TRP A 320 8.67 -12.54 34.41
CA TRP A 320 8.78 -11.60 35.52
C TRP A 320 8.85 -12.22 36.92
N LYS A 321 7.95 -13.16 37.20
CA LYS A 321 7.87 -13.77 38.52
C LYS A 321 8.94 -14.84 38.74
N LYS A 322 9.63 -15.20 37.65
CA LYS A 322 10.79 -16.08 37.74
C LYS A 322 11.89 -15.36 38.48
N HIS A 323 11.97 -14.04 38.27
CA HIS A 323 13.07 -13.25 38.79
C HIS A 323 12.68 -12.34 39.95
N LEU A 324 11.43 -11.91 39.98
CA LEU A 324 11.02 -10.96 41.01
C LEU A 324 9.79 -11.44 41.79
N ASP A 325 9.74 -11.09 43.07
CA ASP A 325 8.53 -11.33 43.87
C ASP A 325 7.50 -10.22 43.62
N ASP A 326 6.25 -10.47 43.97
CA ASP A 326 5.16 -9.52 43.74
C ASP A 326 5.47 -8.12 44.28
N ALA A 327 6.21 -8.06 45.39
CA ALA A 327 6.54 -6.79 46.03
C ALA A 327 7.49 -5.91 45.19
N THR A 328 8.53 -6.51 44.64
CA THR A 328 9.47 -5.77 43.78
C THR A 328 8.79 -5.41 42.45
N ILE A 329 8.02 -6.35 41.91
CA ILE A 329 7.22 -6.12 40.72
C ILE A 329 6.29 -4.91 40.88
N ALA A 330 5.61 -4.83 42.03
CA ALA A 330 4.70 -3.72 42.29
C ALA A 330 5.40 -2.35 42.33
N LYS A 331 6.62 -2.31 42.84
CA LYS A 331 7.34 -1.03 42.98
C LYS A 331 8.32 -0.72 41.83
N PHE A 332 8.46 -1.67 40.91
CA PHE A 332 9.47 -1.59 39.85
C PHE A 332 9.56 -0.21 39.16
N GLN A 333 8.50 0.19 38.46
CA GLN A 333 8.53 1.45 37.72
C GLN A 333 8.74 2.68 38.59
N LYS A 334 8.18 2.68 39.80
CA LYS A 334 8.35 3.82 40.70
C LYS A 334 9.82 3.98 41.06
N GLU A 335 10.46 2.88 41.45
CA GLU A 335 11.88 2.90 41.81
C GLU A 335 12.71 3.39 40.63
N LEU A 336 12.40 2.84 39.46
CA LEU A 336 13.08 3.22 38.23
C LEU A 336 12.98 4.71 37.98
N ALA A 337 11.82 5.29 38.24
CA ALA A 337 11.63 6.72 37.98
C ALA A 337 12.52 7.56 38.90
N ALA A 338 12.71 7.07 40.12
CA ALA A 338 13.58 7.73 41.10
C ALA A 338 15.03 7.80 40.60
N MET A 339 15.40 6.86 39.74
CA MET A 339 16.75 6.81 39.18
C MET A 339 16.94 7.66 37.91
N GLY A 340 15.85 8.20 37.37
CA GLY A 340 15.93 8.98 36.14
C GLY A 340 15.42 8.29 34.88
N PHE A 341 14.79 7.13 35.05
CA PHE A 341 14.14 6.44 33.94
C PHE A 341 12.75 7.02 33.72
N LYS A 342 12.68 8.08 32.91
CA LYS A 342 11.46 8.87 32.76
C LYS A 342 10.49 8.34 31.69
N PHE A 343 10.99 7.52 30.78
CA PHE A 343 10.12 6.84 29.81
C PHE A 343 10.25 5.33 29.99
N GLN A 344 9.13 4.68 30.29
CA GLN A 344 9.12 3.23 30.53
C GLN A 344 7.96 2.62 29.77
N PHE A 345 8.20 1.46 29.17
CA PHE A 345 7.25 0.94 28.20
C PHE A 345 7.27 -0.57 28.17
N ILE A 346 6.12 -1.18 27.98
CA ILE A 346 6.06 -2.62 27.77
C ILE A 346 5.93 -2.87 26.27
N THR A 347 7.06 -3.13 25.62
CA THR A 347 7.14 -3.30 24.17
C THR A 347 6.05 -4.15 23.55
N LEU A 348 5.85 -5.38 24.04
CA LEU A 348 4.97 -6.36 23.41
C LEU A 348 3.60 -6.51 24.09
N ALA A 349 3.14 -5.47 24.79
CA ALA A 349 1.86 -5.51 25.49
C ALA A 349 0.70 -5.83 24.55
N GLY A 350 0.71 -5.18 23.39
CA GLY A 350 -0.38 -5.41 22.45
C GLY A 350 -0.40 -6.80 21.85
N PHE A 351 0.78 -7.32 21.48
CA PHE A 351 0.86 -8.69 20.99
C PHE A 351 0.23 -9.67 21.98
N HIS A 352 0.58 -9.53 23.25
CA HIS A 352 0.13 -10.50 24.22
C HIS A 352 -1.34 -10.38 24.55
N ALA A 353 -1.79 -9.15 24.78
CA ALA A 353 -3.21 -8.93 25.05
C ALA A 353 -4.07 -9.44 23.90
N LEU A 354 -3.64 -9.19 22.65
CA LEU A 354 -4.44 -9.61 21.49
C LEU A 354 -4.45 -11.13 21.36
N ASN A 355 -3.27 -11.73 21.42
CA ASN A 355 -3.17 -13.17 21.22
C ASN A 355 -3.87 -13.93 22.34
N TYR A 356 -3.67 -13.48 23.57
CA TYR A 356 -4.30 -14.17 24.70
C TYR A 356 -5.82 -13.99 24.67
N SER A 357 -6.27 -12.75 24.45
CA SER A 357 -7.71 -12.52 24.51
C SER A 357 -8.43 -13.27 23.42
N MET A 358 -7.87 -13.30 22.20
CA MET A 358 -8.50 -14.11 21.17
C MET A 358 -8.38 -15.61 21.42
N PHE A 359 -7.26 -16.07 21.98
CA PHE A 359 -7.17 -17.51 22.27
C PHE A 359 -8.25 -17.93 23.28
N ASP A 360 -8.38 -17.14 24.34
CA ASP A 360 -9.29 -17.43 25.44
C ASP A 360 -10.73 -17.46 24.91
N LEU A 361 -11.12 -16.42 24.16
CA LEU A 361 -12.46 -16.38 23.56
C LEU A 361 -12.69 -17.53 22.57
N ALA A 362 -11.73 -17.79 21.69
CA ALA A 362 -11.94 -18.84 20.70
C ALA A 362 -12.02 -20.24 21.33
N TYR A 363 -11.32 -20.43 22.45
CA TYR A 363 -11.29 -21.74 23.11
C TYR A 363 -12.66 -22.00 23.74
N GLY A 364 -13.17 -21.02 24.48
CA GLY A 364 -14.46 -21.14 25.12
C GLY A 364 -15.53 -21.34 24.06
N TYR A 365 -15.41 -20.57 22.97
CA TYR A 365 -16.38 -20.59 21.89
C TYR A 365 -16.40 -21.97 21.24
N ALA A 366 -15.22 -22.56 21.07
CA ALA A 366 -15.10 -23.93 20.57
C ALA A 366 -15.89 -24.92 21.44
N GLN A 367 -15.83 -24.75 22.75
CA GLN A 367 -16.51 -25.65 23.69
C GLN A 367 -17.98 -25.31 23.92
N ASN A 368 -18.28 -24.02 24.08
CA ASN A 368 -19.60 -23.61 24.53
C ASN A 368 -20.30 -22.54 23.67
N GLN A 369 -19.69 -22.18 22.55
CA GLN A 369 -20.30 -21.23 21.60
C GLN A 369 -20.73 -19.91 22.24
N MET A 370 -22.01 -19.55 22.11
CA MET A 370 -22.45 -18.21 22.49
C MET A 370 -22.26 -17.87 23.95
N SER A 371 -22.36 -18.88 24.84
CA SER A 371 -22.05 -18.66 26.25
C SER A 371 -20.71 -17.96 26.43
N ALA A 372 -19.71 -18.40 25.67
CA ALA A 372 -18.37 -17.82 25.78
C ALA A 372 -18.35 -16.35 25.36
N TYR A 373 -19.03 -16.01 24.28
CA TYR A 373 -19.02 -14.62 23.85
C TYR A 373 -19.79 -13.74 24.83
N VAL A 374 -20.88 -14.29 25.38
CA VAL A 374 -21.70 -13.50 26.28
C VAL A 374 -20.93 -13.10 27.54
N GLU A 375 -20.02 -13.97 27.98
CA GLU A 375 -19.15 -13.66 29.11
C GLU A 375 -18.30 -12.43 28.82
N LEU A 376 -17.76 -12.34 27.60
CA LEU A 376 -17.00 -11.16 27.20
C LEU A 376 -17.87 -9.91 27.19
N GLN A 377 -19.03 -10.00 26.52
CA GLN A 377 -19.95 -8.85 26.43
C GLN A 377 -20.37 -8.36 27.79
N GLU A 378 -20.64 -9.31 28.69
CA GLU A 378 -21.01 -8.94 30.05
C GLU A 378 -19.85 -8.27 30.79
N ARG A 379 -18.62 -8.76 30.59
CA ARG A 379 -17.45 -8.06 31.14
C ARG A 379 -17.34 -6.63 30.58
N GLU A 380 -17.65 -6.46 29.30
CA GLU A 380 -17.65 -5.15 28.66
C GLU A 380 -18.67 -4.22 29.31
N PHE A 381 -19.89 -4.71 29.45
CA PHE A 381 -20.94 -3.98 30.16
C PHE A 381 -20.44 -3.55 31.54
N ALA A 382 -19.88 -4.50 32.28
CA ALA A 382 -19.37 -4.24 33.63
C ALA A 382 -18.29 -3.18 33.62
N ALA A 383 -17.45 -3.21 32.58
CA ALA A 383 -16.32 -2.29 32.44
C ALA A 383 -16.70 -0.83 32.20
N GLU A 384 -17.96 -0.57 31.87
CA GLU A 384 -18.39 0.79 31.58
C GLU A 384 -18.23 1.74 32.77
N GLU A 385 -18.33 1.21 33.98
CA GLU A 385 -18.13 2.03 35.17
C GLU A 385 -16.67 2.48 35.28
N ARG A 386 -15.77 1.75 34.64
CA ARG A 386 -14.36 2.13 34.56
C ARG A 386 -14.08 3.14 33.44
N GLY A 387 -15.06 3.38 32.58
CA GLY A 387 -14.86 4.28 31.46
C GLY A 387 -14.88 3.64 30.07
N TYR A 388 -15.02 2.32 30.01
CA TYR A 388 -15.03 1.59 28.75
C TYR A 388 -16.27 1.97 27.95
N THR A 389 -16.09 2.21 26.66
CA THR A 389 -17.16 2.70 25.80
C THR A 389 -17.41 1.80 24.59
N ALA A 390 -16.52 0.86 24.35
CA ALA A 390 -16.55 0.13 23.09
C ALA A 390 -17.66 -0.93 22.98
N THR A 391 -18.37 -1.19 24.08
CA THR A 391 -19.54 -2.07 24.00
C THR A 391 -20.52 -1.57 22.93
N LYS A 392 -20.73 -0.25 22.90
CA LYS A 392 -21.47 0.41 21.82
C LYS A 392 -20.53 0.62 20.66
N HIS A 393 -20.29 -0.43 19.89
CA HIS A 393 -19.24 -0.39 18.87
C HIS A 393 -19.52 0.58 17.72
N GLN A 394 -20.80 0.84 17.42
CA GLN A 394 -21.10 1.74 16.29
C GLN A 394 -20.62 3.16 16.54
N ARG A 395 -21.03 3.75 17.67
CA ARG A 395 -20.56 5.10 17.96
C ARG A 395 -19.05 5.13 18.16
N GLU A 396 -18.50 4.04 18.70
CA GLU A 396 -17.08 3.93 18.96
C GLU A 396 -16.23 4.14 17.69
N VAL A 397 -16.71 3.64 16.54
CA VAL A 397 -15.92 3.76 15.30
C VAL A 397 -16.42 4.91 14.45
N GLY A 398 -17.35 5.67 15.00
CA GLY A 398 -17.73 6.94 14.41
C GLY A 398 -19.04 6.97 13.65
N ALA A 399 -19.96 6.05 13.92
CA ALA A 399 -21.23 6.05 13.21
C ALA A 399 -21.98 7.36 13.48
N GLY A 400 -21.86 7.87 14.70
CA GLY A 400 -22.52 9.12 15.07
C GLY A 400 -21.86 10.31 14.40
N TYR A 401 -20.54 10.23 14.23
CA TYR A 401 -19.78 11.31 13.62
C TYR A 401 -20.07 11.46 12.13
N PHE A 402 -20.14 10.33 11.43
CA PHE A 402 -20.50 10.36 10.03
C PHE A 402 -21.99 10.66 9.86
N ASP A 403 -22.83 10.38 10.86
CA ASP A 403 -24.21 10.87 10.78
C ASP A 403 -24.24 12.40 10.78
N ARG A 404 -23.36 13.01 11.57
CA ARG A 404 -23.33 14.46 11.68
C ARG A 404 -22.81 15.04 10.37
N ILE A 405 -21.77 14.42 9.79
CA ILE A 405 -21.33 14.84 8.47
C ILE A 405 -22.49 14.80 7.50
N ALA A 406 -23.20 13.66 7.49
CA ALA A 406 -24.34 13.45 6.59
C ALA A 406 -25.44 14.50 6.76
N THR A 407 -25.77 14.86 7.99
CA THR A 407 -26.84 15.82 8.23
C THR A 407 -26.36 17.27 8.07
N THR A 408 -25.05 17.44 8.03
CA THR A 408 -24.47 18.75 7.74
C THR A 408 -24.62 18.98 6.25
N VAL A 409 -24.35 17.96 5.45
CA VAL A 409 -24.53 18.04 3.99
C VAL A 409 -26.02 18.15 3.64
N ASP A 410 -26.85 17.37 4.33
CA ASP A 410 -28.31 17.38 4.12
C ASP A 410 -29.05 16.92 5.37
N PRO A 411 -29.58 17.89 6.15
CA PRO A 411 -30.31 17.61 7.39
C PRO A 411 -31.45 16.60 7.25
N ASN A 412 -32.07 16.50 6.06
CA ASN A 412 -33.15 15.53 5.91
C ASN A 412 -32.77 14.22 5.24
N SER A 413 -31.47 13.94 5.23
CA SER A 413 -30.95 12.68 4.68
C SER A 413 -31.76 11.51 5.21
N SER A 414 -32.27 10.68 4.29
CA SER A 414 -33.00 9.47 4.65
C SER A 414 -32.10 8.32 5.10
N THR A 415 -30.79 8.48 4.94
CA THR A 415 -29.91 7.32 5.05
C THR A 415 -28.86 7.45 6.14
N THR A 416 -29.24 8.06 7.27
CA THR A 416 -28.30 8.15 8.37
C THR A 416 -28.27 6.80 9.12
N ALA A 417 -27.29 6.60 9.98
CA ALA A 417 -26.98 5.27 10.49
C ALA A 417 -27.48 4.93 11.90
N LEU A 418 -27.32 5.84 12.85
CA LEU A 418 -27.63 5.46 14.24
C LEU A 418 -29.13 5.34 14.53
N THR A 419 -29.95 6.21 13.96
CA THR A 419 -31.40 6.13 14.16
C THR A 419 -31.96 4.83 13.56
N GLY A 420 -32.59 4.03 14.40
CA GLY A 420 -33.16 2.77 13.95
C GLY A 420 -32.19 1.60 14.09
N SER A 421 -30.97 1.88 14.55
CA SER A 421 -29.99 0.81 14.80
C SER A 421 -30.31 -0.01 16.07
N THR A 422 -29.82 -1.25 16.10
CA THR A 422 -29.94 -2.06 17.29
C THR A 422 -29.21 -1.41 18.46
N GLU A 423 -28.14 -0.69 18.17
CA GLU A 423 -27.36 -0.06 19.24
C GLU A 423 -28.27 0.91 20.01
N GLU A 424 -28.94 1.77 19.26
CA GLU A 424 -29.94 2.67 19.81
C GLU A 424 -30.99 1.94 20.65
N GLY A 425 -31.54 0.86 20.10
CA GLY A 425 -32.63 0.15 20.75
C GLY A 425 -32.25 -0.85 21.83
N GLN A 426 -31.00 -1.30 21.87
CA GLN A 426 -30.66 -2.40 22.77
C GLN A 426 -29.55 -2.11 23.78
N PHE A 427 -28.82 -1.01 23.58
CA PHE A 427 -27.65 -0.73 24.40
C PHE A 427 -27.74 0.55 25.23
N MET B 1 6.07 -19.63 -25.53
CA MET B 1 4.97 -20.58 -25.52
C MET B 1 5.20 -21.69 -24.51
N SER B 2 4.13 -22.07 -23.84
CA SER B 2 4.20 -23.01 -22.73
C SER B 2 2.84 -23.63 -22.52
N VAL B 3 2.79 -24.76 -21.82
CA VAL B 3 1.50 -25.32 -21.42
C VAL B 3 1.27 -25.14 -19.91
N VAL B 4 2.10 -24.32 -19.28
CA VAL B 4 1.87 -23.94 -17.89
C VAL B 4 0.69 -22.97 -17.83
N GLY B 5 -0.35 -23.37 -17.11
CA GLY B 5 -1.50 -22.52 -16.86
C GLY B 5 -2.46 -22.41 -18.04
N THR B 6 -2.26 -23.26 -19.05
CA THR B 6 -3.13 -23.26 -20.24
C THR B 6 -4.59 -23.46 -19.82
N PRO B 7 -5.49 -22.61 -20.36
CA PRO B 7 -6.91 -22.70 -19.99
C PRO B 7 -7.51 -24.05 -20.36
N LYS B 8 -8.45 -24.54 -19.55
CA LYS B 8 -9.24 -25.71 -19.92
C LYS B 8 -10.07 -25.39 -21.15
N SER B 9 -10.78 -26.40 -21.66
CA SER B 9 -11.74 -26.17 -22.73
C SER B 9 -13.14 -26.09 -22.15
N ALA B 10 -14.04 -25.45 -22.88
CA ALA B 10 -15.44 -25.35 -22.48
C ALA B 10 -16.01 -26.72 -22.12
N GLU B 11 -15.63 -27.71 -22.93
CA GLU B 11 -16.09 -29.08 -22.78
C GLU B 11 -15.69 -29.65 -21.42
N GLN B 12 -14.42 -29.46 -21.07
CA GLN B 12 -13.91 -29.83 -19.76
C GLN B 12 -14.66 -29.08 -18.65
N ILE B 13 -14.84 -27.78 -18.84
CA ILE B 13 -15.58 -26.97 -17.87
C ILE B 13 -17.01 -27.46 -17.73
N GLN B 14 -17.67 -27.68 -18.87
CA GLN B 14 -19.04 -28.18 -18.86
C GLN B 14 -19.17 -29.52 -18.14
N GLN B 15 -18.23 -30.43 -18.42
CA GLN B 15 -18.21 -31.73 -17.75
C GLN B 15 -18.18 -31.51 -16.25
N GLU B 16 -17.23 -30.68 -15.82
CA GLU B 16 -17.15 -30.25 -14.43
C GLU B 16 -18.50 -29.76 -13.92
N TRP B 17 -19.17 -28.91 -14.69
CA TRP B 17 -20.48 -28.38 -14.27
C TRP B 17 -21.56 -29.46 -14.21
N ASP B 18 -21.51 -30.39 -15.15
CA ASP B 18 -22.55 -31.41 -15.26
C ASP B 18 -22.42 -32.52 -14.21
N THR B 19 -21.18 -32.84 -13.84
CA THR B 19 -20.94 -34.03 -13.03
C THR B 19 -20.41 -33.81 -11.60
N ASN B 20 -19.85 -32.63 -11.33
CA ASN B 20 -19.38 -32.33 -9.96
C ASN B 20 -20.56 -32.02 -9.05
N PRO B 21 -20.73 -32.83 -7.99
CA PRO B 21 -21.78 -32.69 -6.98
C PRO B 21 -21.78 -31.33 -6.30
N ARG B 22 -20.61 -30.69 -6.27
CA ARG B 22 -20.46 -29.31 -5.84
C ARG B 22 -21.45 -28.39 -6.58
N TRP B 23 -21.65 -28.64 -7.87
CA TRP B 23 -22.49 -27.76 -8.70
C TRP B 23 -23.93 -28.24 -8.91
N LYS B 24 -24.36 -29.21 -8.12
CA LYS B 24 -25.68 -29.81 -8.25
C LYS B 24 -26.79 -28.77 -8.38
N ASP B 25 -26.90 -27.92 -7.37
CA ASP B 25 -28.03 -26.98 -7.28
C ASP B 25 -27.62 -25.55 -7.63
N VAL B 26 -26.67 -25.42 -8.54
CA VAL B 26 -26.17 -24.10 -8.93
C VAL B 26 -26.61 -23.75 -10.32
N THR B 27 -27.27 -22.60 -10.45
CA THR B 27 -27.63 -22.06 -11.76
C THR B 27 -26.61 -21.05 -12.26
N ARG B 28 -26.14 -21.25 -13.49
CA ARG B 28 -25.29 -20.27 -14.16
C ARG B 28 -26.00 -19.87 -15.43
N THR B 29 -26.26 -18.59 -15.61
CA THR B 29 -27.05 -18.13 -16.75
C THR B 29 -26.15 -17.66 -17.87
N TYR B 30 -24.86 -18.02 -17.76
CA TYR B 30 -23.88 -17.81 -18.82
C TYR B 30 -23.29 -19.17 -19.24
N SER B 31 -22.57 -19.19 -20.36
CA SER B 31 -22.05 -20.45 -20.93
C SER B 31 -20.62 -20.77 -20.49
N ALA B 32 -20.24 -22.04 -20.55
CA ALA B 32 -18.85 -22.45 -20.35
C ALA B 32 -17.94 -21.80 -21.39
N GLU B 33 -18.49 -21.57 -22.58
CA GLU B 33 -17.73 -20.87 -23.61
C GLU B 33 -17.50 -19.41 -23.23
N ASP B 34 -18.51 -18.80 -22.60
CA ASP B 34 -18.38 -17.42 -22.09
C ASP B 34 -17.19 -17.29 -21.14
N VAL B 35 -17.09 -18.24 -20.19
CA VAL B 35 -15.98 -18.29 -19.22
C VAL B 35 -14.62 -18.32 -19.90
N VAL B 36 -14.42 -19.30 -20.78
CA VAL B 36 -13.19 -19.45 -21.57
C VAL B 36 -12.74 -18.19 -22.32
N ALA B 37 -13.69 -17.53 -22.98
CA ALA B 37 -13.36 -16.31 -23.71
C ALA B 37 -12.79 -15.22 -22.79
N LEU B 38 -13.07 -15.33 -21.49
CA LEU B 38 -12.57 -14.35 -20.53
C LEU B 38 -11.21 -14.72 -19.92
N GLN B 39 -10.63 -15.84 -20.33
CA GLN B 39 -9.42 -16.33 -19.68
C GLN B 39 -8.08 -16.03 -20.36
N GLY B 40 -8.11 -15.30 -21.48
CA GLY B 40 -6.88 -15.03 -22.21
C GLY B 40 -6.14 -16.33 -22.50
N SER B 41 -4.82 -16.29 -22.48
CA SER B 41 -4.05 -17.50 -22.81
C SER B 41 -3.35 -18.16 -21.61
N VAL B 42 -3.47 -17.57 -20.42
CA VAL B 42 -2.96 -18.19 -19.18
C VAL B 42 -3.92 -18.03 -17.99
N VAL B 43 -4.22 -19.12 -17.30
CA VAL B 43 -4.98 -19.03 -16.05
C VAL B 43 -4.08 -19.31 -14.86
N GLU B 44 -3.91 -18.33 -13.98
CA GLU B 44 -3.13 -18.54 -12.77
C GLU B 44 -3.82 -19.52 -11.84
N GLU B 45 -3.05 -20.46 -11.30
CA GLU B 45 -3.55 -21.32 -10.25
C GLU B 45 -3.65 -20.56 -8.93
N HIS B 46 -4.79 -20.66 -8.28
CA HIS B 46 -5.00 -20.05 -6.97
C HIS B 46 -5.12 -21.15 -5.92
N THR B 47 -3.97 -21.64 -5.47
CA THR B 47 -3.91 -22.78 -4.57
C THR B 47 -4.70 -22.60 -3.29
N LEU B 48 -4.48 -21.50 -2.57
CA LEU B 48 -5.19 -21.35 -1.29
C LEU B 48 -6.71 -21.17 -1.48
N ALA B 49 -7.09 -20.45 -2.53
CA ALA B 49 -8.50 -20.26 -2.86
C ALA B 49 -9.14 -21.60 -3.19
N ARG B 50 -8.42 -22.42 -3.96
CA ARG B 50 -8.96 -23.74 -4.33
C ARG B 50 -9.05 -24.62 -3.09
N ARG B 51 -7.94 -24.76 -2.38
CA ARG B 51 -7.91 -25.62 -1.20
C ARG B 51 -8.92 -25.19 -0.16
N GLY B 52 -8.98 -23.89 0.09
CA GLY B 52 -9.91 -23.37 1.07
C GLY B 52 -11.37 -23.64 0.71
N ALA B 53 -11.71 -23.40 -0.56
CA ALA B 53 -13.10 -23.58 -1.00
C ALA B 53 -13.53 -25.05 -0.92
N GLU B 54 -12.62 -25.94 -1.29
CA GLU B 54 -12.92 -27.38 -1.22
C GLU B 54 -13.09 -27.85 0.24
N VAL B 55 -12.17 -27.46 1.11
CA VAL B 55 -12.24 -27.80 2.53
C VAL B 55 -13.49 -27.22 3.19
N LEU B 56 -13.81 -25.97 2.84
CA LEU B 56 -14.99 -25.32 3.39
C LEU B 56 -16.24 -26.11 3.02
N TRP B 57 -16.36 -26.45 1.74
CA TRP B 57 -17.55 -27.10 1.23
C TRP B 57 -17.78 -28.46 1.90
N GLU B 58 -16.69 -29.19 2.14
CA GLU B 58 -16.80 -30.47 2.82
C GLU B 58 -17.19 -30.30 4.27
N GLN B 59 -16.60 -29.31 4.94
CA GLN B 59 -16.92 -29.09 6.35
C GLN B 59 -18.41 -28.80 6.53
N LEU B 60 -18.98 -28.05 5.58
CA LEU B 60 -20.39 -27.70 5.60
C LEU B 60 -21.31 -28.92 5.51
N HIS B 61 -20.82 -29.98 4.86
CA HIS B 61 -21.57 -31.23 4.71
C HIS B 61 -21.17 -32.30 5.75
N ASP B 62 -19.93 -32.24 6.23
CA ASP B 62 -19.41 -33.23 7.19
C ASP B 62 -19.74 -32.91 8.65
N LEU B 63 -19.55 -31.66 9.04
CA LEU B 63 -19.75 -31.26 10.43
C LEU B 63 -21.22 -30.97 10.71
N GLU B 64 -21.61 -31.06 11.98
CA GLU B 64 -22.95 -30.71 12.39
C GLU B 64 -23.17 -29.25 12.00
N TRP B 65 -22.18 -28.41 12.33
CA TRP B 65 -22.12 -27.04 11.79
C TRP B 65 -20.71 -26.43 11.89
N VAL B 66 -20.46 -25.48 11.00
CA VAL B 66 -19.19 -24.76 10.95
C VAL B 66 -19.38 -23.41 11.60
N ASN B 67 -18.66 -23.14 12.70
CA ASN B 67 -18.77 -21.82 13.31
C ASN B 67 -17.45 -21.06 13.20
N ALA B 68 -17.50 -19.74 13.44
CA ALA B 68 -16.33 -18.89 13.21
C ALA B 68 -16.43 -17.58 13.99
N LEU B 69 -15.29 -16.90 14.14
CA LEU B 69 -15.21 -15.61 14.82
C LEU B 69 -14.54 -14.62 13.88
N GLY B 70 -14.96 -13.36 13.90
CA GLY B 70 -14.33 -12.36 13.05
C GLY B 70 -12.86 -12.13 13.42
N ALA B 71 -11.96 -12.26 12.45
CA ALA B 71 -10.53 -12.01 12.66
C ALA B 71 -10.13 -10.73 11.92
N LEU B 72 -9.46 -9.79 12.58
CA LEU B 72 -9.02 -8.59 11.87
C LEU B 72 -7.50 -8.47 11.74
N THR B 73 -6.76 -9.38 12.39
CA THR B 73 -5.32 -9.48 12.15
C THR B 73 -4.95 -10.94 11.91
N GLY B 74 -3.74 -11.16 11.40
CA GLY B 74 -3.26 -12.50 11.13
C GLY B 74 -3.12 -13.33 12.40
N ASN B 75 -2.52 -12.72 13.43
CA ASN B 75 -2.38 -13.39 14.73
C ASN B 75 -3.73 -13.84 15.33
N MET B 76 -4.80 -13.05 15.12
CA MET B 76 -6.12 -13.45 15.61
C MET B 76 -6.58 -14.76 15.00
N ALA B 77 -6.46 -14.87 13.68
CA ALA B 77 -6.82 -16.09 12.98
C ALA B 77 -5.98 -17.26 13.49
N VAL B 78 -4.68 -17.00 13.71
CA VAL B 78 -3.81 -18.06 14.25
C VAL B 78 -4.34 -18.57 15.59
N GLN B 79 -4.70 -17.66 16.49
CA GLN B 79 -5.18 -18.09 17.81
C GLN B 79 -6.52 -18.80 17.72
N GLN B 80 -7.33 -18.48 16.71
CA GLN B 80 -8.62 -19.13 16.52
C GLN B 80 -8.47 -20.59 16.06
N VAL B 81 -7.53 -20.82 15.16
CA VAL B 81 -7.21 -22.16 14.69
C VAL B 81 -6.53 -22.96 15.83
N ARG B 82 -5.58 -22.34 16.52
CA ARG B 82 -4.90 -22.96 17.65
C ARG B 82 -5.91 -23.42 18.72
N ALA B 83 -6.94 -22.61 18.93
CA ALA B 83 -7.97 -22.93 19.91
C ALA B 83 -9.01 -23.91 19.39
N GLY B 84 -8.84 -24.42 18.17
CA GLY B 84 -9.74 -25.45 17.68
C GLY B 84 -10.82 -25.07 16.68
N LEU B 85 -10.93 -23.80 16.33
CA LEU B 85 -11.89 -23.41 15.29
C LEU B 85 -11.43 -23.88 13.91
N LYS B 86 -12.40 -24.16 13.04
CA LYS B 86 -12.11 -24.78 11.76
C LYS B 86 -12.35 -23.84 10.57
N ALA B 87 -12.71 -22.60 10.86
CA ALA B 87 -12.88 -21.58 9.80
C ALA B 87 -12.68 -20.20 10.38
N ILE B 88 -12.34 -19.27 9.48
CA ILE B 88 -12.10 -17.87 9.84
C ILE B 88 -13.17 -17.01 9.16
N TYR B 89 -13.77 -16.08 9.91
CA TYR B 89 -14.67 -15.09 9.30
C TYR B 89 -13.96 -13.75 9.22
N LEU B 90 -14.02 -13.15 8.03
CA LEU B 90 -13.38 -11.86 7.79
C LEU B 90 -14.46 -10.76 7.65
N SER B 91 -14.57 -9.97 8.69
CA SER B 91 -15.63 -8.97 8.82
C SER B 91 -15.27 -7.64 8.16
N GLY B 92 -16.16 -7.18 7.28
CA GLY B 92 -16.03 -5.87 6.65
C GLY B 92 -16.16 -4.74 7.66
N TRP B 93 -17.05 -4.91 8.64
CA TRP B 93 -17.19 -3.95 9.74
C TRP B 93 -15.84 -3.76 10.44
N GLN B 94 -15.16 -4.87 10.75
CA GLN B 94 -13.91 -4.78 11.47
C GLN B 94 -12.80 -4.12 10.65
N VAL B 95 -12.77 -4.44 9.37
CA VAL B 95 -11.87 -3.79 8.43
C VAL B 95 -12.14 -2.28 8.41
N ALA B 96 -13.41 -1.91 8.33
CA ALA B 96 -13.77 -0.48 8.40
C ALA B 96 -13.25 0.14 9.70
N GLY B 97 -13.44 -0.55 10.82
CA GLY B 97 -13.10 -0.01 12.12
C GLY B 97 -11.63 0.04 12.51
N ASP B 98 -10.79 -0.86 11.99
CA ASP B 98 -9.43 -0.97 12.54
C ASP B 98 -8.41 -1.63 11.62
N ALA B 99 -8.80 -1.90 10.37
CA ALA B 99 -7.86 -2.59 9.47
C ALA B 99 -8.08 -2.33 7.97
N ASN B 100 -8.17 -1.07 7.56
CA ASN B 100 -8.36 -0.79 6.15
C ASN B 100 -7.27 0.10 5.56
N LEU B 101 -7.16 0.07 4.22
CA LEU B 101 -6.06 0.71 3.50
C LEU B 101 -6.04 2.26 3.47
N SER B 102 -7.09 2.91 3.98
CA SER B 102 -7.11 4.38 4.13
C SER B 102 -6.34 4.79 5.37
N GLY B 103 -6.20 3.87 6.30
CA GLY B 103 -5.60 4.12 7.61
C GLY B 103 -6.57 4.77 8.59
N HIS B 104 -7.82 4.93 8.19
CA HIS B 104 -8.79 5.63 9.03
C HIS B 104 -9.73 4.69 9.75
N THR B 105 -10.29 5.15 10.87
CA THR B 105 -11.39 4.45 11.54
C THR B 105 -12.73 4.86 10.92
N TYR B 106 -13.48 3.88 10.41
CA TYR B 106 -14.76 4.16 9.78
C TYR B 106 -15.88 3.32 10.38
N PRO B 107 -17.12 3.84 10.35
CA PRO B 107 -18.31 3.03 10.58
C PRO B 107 -18.52 2.15 9.35
N ASP B 108 -19.47 1.23 9.42
CA ASP B 108 -19.56 0.17 8.42
C ASP B 108 -20.42 0.60 7.24
N GLN B 109 -19.86 1.42 6.36
CA GLN B 109 -20.65 2.07 5.31
C GLN B 109 -19.97 2.08 3.95
N SER B 110 -19.06 1.11 3.75
CA SER B 110 -18.27 0.99 2.53
C SER B 110 -17.46 2.23 2.20
N LEU B 111 -16.87 2.84 3.21
CA LEU B 111 -16.07 4.07 3.04
C LEU B 111 -14.62 3.78 2.65
N TYR B 112 -14.15 2.59 3.00
CA TYR B 112 -12.74 2.27 2.80
C TYR B 112 -12.46 1.83 1.36
N PRO B 113 -11.18 1.83 0.95
CA PRO B 113 -10.77 1.42 -0.40
C PRO B 113 -11.08 -0.05 -0.68
N ALA B 114 -11.59 -0.33 -1.88
CA ALA B 114 -12.19 -1.64 -2.16
C ALA B 114 -11.23 -2.83 -2.16
N ASN B 115 -9.93 -2.58 -2.09
CA ASN B 115 -8.99 -3.71 -1.99
C ASN B 115 -8.62 -4.03 -0.53
N SER B 116 -9.33 -3.41 0.42
CA SER B 116 -9.00 -3.59 1.84
C SER B 116 -9.24 -5.01 2.33
N VAL B 117 -10.44 -5.53 2.12
CA VAL B 117 -10.73 -6.91 2.54
C VAL B 117 -9.80 -7.95 1.87
N PRO B 118 -9.59 -7.85 0.53
CA PRO B 118 -8.59 -8.75 -0.06
C PRO B 118 -7.23 -8.72 0.62
N GLN B 119 -6.72 -7.54 0.97
CA GLN B 119 -5.43 -7.45 1.66
C GLN B 119 -5.47 -8.20 2.99
N VAL B 120 -6.57 -8.11 3.73
CA VAL B 120 -6.66 -8.81 5.00
C VAL B 120 -6.77 -10.31 4.74
N VAL B 121 -7.51 -10.70 3.71
CA VAL B 121 -7.53 -12.13 3.32
C VAL B 121 -6.09 -12.67 3.12
N ARG B 122 -5.29 -11.95 2.34
CA ARG B 122 -3.89 -12.37 2.10
C ARG B 122 -3.07 -12.40 3.39
N ARG B 123 -3.30 -11.43 4.27
CA ARG B 123 -2.57 -11.37 5.54
C ARG B 123 -2.91 -12.59 6.40
N ILE B 124 -4.19 -12.93 6.47
CA ILE B 124 -4.62 -14.04 7.30
C ILE B 124 -4.02 -15.33 6.77
N ASN B 125 -4.07 -15.53 5.46
CA ASN B 125 -3.43 -16.71 4.89
C ASN B 125 -1.93 -16.72 5.16
N ASN B 126 -1.27 -15.57 5.02
CA ASN B 126 0.16 -15.50 5.31
C ASN B 126 0.43 -15.97 6.72
N ALA B 127 -0.40 -15.50 7.65
CA ALA B 127 -0.21 -15.79 9.06
C ALA B 127 -0.44 -17.28 9.37
N LEU B 128 -1.51 -17.83 8.82
CA LEU B 128 -1.79 -19.26 8.95
C LEU B 128 -0.67 -20.09 8.35
N GLN B 129 -0.13 -19.62 7.23
CA GLN B 129 0.99 -20.31 6.58
C GLN B 129 2.23 -20.29 7.47
N ARG B 130 2.47 -19.15 8.14
CA ARG B 130 3.60 -19.10 9.07
C ARG B 130 3.40 -20.12 10.19
N ALA B 131 2.21 -20.14 10.79
CA ALA B 131 1.97 -21.05 11.91
C ALA B 131 2.15 -22.49 11.45
N ASP B 132 1.74 -22.76 10.21
CA ASP B 132 1.92 -24.08 9.61
C ASP B 132 3.41 -24.45 9.47
N GLN B 133 4.20 -23.52 8.96
CA GLN B 133 5.63 -23.74 8.78
C GLN B 133 6.32 -24.01 10.11
N ILE B 134 5.93 -23.24 11.12
CA ILE B 134 6.49 -23.37 12.44
C ILE B 134 6.12 -24.73 13.03
N ALA B 135 4.87 -25.14 12.82
CA ALA B 135 4.40 -26.41 13.37
C ALA B 135 5.22 -27.56 12.81
N LYS B 136 5.50 -27.50 11.52
CA LYS B 136 6.26 -28.54 10.85
C LYS B 136 7.70 -28.69 11.37
N ILE B 137 8.41 -27.58 11.52
CA ILE B 137 9.78 -27.69 12.06
C ILE B 137 9.80 -28.00 13.56
N GLU B 138 8.70 -27.73 14.27
CA GLU B 138 8.63 -28.01 15.70
C GLU B 138 8.08 -29.41 15.99
N GLY B 139 7.64 -30.10 14.94
CA GLY B 139 7.03 -31.41 15.12
C GLY B 139 5.67 -31.32 15.79
N ASP B 140 5.00 -30.18 15.63
CA ASP B 140 3.72 -29.96 16.32
C ASP B 140 2.55 -30.44 15.47
N THR B 141 1.89 -31.49 15.93
CA THR B 141 0.81 -32.12 15.18
C THR B 141 -0.54 -31.79 15.80
N SER B 142 -0.54 -30.99 16.85
CA SER B 142 -1.78 -30.72 17.59
C SER B 142 -2.87 -30.10 16.72
N VAL B 143 -2.48 -29.24 15.77
CA VAL B 143 -3.44 -28.70 14.79
C VAL B 143 -3.42 -29.49 13.48
N GLU B 144 -4.56 -30.08 13.15
CA GLU B 144 -4.74 -30.86 11.91
C GLU B 144 -4.54 -30.02 10.64
N ASN B 145 -5.21 -28.88 10.56
CA ASN B 145 -5.18 -28.06 9.34
C ASN B 145 -5.04 -26.60 9.68
N TRP B 146 -3.85 -26.06 9.43
CA TRP B 146 -3.59 -24.66 9.76
C TRP B 146 -4.27 -23.70 8.78
N LEU B 147 -4.36 -24.11 7.52
CA LEU B 147 -5.01 -23.29 6.51
C LEU B 147 -6.54 -23.42 6.57
N ALA B 148 -7.12 -22.92 7.66
CA ALA B 148 -8.58 -22.93 7.80
C ALA B 148 -9.17 -22.03 6.72
N PRO B 149 -10.33 -22.44 6.19
CA PRO B 149 -11.05 -21.67 5.17
C PRO B 149 -11.45 -20.29 5.69
N ILE B 150 -11.31 -19.28 4.84
CA ILE B 150 -11.67 -17.91 5.21
C ILE B 150 -12.92 -17.53 4.44
N VAL B 151 -13.94 -17.09 5.17
CA VAL B 151 -15.14 -16.54 4.56
C VAL B 151 -15.10 -15.02 4.73
N ALA B 152 -15.08 -14.30 3.61
CA ALA B 152 -14.92 -12.83 3.66
C ALA B 152 -16.11 -12.01 3.16
N ASP B 153 -16.19 -10.79 3.69
CA ASP B 153 -17.27 -9.86 3.45
C ASP B 153 -17.05 -9.09 2.14
N GLY B 154 -17.92 -9.31 1.15
CA GLY B 154 -17.78 -8.62 -0.12
C GLY B 154 -18.72 -7.42 -0.14
N GLU B 155 -19.36 -7.19 1.01
CA GLU B 155 -20.29 -6.07 1.22
C GLU B 155 -21.33 -5.97 0.13
N ALA B 156 -21.48 -4.78 -0.44
CA ALA B 156 -22.43 -4.58 -1.52
C ALA B 156 -21.70 -4.50 -2.84
N GLY B 157 -20.43 -4.90 -2.84
CA GLY B 157 -19.62 -4.93 -4.04
C GLY B 157 -18.97 -3.63 -4.49
N PHE B 158 -19.13 -2.54 -3.73
CA PHE B 158 -18.47 -1.27 -4.04
C PHE B 158 -18.83 -0.69 -5.41
N GLY B 159 -20.06 -0.93 -5.86
CA GLY B 159 -20.50 -0.41 -7.14
C GLY B 159 -21.44 -1.36 -7.84
N GLY B 160 -21.24 -1.55 -9.15
CA GLY B 160 -22.10 -2.45 -9.90
C GLY B 160 -21.44 -3.80 -10.15
N ALA B 161 -21.93 -4.53 -11.14
CA ALA B 161 -21.47 -5.88 -11.45
C ALA B 161 -19.96 -5.98 -11.67
N LEU B 162 -19.35 -4.95 -12.23
CA LEU B 162 -17.92 -4.99 -12.54
C LEU B 162 -17.06 -4.79 -11.29
N ASN B 163 -17.48 -3.86 -10.42
CA ASN B 163 -16.82 -3.71 -9.12
C ASN B 163 -16.94 -5.01 -8.31
N VAL B 164 -18.10 -5.64 -8.38
CA VAL B 164 -18.34 -6.94 -7.75
C VAL B 164 -17.33 -7.96 -8.27
N TYR B 165 -17.25 -8.04 -9.60
CA TYR B 165 -16.35 -8.97 -10.27
C TYR B 165 -14.91 -8.77 -9.79
N GLU B 166 -14.44 -7.53 -9.85
CA GLU B 166 -13.07 -7.22 -9.42
C GLU B 166 -12.82 -7.54 -7.95
N LEU B 167 -13.82 -7.35 -7.07
CA LEU B 167 -13.61 -7.64 -5.66
C LEU B 167 -13.50 -9.15 -5.44
N GLN B 168 -14.37 -9.90 -6.10
CA GLN B 168 -14.32 -11.37 -5.99
C GLN B 168 -13.00 -11.94 -6.55
N LYS B 169 -12.57 -11.43 -7.69
CA LYS B 169 -11.27 -11.79 -8.26
C LYS B 169 -10.11 -11.48 -7.29
N ALA B 170 -10.14 -10.32 -6.63
CA ALA B 170 -9.08 -9.99 -5.69
C ALA B 170 -9.09 -10.86 -4.45
N LEU B 171 -10.28 -11.21 -3.97
CA LEU B 171 -10.42 -12.08 -2.80
C LEU B 171 -9.87 -13.47 -3.10
N ILE B 172 -10.15 -13.93 -4.31
CA ILE B 172 -9.68 -15.23 -4.78
C ILE B 172 -8.17 -15.23 -4.92
N ALA B 173 -7.62 -14.22 -5.58
CA ALA B 173 -6.17 -14.11 -5.71
C ALA B 173 -5.51 -14.11 -4.32
N ALA B 174 -6.17 -13.52 -3.34
CA ALA B 174 -5.65 -13.49 -1.97
C ALA B 174 -5.85 -14.81 -1.24
N GLY B 175 -6.63 -15.71 -1.82
CA GLY B 175 -6.87 -17.02 -1.24
C GLY B 175 -8.11 -17.21 -0.39
N VAL B 176 -9.18 -16.50 -0.70
CA VAL B 176 -10.43 -16.62 0.05
C VAL B 176 -11.10 -17.97 -0.25
N ALA B 177 -11.91 -18.47 0.69
CA ALA B 177 -12.66 -19.72 0.52
C ALA B 177 -14.11 -19.44 0.15
N GLY B 178 -14.68 -18.42 0.79
CA GLY B 178 -16.05 -18.02 0.52
C GLY B 178 -16.23 -16.51 0.65
N SER B 179 -17.26 -15.96 0.00
CA SER B 179 -17.54 -14.54 0.11
C SER B 179 -19.03 -14.29 0.14
N HIS B 180 -19.44 -13.30 0.92
CA HIS B 180 -20.87 -12.95 1.02
C HIS B 180 -21.17 -11.58 0.43
N TRP B 181 -22.38 -11.47 -0.13
CA TRP B 181 -22.77 -10.33 -0.94
C TRP B 181 -24.22 -9.94 -0.58
N GLU B 182 -24.42 -8.66 -0.23
CA GLU B 182 -25.73 -8.20 0.29
C GLU B 182 -26.50 -7.29 -0.66
N ASP B 183 -27.82 -7.33 -0.54
CA ASP B 183 -28.73 -6.63 -1.48
C ASP B 183 -29.02 -5.16 -1.13
N GLN B 184 -28.00 -4.45 -0.65
CA GLN B 184 -28.05 -3.01 -0.41
C GLN B 184 -27.45 -2.17 -1.53
N LEU B 185 -27.84 -0.90 -1.58
CA LEU B 185 -27.19 0.07 -2.46
C LEU B 185 -25.77 0.38 -1.97
N ALA B 186 -24.76 0.15 -2.79
CA ALA B 186 -23.37 0.28 -2.31
C ALA B 186 -23.06 1.68 -1.76
N SER B 187 -23.56 2.71 -2.43
CA SER B 187 -23.29 4.10 -2.06
C SER B 187 -23.96 4.50 -0.75
N GLU B 188 -24.87 3.66 -0.26
CA GLU B 188 -25.51 3.92 1.02
C GLU B 188 -25.40 2.70 1.95
N LYS B 189 -24.39 1.85 1.71
CA LYS B 189 -24.25 0.58 2.43
C LYS B 189 -24.20 0.81 3.94
N LYS B 190 -24.84 -0.06 4.72
CA LYS B 190 -24.78 -0.01 6.18
C LYS B 190 -24.53 -1.40 6.75
N CYS B 191 -23.88 -1.48 7.90
CA CYS B 191 -23.93 -2.68 8.72
C CYS B 191 -25.39 -3.11 8.84
N GLY B 192 -25.65 -4.41 8.81
CA GLY B 192 -27.03 -4.91 8.86
C GLY B 192 -27.83 -4.41 10.05
N HIS B 193 -27.13 -4.09 11.14
CA HIS B 193 -27.80 -3.67 12.37
C HIS B 193 -27.74 -2.16 12.58
N LEU B 194 -27.40 -1.44 11.51
CA LEU B 194 -27.56 0.01 11.48
C LEU B 194 -28.88 0.34 10.76
N GLY B 195 -29.40 1.54 10.97
CA GLY B 195 -30.58 2.00 10.22
C GLY B 195 -30.14 2.68 8.93
N GLY B 196 -31.10 3.22 8.18
CA GLY B 196 -30.78 3.98 6.97
C GLY B 196 -30.42 3.11 5.79
N LYS B 197 -30.91 1.87 5.77
CA LYS B 197 -30.52 0.94 4.71
C LYS B 197 -31.42 1.07 3.48
N VAL B 198 -30.82 0.94 2.31
CA VAL B 198 -31.54 1.00 1.05
C VAL B 198 -31.31 -0.27 0.26
N LEU B 199 -32.38 -0.98 -0.09
CA LEU B 199 -32.28 -2.19 -0.89
C LEU B 199 -32.13 -1.87 -2.38
N ILE B 200 -31.49 -2.77 -3.12
CA ILE B 200 -31.54 -2.73 -4.57
C ILE B 200 -32.62 -3.74 -5.03
N PRO B 201 -33.04 -3.66 -6.30
CA PRO B 201 -34.07 -4.62 -6.71
C PRO B 201 -33.57 -6.07 -6.74
N THR B 202 -34.48 -7.01 -6.53
CA THR B 202 -34.16 -8.43 -6.50
C THR B 202 -33.24 -8.86 -7.66
N GLN B 203 -33.56 -8.43 -8.87
CA GLN B 203 -32.78 -8.84 -10.04
C GLN B 203 -31.36 -8.26 -10.05
N GLN B 204 -31.21 -7.05 -9.51
CA GLN B 204 -29.87 -6.47 -9.40
C GLN B 204 -28.97 -7.32 -8.50
N HIS B 205 -29.53 -7.86 -7.43
CA HIS B 205 -28.72 -8.70 -6.56
C HIS B 205 -28.44 -10.07 -7.19
N ILE B 206 -29.41 -10.61 -7.92
CA ILE B 206 -29.16 -11.81 -8.70
C ILE B 206 -27.99 -11.56 -9.68
N ARG B 207 -27.94 -10.35 -10.23
CA ARG B 207 -26.83 -9.96 -11.07
C ARG B 207 -25.50 -10.00 -10.31
N THR B 208 -25.52 -9.52 -9.07
CA THR B 208 -24.34 -9.55 -8.20
C THR B 208 -23.85 -10.98 -7.94
N LEU B 209 -24.79 -11.87 -7.62
CA LEU B 209 -24.46 -13.25 -7.32
C LEU B 209 -23.90 -13.92 -8.58
N THR B 210 -24.44 -13.52 -9.73
CA THR B 210 -23.97 -14.01 -11.02
C THR B 210 -22.55 -13.55 -11.35
N SER B 211 -22.27 -12.27 -11.10
CA SER B 211 -20.93 -11.71 -11.28
C SER B 211 -19.90 -12.39 -10.35
N ALA B 212 -20.27 -12.59 -9.10
CA ALA B 212 -19.36 -13.23 -8.14
C ALA B 212 -19.07 -14.68 -8.52
N ARG B 213 -20.07 -15.36 -9.08
CA ARG B 213 -19.86 -16.73 -9.54
C ARG B 213 -18.98 -16.71 -10.76
N LEU B 214 -19.26 -15.77 -11.67
CA LEU B 214 -18.49 -15.65 -12.90
C LEU B 214 -16.99 -15.39 -12.67
N ALA B 215 -16.69 -14.49 -11.72
CA ALA B 215 -15.30 -14.24 -11.36
C ALA B 215 -14.64 -15.52 -10.84
N ALA B 216 -15.36 -16.29 -10.05
CA ALA B 216 -14.81 -17.53 -9.52
C ALA B 216 -14.56 -18.54 -10.65
N ASP B 217 -15.52 -18.64 -11.57
CA ASP B 217 -15.38 -19.55 -12.72
C ASP B 217 -14.19 -19.17 -13.61
N VAL B 218 -14.02 -17.87 -13.88
CA VAL B 218 -12.92 -17.40 -14.72
C VAL B 218 -11.57 -17.64 -14.05
N ALA B 219 -11.52 -17.46 -12.73
CA ALA B 219 -10.34 -17.75 -11.93
C ALA B 219 -10.18 -19.26 -11.68
N ASP B 220 -11.17 -20.05 -12.10
CA ASP B 220 -11.12 -21.52 -12.00
C ASP B 220 -11.06 -22.06 -10.57
N VAL B 221 -11.92 -21.55 -9.71
CA VAL B 221 -12.00 -22.02 -8.33
C VAL B 221 -13.48 -22.11 -7.91
N PRO B 222 -13.82 -23.14 -7.11
CA PRO B 222 -15.19 -23.40 -6.63
C PRO B 222 -15.55 -22.58 -5.40
N THR B 223 -15.29 -21.27 -5.45
CA THR B 223 -15.55 -20.39 -4.31
C THR B 223 -16.99 -20.49 -3.82
N VAL B 224 -17.14 -20.56 -2.50
CA VAL B 224 -18.44 -20.63 -1.86
C VAL B 224 -19.08 -19.23 -1.90
N VAL B 225 -20.26 -19.14 -2.49
CA VAL B 225 -20.94 -17.86 -2.67
C VAL B 225 -22.12 -17.74 -1.72
N ILE B 226 -22.08 -16.71 -0.88
CA ILE B 226 -23.13 -16.48 0.11
C ILE B 226 -23.98 -15.24 -0.24
N ALA B 227 -25.30 -15.43 -0.26
CA ALA B 227 -26.23 -14.33 -0.52
C ALA B 227 -26.84 -13.87 0.78
N ARG B 228 -26.85 -12.56 1.00
CA ARG B 228 -27.39 -11.98 2.22
C ARG B 228 -28.49 -11.00 1.85
N THR B 229 -29.62 -11.05 2.55
CA THR B 229 -30.64 -10.03 2.32
C THR B 229 -30.85 -9.13 3.53
N ASP B 230 -31.05 -7.84 3.30
CA ASP B 230 -31.20 -6.87 4.39
C ASP B 230 -32.65 -6.35 4.50
N ALA B 231 -33.60 -7.17 4.04
CA ALA B 231 -34.99 -6.75 3.92
C ALA B 231 -35.80 -6.78 5.21
N GLU B 232 -35.26 -7.41 6.26
CA GLU B 232 -35.98 -7.48 7.52
C GLU B 232 -36.17 -6.09 8.10
N ALA B 233 -35.20 -5.21 7.89
CA ALA B 233 -35.26 -3.88 8.51
C ALA B 233 -35.20 -2.70 7.54
N ALA B 234 -34.66 -2.90 6.34
CA ALA B 234 -34.63 -1.83 5.33
C ALA B 234 -36.06 -1.35 4.99
N THR B 235 -36.27 -0.03 4.96
CA THR B 235 -37.57 0.50 4.56
C THR B 235 -37.48 1.32 3.28
N LEU B 236 -36.34 1.21 2.59
CA LEU B 236 -36.12 1.94 1.35
C LEU B 236 -35.57 0.99 0.29
N ILE B 237 -35.90 1.26 -0.97
CA ILE B 237 -35.39 0.49 -2.10
C ILE B 237 -35.20 1.49 -3.23
N THR B 238 -34.21 1.25 -4.10
CA THR B 238 -33.81 2.24 -5.10
C THR B 238 -34.83 2.37 -6.22
N SER B 239 -35.62 1.32 -6.44
CA SER B 239 -36.53 1.27 -7.58
C SER B 239 -37.63 0.21 -7.43
N ASP B 240 -38.76 0.46 -8.10
CA ASP B 240 -39.90 -0.45 -8.07
C ASP B 240 -39.99 -1.27 -9.36
N VAL B 241 -38.91 -1.24 -10.13
CA VAL B 241 -38.88 -1.86 -11.46
C VAL B 241 -39.09 -3.38 -11.47
N ASP B 242 -38.75 -4.05 -10.36
CA ASP B 242 -38.85 -5.50 -10.30
C ASP B 242 -40.17 -5.92 -9.67
N GLU B 243 -40.91 -6.74 -10.40
CA GLU B 243 -42.26 -7.16 -10.01
C GLU B 243 -42.27 -7.95 -8.71
N ARG B 244 -41.16 -8.60 -8.38
CA ARG B 244 -41.07 -9.38 -7.15
C ARG B 244 -40.96 -8.47 -5.93
N ASP B 245 -40.58 -7.22 -6.16
CA ASP B 245 -40.46 -6.24 -5.08
C ASP B 245 -41.72 -5.41 -4.90
N GLN B 246 -42.44 -5.20 -5.99
CA GLN B 246 -43.67 -4.39 -5.98
C GLN B 246 -44.70 -4.64 -4.87
N PRO B 247 -44.95 -5.91 -4.47
CA PRO B 247 -45.92 -6.13 -3.38
C PRO B 247 -45.61 -5.42 -2.07
N PHE B 248 -44.36 -5.02 -1.86
CA PHE B 248 -43.98 -4.34 -0.61
C PHE B 248 -43.79 -2.82 -0.77
N ILE B 249 -43.83 -2.35 -2.01
CA ILE B 249 -43.75 -0.91 -2.29
C ILE B 249 -45.02 -0.21 -1.79
N THR B 250 -44.84 0.91 -1.09
CA THR B 250 -45.95 1.64 -0.49
C THR B 250 -46.49 2.71 -1.43
N GLY B 251 -45.59 3.29 -2.24
CA GLY B 251 -45.96 4.37 -3.12
C GLY B 251 -45.18 5.65 -2.84
N GLU B 252 -44.93 5.91 -1.56
CA GLU B 252 -44.18 7.10 -1.17
C GLU B 252 -42.72 7.04 -1.60
N ARG B 253 -42.18 8.18 -2.00
CA ARG B 253 -40.79 8.31 -2.39
C ARG B 253 -40.09 9.42 -1.60
N THR B 254 -38.81 9.23 -1.31
CA THR B 254 -38.01 10.21 -0.59
C THR B 254 -37.50 11.26 -1.57
N ARG B 255 -36.83 12.28 -1.04
CA ARG B 255 -36.29 13.34 -1.89
C ARG B 255 -35.14 12.81 -2.75
N GLU B 256 -34.50 11.73 -2.28
CA GLU B 256 -33.40 11.12 -3.00
C GLU B 256 -33.91 10.30 -4.19
N GLY B 257 -35.21 9.99 -4.20
CA GLY B 257 -35.77 9.17 -5.27
C GLY B 257 -35.99 7.72 -4.84
N PHE B 258 -35.73 7.43 -3.57
CA PHE B 258 -35.89 6.07 -3.03
C PHE B 258 -37.36 5.77 -2.69
N TYR B 259 -37.79 4.52 -2.90
CA TYR B 259 -39.15 4.11 -2.54
C TYR B 259 -39.24 3.51 -1.16
N ARG B 260 -40.23 3.95 -0.38
CA ARG B 260 -40.57 3.30 0.87
C ARG B 260 -41.08 1.92 0.58
N THR B 261 -40.76 0.98 1.47
CA THR B 261 -41.12 -0.41 1.27
C THR B 261 -41.37 -1.08 2.61
N LYS B 262 -42.22 -2.10 2.62
CA LYS B 262 -42.63 -2.76 3.85
C LYS B 262 -41.63 -3.82 4.27
N ASN B 263 -40.89 -3.56 5.34
CA ASN B 263 -39.83 -4.47 5.77
C ASN B 263 -40.38 -5.63 6.59
N GLY B 264 -39.57 -6.65 6.76
CA GLY B 264 -39.95 -7.76 7.62
C GLY B 264 -39.50 -9.09 7.05
N ILE B 265 -39.96 -10.17 7.67
CA ILE B 265 -39.51 -11.50 7.28
C ILE B 265 -40.08 -11.91 5.93
N GLU B 266 -41.22 -11.34 5.56
CA GLU B 266 -41.86 -11.72 4.29
C GLU B 266 -41.06 -11.38 3.03
N PRO B 267 -40.58 -10.11 2.91
CA PRO B 267 -39.72 -9.87 1.75
C PRO B 267 -38.35 -10.57 1.85
N CYS B 268 -37.90 -10.88 3.07
CA CYS B 268 -36.66 -11.68 3.19
C CYS B 268 -36.84 -13.07 2.59
N ILE B 269 -37.95 -13.70 2.95
CA ILE B 269 -38.28 -15.03 2.46
C ILE B 269 -38.35 -15.06 0.93
N ALA B 270 -39.11 -14.15 0.35
CA ALA B 270 -39.18 -14.08 -1.10
C ALA B 270 -37.80 -13.89 -1.73
N ARG B 271 -37.03 -12.93 -1.23
CA ARG B 271 -35.71 -12.69 -1.81
C ARG B 271 -34.81 -13.92 -1.66
N ALA B 272 -34.82 -14.54 -0.47
CA ALA B 272 -34.01 -15.74 -0.25
C ALA B 272 -34.34 -16.81 -1.31
N LYS B 273 -35.63 -16.97 -1.61
CA LYS B 273 -36.10 -17.87 -2.67
C LYS B 273 -35.61 -17.50 -4.07
N ALA B 274 -35.62 -16.21 -4.41
CA ALA B 274 -35.14 -15.79 -5.72
C ALA B 274 -33.62 -15.96 -5.83
N TYR B 275 -32.95 -15.95 -4.69
CA TYR B 275 -31.47 -15.99 -4.63
C TYR B 275 -30.93 -17.41 -4.60
N ALA B 276 -31.72 -18.32 -4.06
CA ALA B 276 -31.33 -19.72 -3.84
C ALA B 276 -30.60 -20.42 -4.99
N PRO B 277 -31.06 -20.24 -6.24
CA PRO B 277 -30.34 -20.93 -7.31
C PRO B 277 -28.94 -20.35 -7.52
N PHE B 278 -28.65 -19.21 -6.91
CA PHE B 278 -27.40 -18.50 -7.15
C PHE B 278 -26.55 -18.42 -5.89
N ALA B 279 -26.95 -19.15 -4.86
CA ALA B 279 -26.27 -19.04 -3.57
C ALA B 279 -26.03 -20.39 -2.93
N ASP B 280 -24.78 -20.60 -2.49
CA ASP B 280 -24.40 -21.81 -1.79
C ASP B 280 -24.92 -21.73 -0.36
N LEU B 281 -25.04 -20.51 0.16
CA LEU B 281 -25.67 -20.28 1.46
C LEU B 281 -26.48 -18.99 1.38
N ILE B 282 -27.54 -18.92 2.20
CA ILE B 282 -28.37 -17.72 2.25
C ILE B 282 -28.46 -17.27 3.69
N TRP B 283 -28.48 -15.96 3.89
CA TRP B 283 -28.36 -15.35 5.19
C TRP B 283 -29.36 -14.19 5.22
N MET B 284 -30.21 -14.10 6.24
CA MET B 284 -30.99 -12.88 6.42
C MET B 284 -30.61 -12.20 7.71
N GLU B 285 -30.25 -10.92 7.62
CA GLU B 285 -30.03 -10.13 8.82
C GLU B 285 -31.33 -9.97 9.57
N THR B 286 -31.27 -9.93 10.89
CA THR B 286 -32.46 -9.77 11.70
C THR B 286 -32.13 -8.89 12.89
N GLY B 287 -33.16 -8.42 13.59
CA GLY B 287 -32.95 -7.45 14.65
C GLY B 287 -32.69 -8.01 16.02
N THR B 288 -32.95 -9.30 16.22
CA THR B 288 -32.72 -9.98 17.50
C THR B 288 -32.26 -11.42 17.31
N PRO B 289 -31.56 -11.96 18.31
CA PRO B 289 -31.26 -13.39 18.29
C PRO B 289 -32.51 -14.19 18.69
N ASP B 290 -33.21 -14.71 17.69
CA ASP B 290 -34.48 -15.38 17.95
C ASP B 290 -34.61 -16.70 17.17
N LEU B 291 -34.65 -17.82 17.90
CA LEU B 291 -34.76 -19.13 17.26
C LEU B 291 -36.05 -19.30 16.44
N GLU B 292 -37.16 -18.76 16.93
CA GLU B 292 -38.45 -18.87 16.24
C GLU B 292 -38.42 -18.20 14.84
N ALA B 293 -37.95 -16.97 14.79
CA ALA B 293 -37.82 -16.27 13.52
C ALA B 293 -36.82 -16.98 12.63
N ALA B 294 -35.74 -17.47 13.23
CA ALA B 294 -34.79 -18.30 12.48
C ALA B 294 -35.52 -19.53 11.92
N ARG B 295 -36.26 -20.21 12.79
CA ARG B 295 -37.01 -21.40 12.37
C ARG B 295 -37.96 -21.04 11.23
N GLN B 296 -38.71 -19.97 11.43
CA GLN B 296 -39.67 -19.49 10.44
C GLN B 296 -39.02 -19.28 9.08
N PHE B 297 -37.89 -18.56 9.07
CA PHE B 297 -37.17 -18.33 7.83
C PHE B 297 -36.65 -19.64 7.23
N SER B 298 -36.08 -20.50 8.08
CA SER B 298 -35.50 -21.76 7.59
C SER B 298 -36.58 -22.65 6.95
N GLU B 299 -37.67 -22.83 7.69
CA GLU B 299 -38.80 -23.66 7.22
C GLU B 299 -39.28 -23.21 5.84
N ALA B 300 -39.51 -21.91 5.70
CA ALA B 300 -40.07 -21.37 4.46
C ALA B 300 -39.14 -21.52 3.27
N VAL B 301 -37.83 -21.33 3.48
CA VAL B 301 -36.88 -21.49 2.38
C VAL B 301 -36.72 -22.97 2.01
N LYS B 302 -36.57 -23.82 3.02
CA LYS B 302 -36.33 -25.25 2.77
C LYS B 302 -37.54 -25.94 2.09
N ALA B 303 -38.75 -25.49 2.43
CA ALA B 303 -39.96 -25.98 1.80
C ALA B 303 -39.92 -25.87 0.27
N GLU B 304 -39.10 -24.95 -0.23
CA GLU B 304 -38.98 -24.72 -1.66
C GLU B 304 -37.61 -25.14 -2.19
N TYR B 305 -36.62 -25.21 -1.30
CA TYR B 305 -35.27 -25.68 -1.64
C TYR B 305 -34.74 -26.45 -0.45
N PRO B 306 -35.01 -27.77 -0.42
CA PRO B 306 -34.79 -28.61 0.76
C PRO B 306 -33.30 -28.73 1.13
N ASP B 307 -32.42 -28.66 0.14
CA ASP B 307 -31.00 -28.82 0.39
C ASP B 307 -30.25 -27.50 0.61
N GLN B 308 -31.00 -26.40 0.73
CA GLN B 308 -30.39 -25.07 0.85
C GLN B 308 -29.82 -24.79 2.23
N MET B 309 -28.50 -24.66 2.30
CA MET B 309 -27.85 -24.33 3.58
C MET B 309 -28.03 -22.85 3.90
N LEU B 310 -28.09 -22.52 5.18
CA LEU B 310 -28.28 -21.15 5.58
C LEU B 310 -27.08 -20.68 6.40
N ALA B 311 -26.98 -19.38 6.59
CA ALA B 311 -25.94 -18.79 7.44
C ALA B 311 -26.58 -17.87 8.48
N TYR B 312 -26.03 -17.85 9.70
CA TYR B 312 -26.55 -16.97 10.75
C TYR B 312 -25.47 -16.11 11.38
N ASN B 313 -25.74 -14.80 11.43
CA ASN B 313 -24.88 -13.84 12.11
C ASN B 313 -25.24 -13.76 13.59
N CYS B 314 -24.42 -14.39 14.44
CA CYS B 314 -24.59 -14.26 15.88
C CYS B 314 -23.89 -12.96 16.26
N SER B 315 -24.63 -11.86 16.09
CA SER B 315 -24.05 -10.52 16.13
C SER B 315 -23.81 -9.94 17.52
N PRO B 316 -22.64 -9.31 17.71
CA PRO B 316 -22.38 -8.53 18.91
C PRO B 316 -23.22 -7.26 18.95
N SER B 317 -23.89 -6.95 17.84
CA SER B 317 -24.83 -5.83 17.79
C SER B 317 -26.12 -6.14 18.55
N PHE B 318 -26.23 -7.36 19.07
CA PHE B 318 -27.34 -7.72 19.95
C PHE B 318 -26.89 -7.61 21.39
N ASN B 319 -27.80 -7.20 22.26
CA ASN B 319 -27.58 -7.29 23.69
C ASN B 319 -28.11 -8.65 24.11
N TRP B 320 -27.23 -9.66 24.13
CA TRP B 320 -27.67 -11.05 24.27
C TRP B 320 -28.49 -11.36 25.52
N LYS B 321 -28.04 -10.93 26.69
CA LYS B 321 -28.74 -11.29 27.93
C LYS B 321 -29.96 -10.42 28.21
N LYS B 322 -30.13 -9.35 27.42
CA LYS B 322 -31.34 -8.55 27.51
C LYS B 322 -32.46 -9.30 26.83
N HIS B 323 -32.10 -10.15 25.87
CA HIS B 323 -33.09 -10.85 25.06
C HIS B 323 -33.27 -12.33 25.40
N LEU B 324 -32.23 -12.98 25.94
CA LEU B 324 -32.29 -14.42 26.21
C LEU B 324 -31.79 -14.81 27.61
N ASP B 325 -32.23 -15.98 28.10
CA ASP B 325 -31.70 -16.53 29.35
C ASP B 325 -30.49 -17.41 29.06
N ASP B 326 -29.63 -17.61 30.07
CA ASP B 326 -28.38 -18.36 29.89
C ASP B 326 -28.62 -19.76 29.29
N ALA B 327 -29.76 -20.35 29.63
CA ALA B 327 -30.11 -21.66 29.06
C ALA B 327 -30.27 -21.59 27.54
N THR B 328 -30.93 -20.54 27.05
CA THR B 328 -31.18 -20.39 25.62
C THR B 328 -29.90 -19.96 24.90
N ILE B 329 -29.11 -19.12 25.55
CA ILE B 329 -27.80 -18.73 24.98
C ILE B 329 -26.91 -19.97 24.81
N ALA B 330 -26.87 -20.83 25.82
CA ALA B 330 -26.07 -22.07 25.78
C ALA B 330 -26.38 -23.02 24.61
N LYS B 331 -27.64 -23.08 24.19
CA LYS B 331 -28.11 -24.02 23.16
C LYS B 331 -28.26 -23.38 21.77
N PHE B 332 -28.08 -22.08 21.70
CA PHE B 332 -28.43 -21.28 20.50
C PHE B 332 -27.85 -21.82 19.20
N GLN B 333 -26.54 -21.99 19.14
CA GLN B 333 -25.91 -22.45 17.91
C GLN B 333 -26.30 -23.87 17.50
N LYS B 334 -26.40 -24.80 18.45
CA LYS B 334 -26.79 -26.18 18.09
C LYS B 334 -28.24 -26.22 17.62
N GLU B 335 -29.08 -25.43 18.26
CA GLU B 335 -30.47 -25.30 17.83
C GLU B 335 -30.57 -24.75 16.41
N LEU B 336 -29.81 -23.69 16.12
CA LEU B 336 -29.73 -23.15 14.77
C LEU B 336 -29.24 -24.18 13.76
N ALA B 337 -28.21 -24.94 14.14
CA ALA B 337 -27.65 -25.97 13.26
C ALA B 337 -28.73 -26.95 12.79
N ALA B 338 -29.55 -27.39 13.73
CA ALA B 338 -30.64 -28.32 13.45
C ALA B 338 -31.63 -27.79 12.40
N MET B 339 -31.77 -26.47 12.33
CA MET B 339 -32.65 -25.83 11.35
C MET B 339 -32.01 -25.65 9.98
N GLY B 340 -30.71 -25.96 9.85
CA GLY B 340 -30.05 -25.84 8.56
C GLY B 340 -29.07 -24.68 8.47
N PHE B 341 -28.83 -24.02 9.60
CA PHE B 341 -27.84 -22.95 9.66
C PHE B 341 -26.44 -23.53 9.85
N LYS B 342 -25.82 -23.88 8.73
CA LYS B 342 -24.55 -24.59 8.70
C LYS B 342 -23.29 -23.70 8.91
N PHE B 343 -23.39 -22.42 8.58
CA PHE B 343 -22.29 -21.48 8.85
C PHE B 343 -22.75 -20.40 9.82
N GLN B 344 -22.14 -20.37 11.00
CA GLN B 344 -22.54 -19.42 12.02
C GLN B 344 -21.33 -18.63 12.48
N PHE B 345 -21.49 -17.33 12.69
CA PHE B 345 -20.34 -16.48 12.94
C PHE B 345 -20.64 -15.31 13.88
N ILE B 346 -19.66 -14.94 14.70
CA ILE B 346 -19.74 -13.71 15.47
C ILE B 346 -18.90 -12.65 14.74
N THR B 347 -19.58 -11.79 13.99
CA THR B 347 -18.96 -10.79 13.10
C THR B 347 -17.88 -9.95 13.79
N LEU B 348 -18.20 -9.39 14.95
CA LEU B 348 -17.31 -8.40 15.56
C LEU B 348 -16.53 -8.94 16.74
N ALA B 349 -16.33 -10.25 16.76
CA ALA B 349 -15.62 -10.92 17.86
C ALA B 349 -14.24 -10.33 18.06
N GLY B 350 -13.52 -10.08 16.97
CA GLY B 350 -12.20 -9.47 17.04
C GLY B 350 -12.19 -8.09 17.64
N PHE B 351 -13.06 -7.21 17.14
CA PHE B 351 -13.11 -5.85 17.65
C PHE B 351 -13.30 -5.84 19.18
N HIS B 352 -14.22 -6.65 19.68
CA HIS B 352 -14.48 -6.62 21.12
C HIS B 352 -13.37 -7.23 21.96
N ALA B 353 -12.87 -8.38 21.53
CA ALA B 353 -11.77 -9.03 22.25
C ALA B 353 -10.55 -8.14 22.33
N LEU B 354 -10.22 -7.50 21.20
CA LEU B 354 -9.08 -6.59 21.14
C LEU B 354 -9.31 -5.34 21.98
N ASN B 355 -10.45 -4.69 21.82
CA ASN B 355 -10.70 -3.46 22.53
C ASN B 355 -10.82 -3.69 24.03
N TYR B 356 -11.56 -4.73 24.42
CA TYR B 356 -11.76 -4.95 25.86
C TYR B 356 -10.46 -5.38 26.52
N SER B 357 -9.70 -6.25 25.87
CA SER B 357 -8.47 -6.70 26.51
C SER B 357 -7.46 -5.58 26.68
N MET B 358 -7.42 -4.61 25.77
CA MET B 358 -6.45 -3.54 25.91
C MET B 358 -6.93 -2.49 26.88
N PHE B 359 -8.24 -2.26 26.93
CA PHE B 359 -8.74 -1.33 27.93
C PHE B 359 -8.43 -1.87 29.33
N ASP B 360 -8.69 -3.15 29.53
CA ASP B 360 -8.48 -3.77 30.84
C ASP B 360 -7.02 -3.72 31.27
N LEU B 361 -6.12 -4.09 30.35
CA LEU B 361 -4.70 -4.03 30.64
C LEU B 361 -4.23 -2.60 30.90
N ALA B 362 -4.56 -1.68 30.01
CA ALA B 362 -4.13 -0.29 30.15
C ALA B 362 -4.68 0.29 31.46
N TYR B 363 -5.93 0.00 31.78
CA TYR B 363 -6.52 0.49 33.02
C TYR B 363 -5.74 -0.05 34.24
N GLY B 364 -5.56 -1.36 34.29
CA GLY B 364 -4.75 -1.97 35.34
C GLY B 364 -3.35 -1.37 35.39
N TYR B 365 -2.72 -1.27 34.22
CA TYR B 365 -1.37 -0.73 34.09
C TYR B 365 -1.28 0.67 34.69
N ALA B 366 -2.26 1.50 34.38
CA ALA B 366 -2.29 2.87 34.91
C ALA B 366 -2.31 2.93 36.44
N GLN B 367 -2.93 1.94 37.08
CA GLN B 367 -3.02 1.90 38.55
C GLN B 367 -1.91 1.09 39.26
N ASN B 368 -1.43 0.02 38.63
CA ASN B 368 -0.51 -0.92 39.27
C ASN B 368 0.80 -1.11 38.51
N GLN B 369 0.92 -0.43 37.37
CA GLN B 369 2.04 -0.63 36.46
C GLN B 369 2.31 -2.12 36.23
N MET B 370 3.49 -2.59 36.62
CA MET B 370 3.90 -3.93 36.23
C MET B 370 3.06 -5.06 36.80
N SER B 371 2.50 -4.86 38.00
CA SER B 371 1.58 -5.84 38.56
C SER B 371 0.48 -6.21 37.55
N ALA B 372 -0.06 -5.19 36.88
CA ALA B 372 -1.12 -5.45 35.91
C ALA B 372 -0.64 -6.31 34.72
N TYR B 373 0.54 -6.01 34.19
CA TYR B 373 1.04 -6.84 33.10
C TYR B 373 1.35 -8.26 33.54
N VAL B 374 1.97 -8.39 34.71
CA VAL B 374 2.33 -9.72 35.18
C VAL B 374 1.12 -10.63 35.35
N GLU B 375 -0.04 -10.08 35.71
CA GLU B 375 -1.25 -10.89 35.84
C GLU B 375 -1.61 -11.50 34.49
N LEU B 376 -1.46 -10.72 33.43
CA LEU B 376 -1.68 -11.22 32.07
C LEU B 376 -0.66 -12.30 31.73
N GLN B 377 0.62 -12.04 32.01
CA GLN B 377 1.67 -12.99 31.66
C GLN B 377 1.41 -14.32 32.37
N GLU B 378 1.03 -14.22 33.64
CA GLU B 378 0.68 -15.40 34.42
C GLU B 378 -0.53 -16.15 33.86
N ARG B 379 -1.55 -15.40 33.44
CA ARG B 379 -2.71 -16.00 32.78
C ARG B 379 -2.27 -16.73 31.52
N GLU B 380 -1.35 -16.11 30.78
CA GLU B 380 -0.80 -16.77 29.60
C GLU B 380 -0.09 -18.09 29.92
N PHE B 381 0.78 -18.07 30.93
CA PHE B 381 1.42 -19.31 31.39
C PHE B 381 0.39 -20.36 31.73
N ALA B 382 -0.65 -19.95 32.45
CA ALA B 382 -1.73 -20.86 32.83
C ALA B 382 -2.44 -21.44 31.61
N ALA B 383 -2.50 -20.68 30.53
CA ALA B 383 -3.25 -21.10 29.33
C ALA B 383 -2.56 -22.21 28.55
N GLU B 384 -1.30 -22.48 28.86
CA GLU B 384 -0.52 -23.42 28.07
C GLU B 384 -1.10 -24.83 28.11
N GLU B 385 -1.67 -25.21 29.25
CA GLU B 385 -2.32 -26.51 29.39
C GLU B 385 -3.49 -26.67 28.41
N ARG B 386 -4.13 -25.55 28.08
CA ARG B 386 -5.21 -25.53 27.09
C ARG B 386 -4.70 -25.50 25.64
N GLY B 387 -3.45 -25.12 25.45
CA GLY B 387 -2.87 -25.17 24.11
C GLY B 387 -2.28 -23.86 23.61
N TYR B 388 -2.40 -22.81 24.43
CA TYR B 388 -1.83 -21.51 24.11
C TYR B 388 -0.30 -21.59 24.04
N THR B 389 0.29 -20.90 23.07
CA THR B 389 1.73 -21.01 22.82
C THR B 389 2.43 -19.65 22.72
N ALA B 390 1.63 -18.60 22.58
CA ALA B 390 2.17 -17.27 22.31
C ALA B 390 2.93 -16.65 23.49
N THR B 391 2.93 -17.29 24.66
CA THR B 391 3.73 -16.76 25.77
C THR B 391 5.19 -16.68 25.32
N LYS B 392 5.57 -17.68 24.52
CA LYS B 392 6.89 -17.67 23.90
C LYS B 392 6.71 -16.93 22.57
N HIS B 393 6.75 -15.61 22.64
CA HIS B 393 6.39 -14.80 21.48
C HIS B 393 7.43 -14.94 20.38
N GLN B 394 8.69 -15.23 20.73
CA GLN B 394 9.71 -15.28 19.69
C GLN B 394 9.47 -16.42 18.70
N ARG B 395 9.28 -17.64 19.20
CA ARG B 395 9.00 -18.75 18.29
C ARG B 395 7.63 -18.65 17.65
N GLU B 396 6.68 -17.99 18.32
CA GLU B 396 5.30 -17.89 17.86
C GLU B 396 5.26 -17.16 16.51
N VAL B 397 6.23 -16.26 16.36
CA VAL B 397 6.25 -15.29 15.28
C VAL B 397 7.32 -15.71 14.24
N GLY B 398 7.97 -16.85 14.51
CA GLY B 398 8.83 -17.48 13.52
C GLY B 398 10.34 -17.32 13.66
N ALA B 399 10.81 -16.92 14.83
CA ALA B 399 12.26 -16.79 15.06
C ALA B 399 13.00 -18.10 14.79
N GLY B 400 12.35 -19.22 15.12
CA GLY B 400 12.97 -20.52 14.92
C GLY B 400 12.91 -20.95 13.48
N TYR B 401 11.80 -20.63 12.82
CA TYR B 401 11.67 -20.91 11.40
C TYR B 401 12.69 -20.12 10.59
N PHE B 402 12.89 -18.85 10.93
CA PHE B 402 13.93 -18.10 10.22
C PHE B 402 15.34 -18.54 10.58
N ASP B 403 15.53 -19.00 11.82
CA ASP B 403 16.84 -19.56 12.18
C ASP B 403 17.12 -20.75 11.28
N ARG B 404 16.06 -21.47 10.93
CA ARG B 404 16.20 -22.66 10.09
C ARG B 404 16.59 -22.27 8.67
N ILE B 405 15.95 -21.23 8.13
CA ILE B 405 16.41 -20.71 6.85
C ILE B 405 17.88 -20.30 6.95
N ALA B 406 18.23 -19.62 8.04
CA ALA B 406 19.57 -19.06 8.20
C ALA B 406 20.63 -20.17 8.21
N THR B 407 20.36 -21.22 8.97
CA THR B 407 21.31 -22.33 9.04
C THR B 407 21.30 -23.23 7.80
N THR B 408 20.21 -23.19 7.02
CA THR B 408 20.14 -23.89 5.75
C THR B 408 21.04 -23.23 4.71
N VAL B 409 21.04 -21.89 4.71
CA VAL B 409 21.94 -21.10 3.87
C VAL B 409 23.39 -21.17 4.36
N ASP B 410 23.58 -21.08 5.67
CA ASP B 410 24.91 -21.08 6.29
C ASP B 410 24.88 -21.80 7.64
N PRO B 411 25.20 -23.11 7.64
CA PRO B 411 25.17 -23.89 8.89
C PRO B 411 26.06 -23.31 9.99
N ASN B 412 27.10 -22.58 9.61
CA ASN B 412 28.02 -21.98 10.58
C ASN B 412 27.67 -20.57 11.02
N SER B 413 26.45 -20.12 10.72
CA SER B 413 26.08 -18.74 11.03
C SER B 413 26.26 -18.38 12.50
N SER B 414 26.89 -17.24 12.74
CA SER B 414 27.14 -16.72 14.08
C SER B 414 25.99 -15.85 14.58
N THR B 415 24.95 -15.69 13.78
CA THR B 415 23.95 -14.66 14.06
C THR B 415 22.52 -15.18 14.07
N THR B 416 22.32 -16.43 14.49
CA THR B 416 20.96 -16.96 14.65
C THR B 416 20.35 -16.42 15.94
N ALA B 417 19.01 -16.45 16.04
CA ALA B 417 18.27 -15.63 17.01
C ALA B 417 17.90 -16.30 18.33
N LEU B 418 17.47 -17.56 18.28
CA LEU B 418 16.89 -18.18 19.49
C LEU B 418 17.98 -18.64 20.48
N THR B 419 19.12 -19.07 19.96
CA THR B 419 20.25 -19.48 20.79
C THR B 419 20.76 -18.28 21.56
N GLY B 420 20.67 -18.33 22.89
CA GLY B 420 21.10 -17.20 23.71
C GLY B 420 20.03 -16.16 23.94
N SER B 421 18.80 -16.42 23.50
CA SER B 421 17.70 -15.49 23.74
C SER B 421 17.20 -15.58 25.19
N THR B 422 16.59 -14.51 25.71
CA THR B 422 15.94 -14.59 27.02
C THR B 422 14.79 -15.61 26.97
N GLU B 423 14.22 -15.81 25.79
CA GLU B 423 13.13 -16.78 25.65
C GLU B 423 13.63 -18.17 26.00
N GLU B 424 14.79 -18.52 25.45
CA GLU B 424 15.41 -19.81 25.66
C GLU B 424 15.86 -20.02 27.12
N GLY B 425 16.24 -18.93 27.77
CA GLY B 425 16.85 -19.03 29.08
C GLY B 425 15.90 -18.77 30.25
N GLN B 426 14.69 -18.31 29.95
CA GLN B 426 13.71 -17.92 30.97
C GLN B 426 12.34 -18.58 30.81
N PHE B 427 12.15 -19.28 29.70
CA PHE B 427 10.86 -19.90 29.42
C PHE B 427 11.00 -21.42 29.25
N MET C 1 -8.48 -31.06 5.71
CA MET C 1 -7.45 -31.83 5.01
C MET C 1 -7.78 -31.98 3.53
N SER C 2 -6.74 -31.96 2.69
CA SER C 2 -6.91 -31.85 1.25
C SER C 2 -5.64 -32.32 0.54
N VAL C 3 -5.71 -32.47 -0.79
CA VAL C 3 -4.53 -32.90 -1.57
C VAL C 3 -3.92 -31.72 -2.35
N VAL C 4 -4.66 -30.62 -2.43
CA VAL C 4 -4.22 -29.47 -3.22
C VAL C 4 -2.93 -28.87 -2.66
N GLY C 5 -1.91 -28.77 -3.51
CA GLY C 5 -0.66 -28.12 -3.16
C GLY C 5 0.20 -28.85 -2.13
N THR C 6 -0.01 -30.16 -1.96
CA THR C 6 0.78 -30.96 -1.02
C THR C 6 2.24 -30.96 -1.49
N PRO C 7 3.20 -30.88 -0.58
CA PRO C 7 4.60 -30.77 -1.02
C PRO C 7 5.13 -32.10 -1.55
N LYS C 8 6.15 -32.04 -2.40
CA LYS C 8 6.82 -33.23 -2.87
C LYS C 8 7.70 -33.84 -1.80
N SER C 9 8.10 -35.09 -2.02
CA SER C 9 9.06 -35.75 -1.16
C SER C 9 10.46 -35.26 -1.51
N ALA C 10 11.38 -35.38 -0.55
CA ALA C 10 12.77 -35.01 -0.83
C ALA C 10 13.31 -35.79 -2.01
N GLU C 11 12.96 -37.08 -2.06
CA GLU C 11 13.40 -37.99 -3.12
C GLU C 11 13.01 -37.46 -4.50
N GLN C 12 11.78 -36.96 -4.61
CA GLN C 12 11.28 -36.42 -5.88
C GLN C 12 12.04 -35.18 -6.37
N ILE C 13 12.38 -34.31 -5.43
CA ILE C 13 13.09 -33.08 -5.74
C ILE C 13 14.51 -33.44 -6.14
N GLN C 14 15.12 -34.35 -5.39
CA GLN C 14 16.47 -34.82 -5.70
C GLN C 14 16.53 -35.39 -7.10
N GLN C 15 15.56 -36.26 -7.40
CA GLN C 15 15.37 -36.81 -8.73
C GLN C 15 15.42 -35.70 -9.79
N GLU C 16 14.73 -34.60 -9.53
CA GLU C 16 14.73 -33.49 -10.50
C GLU C 16 16.09 -32.78 -10.57
N TRP C 17 16.71 -32.53 -9.42
CA TRP C 17 18.03 -31.91 -9.42
C TRP C 17 19.04 -32.77 -10.16
N ASP C 18 18.85 -34.09 -10.10
CA ASP C 18 19.75 -35.05 -10.76
C ASP C 18 19.53 -35.17 -12.27
N THR C 19 18.27 -35.13 -12.70
CA THR C 19 17.91 -35.50 -14.07
C THR C 19 17.46 -34.36 -14.98
N ASN C 20 16.92 -33.28 -14.41
CA ASN C 20 16.56 -32.12 -15.23
C ASN C 20 17.79 -31.34 -15.65
N PRO C 21 18.00 -31.20 -16.97
CA PRO C 21 19.13 -30.47 -17.56
C PRO C 21 19.22 -29.05 -17.02
N ARG C 22 18.07 -28.47 -16.64
CA ARG C 22 18.04 -27.13 -16.06
C ARG C 22 19.07 -26.94 -14.93
N TRP C 23 19.30 -28.00 -14.16
CA TRP C 23 20.19 -27.96 -13.00
C TRP C 23 21.57 -28.58 -13.27
N LYS C 24 21.91 -28.78 -14.54
CA LYS C 24 23.19 -29.38 -14.94
C LYS C 24 24.35 -28.73 -14.21
N ASP C 25 24.44 -27.41 -14.33
CA ASP C 25 25.60 -26.68 -13.86
C ASP C 25 25.38 -25.95 -12.52
N VAL C 26 24.33 -26.39 -11.80
CA VAL C 26 23.88 -25.70 -10.59
C VAL C 26 24.34 -26.38 -9.30
N THR C 27 25.12 -25.67 -8.48
CA THR C 27 25.49 -26.20 -7.17
C THR C 27 24.51 -25.72 -6.11
N ARG C 28 24.04 -26.63 -5.26
CA ARG C 28 23.26 -26.29 -4.07
C ARG C 28 23.97 -26.83 -2.83
N THR C 29 24.33 -25.94 -1.90
CA THR C 29 25.06 -26.38 -0.69
C THR C 29 24.15 -27.00 0.39
N TYR C 30 22.84 -26.79 0.27
CA TYR C 30 21.87 -27.41 1.18
C TYR C 30 21.25 -28.64 0.51
N SER C 31 20.43 -29.38 1.25
CA SER C 31 19.88 -30.63 0.74
C SER C 31 18.42 -30.55 0.29
N ALA C 32 18.01 -31.49 -0.55
CA ALA C 32 16.60 -31.60 -0.92
C ALA C 32 15.72 -31.68 0.31
N GLU C 33 16.19 -32.42 1.32
CA GLU C 33 15.44 -32.57 2.56
C GLU C 33 15.31 -31.24 3.32
N ASP C 34 16.30 -30.36 3.18
CA ASP C 34 16.25 -29.05 3.85
C ASP C 34 15.14 -28.23 3.22
N VAL C 35 15.00 -28.37 1.91
CA VAL C 35 13.95 -27.65 1.18
C VAL C 35 12.58 -28.10 1.66
N VAL C 36 12.36 -29.40 1.81
CA VAL C 36 11.04 -29.88 2.24
C VAL C 36 10.70 -29.40 3.64
N ALA C 37 11.69 -29.44 4.51
CA ALA C 37 11.55 -28.99 5.89
C ALA C 37 10.96 -27.59 6.03
N LEU C 38 11.15 -26.76 5.00
CA LEU C 38 10.74 -25.34 5.07
C LEU C 38 9.41 -25.07 4.37
N GLN C 39 8.81 -26.10 3.78
CA GLN C 39 7.63 -25.92 2.95
C GLN C 39 6.28 -26.07 3.65
N GLY C 40 6.31 -26.31 4.96
CA GLY C 40 5.07 -26.46 5.70
C GLY C 40 4.23 -27.61 5.16
N SER C 41 2.90 -27.48 5.23
CA SER C 41 2.00 -28.55 4.77
C SER C 41 1.49 -28.31 3.36
N VAL C 42 1.65 -27.09 2.88
CA VAL C 42 1.06 -26.68 1.61
C VAL C 42 2.00 -25.77 0.83
N VAL C 43 2.15 -26.03 -0.46
CA VAL C 43 3.02 -25.20 -1.30
C VAL C 43 2.19 -24.48 -2.36
N GLU C 44 2.13 -23.16 -2.27
CA GLU C 44 1.35 -22.40 -3.24
C GLU C 44 1.95 -22.51 -4.63
N GLU C 45 1.11 -22.77 -5.62
CA GLU C 45 1.55 -22.69 -7.00
C GLU C 45 1.75 -21.22 -7.42
N HIS C 46 2.78 -20.97 -8.21
CA HIS C 46 3.09 -19.65 -8.72
C HIS C 46 3.21 -19.76 -10.23
N THR C 47 2.06 -19.78 -10.89
CA THR C 47 1.96 -19.97 -12.33
C THR C 47 2.86 -19.05 -13.17
N LEU C 48 2.77 -17.74 -12.94
CA LEU C 48 3.53 -16.80 -13.78
C LEU C 48 5.04 -16.83 -13.54
N ALA C 49 5.43 -17.16 -12.32
CA ALA C 49 6.84 -17.26 -11.97
C ALA C 49 7.42 -18.49 -12.66
N ARG C 50 6.63 -19.56 -12.65
CA ARG C 50 7.07 -20.83 -13.24
C ARG C 50 7.15 -20.69 -14.77
N ARG C 51 6.06 -20.21 -15.35
CA ARG C 51 5.97 -20.03 -16.80
C ARG C 51 7.06 -19.12 -17.33
N GLY C 52 7.20 -17.95 -16.70
CA GLY C 52 8.21 -16.98 -17.09
C GLY C 52 9.62 -17.51 -17.00
N ALA C 53 9.92 -18.26 -15.94
CA ALA C 53 11.29 -18.74 -15.75
C ALA C 53 11.61 -19.81 -16.79
N GLU C 54 10.65 -20.70 -17.03
CA GLU C 54 10.80 -21.74 -18.04
C GLU C 54 10.91 -21.11 -19.42
N VAL C 55 10.04 -20.16 -19.72
CA VAL C 55 10.12 -19.47 -21.01
C VAL C 55 11.44 -18.72 -21.16
N LEU C 56 11.87 -18.01 -20.11
CA LEU C 56 13.11 -17.26 -20.21
C LEU C 56 14.31 -18.17 -20.48
N TRP C 57 14.38 -19.30 -19.78
CA TRP C 57 15.50 -20.22 -19.91
C TRP C 57 15.60 -20.71 -21.35
N GLU C 58 14.48 -21.18 -21.89
CA GLU C 58 14.43 -21.61 -23.29
C GLU C 58 14.95 -20.55 -24.27
N GLN C 59 14.49 -19.31 -24.11
CA GLN C 59 14.90 -18.22 -24.98
C GLN C 59 16.40 -17.98 -24.92
N LEU C 60 16.97 -18.07 -23.72
CA LEU C 60 18.39 -17.92 -23.52
C LEU C 60 19.20 -18.95 -24.33
N HIS C 61 18.59 -20.10 -24.59
CA HIS C 61 19.28 -21.14 -25.36
C HIS C 61 18.91 -21.14 -26.86
N ASP C 62 17.77 -20.55 -27.22
CA ASP C 62 17.30 -20.58 -28.60
C ASP C 62 17.79 -19.38 -29.41
N LEU C 63 17.33 -18.20 -29.01
CA LEU C 63 17.60 -16.98 -29.75
C LEU C 63 19.10 -16.68 -29.66
N GLU C 64 19.63 -15.98 -30.65
CA GLU C 64 21.04 -15.59 -30.62
C GLU C 64 21.30 -14.85 -29.31
N TRP C 65 20.44 -13.88 -29.01
CA TRP C 65 20.40 -13.31 -27.67
C TRP C 65 19.00 -12.84 -27.26
N VAL C 66 18.89 -12.44 -26.00
CA VAL C 66 17.63 -11.95 -25.45
C VAL C 66 17.90 -10.53 -24.97
N ASN C 67 17.23 -9.54 -25.55
CA ASN C 67 17.38 -8.18 -25.04
C ASN C 67 16.09 -7.60 -24.48
N ALA C 68 16.22 -6.50 -23.73
CA ALA C 68 15.09 -5.92 -23.04
C ALA C 68 15.38 -4.48 -22.73
N LEU C 69 14.32 -3.77 -22.33
CA LEU C 69 14.39 -2.38 -21.94
C LEU C 69 13.77 -2.31 -20.56
N GLY C 70 14.30 -1.44 -19.71
CA GLY C 70 13.76 -1.29 -18.36
C GLY C 70 12.36 -0.70 -18.43
N ALA C 71 11.41 -1.37 -17.77
CA ALA C 71 10.04 -0.88 -17.74
C ALA C 71 9.70 -0.47 -16.31
N LEU C 72 9.12 0.71 -16.12
CA LEU C 72 8.69 1.10 -14.78
C LEU C 72 7.17 1.21 -14.60
N THR C 73 6.42 1.17 -15.71
CA THR C 73 4.96 1.02 -15.60
C THR C 73 4.49 -0.15 -16.45
N GLY C 74 3.26 -0.57 -16.19
CA GLY C 74 2.67 -1.71 -16.87
C GLY C 74 2.40 -1.45 -18.34
N ASN C 75 1.97 -0.22 -18.65
CA ASN C 75 1.74 0.18 -20.03
C ASN C 75 3.05 0.10 -20.82
N MET C 76 4.15 0.59 -20.23
CA MET C 76 5.48 0.50 -20.84
C MET C 76 5.82 -0.92 -21.27
N ALA C 77 5.60 -1.88 -20.37
CA ALA C 77 5.88 -3.28 -20.66
C ALA C 77 4.98 -3.78 -21.78
N VAL C 78 3.71 -3.39 -21.72
CA VAL C 78 2.79 -3.77 -22.78
C VAL C 78 3.31 -3.29 -24.15
N GLN C 79 3.84 -2.08 -24.19
CA GLN C 79 4.29 -1.49 -25.44
C GLN C 79 5.57 -2.14 -25.94
N GLN C 80 6.44 -2.50 -25.00
CA GLN C 80 7.67 -3.18 -25.32
C GLN C 80 7.36 -4.52 -25.98
N VAL C 81 6.34 -5.22 -25.48
CA VAL C 81 5.98 -6.53 -26.02
C VAL C 81 5.26 -6.37 -27.36
N ARG C 82 4.34 -5.41 -27.41
CA ARG C 82 3.70 -5.01 -28.66
C ARG C 82 4.75 -4.80 -29.76
N ALA C 83 5.78 -4.01 -29.44
CA ALA C 83 6.84 -3.70 -30.40
C ALA C 83 7.71 -4.90 -30.78
N GLY C 84 7.43 -6.07 -30.21
CA GLY C 84 8.12 -7.28 -30.59
C GLY C 84 9.23 -7.75 -29.66
N LEU C 85 9.34 -7.15 -28.46
CA LEU C 85 10.35 -7.61 -27.52
C LEU C 85 9.91 -8.86 -26.79
N LYS C 86 10.88 -9.63 -26.32
CA LYS C 86 10.61 -10.97 -25.81
C LYS C 86 10.86 -11.08 -24.31
N ALA C 87 11.31 -10.00 -23.68
CA ALA C 87 11.58 -10.00 -22.25
C ALA C 87 11.50 -8.59 -21.67
N ILE C 88 11.19 -8.49 -20.38
CA ILE C 88 11.12 -7.19 -19.75
C ILE C 88 12.21 -7.05 -18.69
N TYR C 89 12.86 -5.90 -18.65
CA TYR C 89 13.80 -5.62 -17.57
C TYR C 89 13.14 -4.72 -16.52
N LEU C 90 13.29 -5.07 -15.25
CA LEU C 90 12.75 -4.25 -14.17
C LEU C 90 13.88 -3.65 -13.35
N SER C 91 14.18 -2.38 -13.64
CA SER C 91 15.30 -1.64 -13.03
C SER C 91 15.00 -1.12 -11.63
N GLY C 92 15.90 -1.40 -10.68
CA GLY C 92 15.75 -0.85 -9.34
C GLY C 92 16.00 0.65 -9.31
N TRP C 93 16.90 1.11 -10.19
CA TRP C 93 17.20 2.53 -10.31
C TRP C 93 15.92 3.28 -10.64
N GLN C 94 15.16 2.74 -11.59
CA GLN C 94 13.93 3.39 -12.04
C GLN C 94 12.87 3.39 -10.95
N VAL C 95 12.78 2.28 -10.22
CA VAL C 95 11.87 2.20 -9.08
C VAL C 95 12.23 3.26 -8.03
N ALA C 96 13.52 3.44 -7.76
CA ALA C 96 13.95 4.49 -6.82
C ALA C 96 13.57 5.87 -7.35
N GLY C 97 13.74 6.03 -8.66
CA GLY C 97 13.53 7.31 -9.32
C GLY C 97 12.09 7.76 -9.44
N ASP C 98 11.18 6.83 -9.73
CA ASP C 98 9.83 7.21 -10.11
C ASP C 98 8.71 6.17 -9.86
N ALA C 99 9.00 5.07 -9.15
CA ALA C 99 7.98 4.04 -8.97
C ALA C 99 8.13 3.17 -7.71
N ASN C 100 8.42 3.79 -6.58
CA ASN C 100 8.55 3.01 -5.34
C ASN C 100 7.49 3.36 -4.31
N LEU C 101 7.42 2.52 -3.28
CA LEU C 101 6.30 2.51 -2.36
C LEU C 101 6.40 3.62 -1.31
N SER C 102 7.52 4.33 -1.26
CA SER C 102 7.57 5.47 -0.35
C SER C 102 6.90 6.70 -0.95
N GLY C 103 6.71 6.67 -2.26
CA GLY C 103 6.21 7.83 -2.98
C GLY C 103 7.26 8.89 -3.28
N HIS C 104 8.50 8.67 -2.83
CA HIS C 104 9.53 9.71 -3.01
C HIS C 104 10.44 9.41 -4.18
N THR C 105 11.06 10.46 -4.71
CA THR C 105 12.08 10.34 -5.75
C THR C 105 13.42 10.05 -5.05
N TYR C 106 14.08 8.94 -5.42
CA TYR C 106 15.36 8.60 -4.80
C TYR C 106 16.46 8.34 -5.82
N PRO C 107 17.71 8.58 -5.43
CA PRO C 107 18.84 8.03 -6.17
C PRO C 107 18.93 6.54 -5.92
N ASP C 108 19.76 5.86 -6.70
CA ASP C 108 19.87 4.41 -6.66
C ASP C 108 20.76 3.96 -5.50
N GLN C 109 20.22 3.96 -4.29
CA GLN C 109 21.02 3.62 -3.12
C GLN C 109 20.26 2.75 -2.10
N SER C 110 19.37 1.90 -2.60
CA SER C 110 18.56 1.00 -1.74
C SER C 110 17.81 1.76 -0.66
N LEU C 111 17.24 2.90 -1.03
CA LEU C 111 16.58 3.78 -0.07
C LEU C 111 15.09 3.47 0.09
N TYR C 112 14.49 2.88 -0.94
CA TYR C 112 13.04 2.66 -1.00
C TYR C 112 12.63 1.38 -0.28
N PRO C 113 11.32 1.22 0.01
CA PRO C 113 10.94 0.02 0.77
C PRO C 113 11.14 -1.26 -0.03
N ALA C 114 11.56 -2.34 0.64
CA ALA C 114 12.03 -3.54 -0.04
C ALA C 114 10.99 -4.31 -0.84
N ASN C 115 9.71 -4.02 -0.66
CA ASN C 115 8.70 -4.69 -1.48
C ASN C 115 8.30 -3.87 -2.73
N SER C 116 9.10 -2.85 -3.05
CA SER C 116 8.75 -1.97 -4.17
C SER C 116 8.90 -2.67 -5.52
N VAL C 117 9.99 -3.40 -5.69
CA VAL C 117 10.18 -4.10 -6.95
C VAL C 117 9.17 -5.24 -7.16
N PRO C 118 8.92 -6.07 -6.13
CA PRO C 118 7.85 -7.06 -6.29
C PRO C 118 6.51 -6.46 -6.73
N GLN C 119 6.16 -5.28 -6.22
CA GLN C 119 4.89 -4.68 -6.60
C GLN C 119 4.87 -4.30 -8.09
N VAL C 120 5.99 -3.83 -8.60
CA VAL C 120 6.06 -3.46 -10.02
C VAL C 120 6.05 -4.74 -10.86
N VAL C 121 6.72 -5.79 -10.38
CA VAL C 121 6.67 -7.09 -11.08
C VAL C 121 5.23 -7.54 -11.22
N ARG C 122 4.47 -7.47 -10.11
CA ARG C 122 3.06 -7.83 -10.14
C ARG C 122 2.27 -6.92 -11.10
N ARG C 123 2.59 -5.63 -11.08
CA ARG C 123 1.91 -4.65 -11.94
C ARG C 123 2.14 -4.97 -13.41
N ILE C 124 3.39 -5.22 -13.75
CA ILE C 124 3.74 -5.54 -15.13
C ILE C 124 3.01 -6.82 -15.58
N ASN C 125 3.02 -7.86 -14.75
CA ASN C 125 2.24 -9.05 -15.09
C ASN C 125 0.75 -8.81 -15.28
N ASN C 126 0.14 -8.06 -14.37
CA ASN C 126 -1.24 -7.64 -14.55
C ASN C 126 -1.46 -6.94 -15.89
N ALA C 127 -0.59 -6.00 -16.23
CA ALA C 127 -0.76 -5.25 -17.47
C ALA C 127 -0.67 -6.17 -18.69
N LEU C 128 0.33 -7.06 -18.70
CA LEU C 128 0.48 -8.02 -19.79
C LEU C 128 -0.71 -8.96 -19.88
N GLN C 129 -1.27 -9.30 -18.72
CA GLN C 129 -2.40 -10.20 -18.68
C GLN C 129 -3.65 -9.56 -19.29
N ARG C 130 -3.77 -8.25 -19.14
CA ARG C 130 -4.89 -7.51 -19.70
C ARG C 130 -4.72 -7.39 -21.22
N ALA C 131 -3.50 -7.10 -21.65
CA ALA C 131 -3.17 -7.10 -23.06
C ALA C 131 -3.48 -8.47 -23.69
N ASP C 132 -3.13 -9.53 -22.96
CA ASP C 132 -3.42 -10.90 -23.40
C ASP C 132 -4.92 -11.22 -23.42
N GLN C 133 -5.67 -10.69 -22.46
CA GLN C 133 -7.12 -10.92 -22.41
C GLN C 133 -7.83 -10.22 -23.55
N ILE C 134 -7.35 -9.03 -23.87
CA ILE C 134 -7.93 -8.18 -24.89
C ILE C 134 -7.70 -8.78 -26.28
N ALA C 135 -6.48 -9.24 -26.52
CA ALA C 135 -6.13 -9.94 -27.75
C ALA C 135 -7.06 -11.12 -28.01
N LYS C 136 -7.25 -11.99 -27.02
CA LYS C 136 -8.09 -13.17 -27.17
C LYS C 136 -9.55 -12.80 -27.48
N ILE C 137 -9.90 -11.54 -27.25
CA ILE C 137 -11.27 -11.08 -27.47
C ILE C 137 -11.37 -10.38 -28.82
N GLU C 138 -10.29 -9.72 -29.22
CA GLU C 138 -10.22 -9.03 -30.52
C GLU C 138 -9.73 -9.97 -31.62
N GLY C 139 -9.56 -11.24 -31.25
CA GLY C 139 -9.02 -12.23 -32.17
C GLY C 139 -7.67 -11.82 -32.73
N ASP C 140 -6.84 -11.22 -31.88
CA ASP C 140 -5.54 -10.75 -32.30
C ASP C 140 -4.44 -11.77 -31.99
N THR C 141 -3.89 -12.36 -33.05
CA THR C 141 -2.82 -13.33 -32.91
C THR C 141 -1.45 -12.71 -33.21
N SER C 142 -1.45 -11.39 -33.42
CA SER C 142 -0.23 -10.61 -33.66
C SER C 142 0.94 -11.02 -32.74
N VAL C 143 0.81 -10.76 -31.44
CA VAL C 143 1.82 -11.16 -30.46
C VAL C 143 1.60 -12.62 -30.04
N GLU C 144 2.66 -13.41 -30.10
CA GLU C 144 2.60 -14.83 -29.79
C GLU C 144 2.59 -15.08 -28.29
N ASN C 145 3.40 -14.32 -27.56
CA ASN C 145 3.46 -14.40 -26.10
C ASN C 145 3.37 -13.03 -25.42
N TRP C 146 2.23 -12.75 -24.82
CA TRP C 146 2.07 -11.48 -24.11
C TRP C 146 2.76 -11.54 -22.77
N LEU C 147 2.81 -12.73 -22.20
CA LEU C 147 3.44 -12.94 -20.90
C LEU C 147 4.95 -13.14 -21.05
N ALA C 148 5.64 -12.07 -21.47
CA ALA C 148 7.09 -12.07 -21.58
C ALA C 148 7.70 -12.24 -20.20
N PRO C 149 8.81 -12.99 -20.11
CA PRO C 149 9.47 -13.12 -18.81
C PRO C 149 9.98 -11.77 -18.31
N ILE C 150 9.88 -11.58 -16.99
CA ILE C 150 10.40 -10.38 -16.35
C ILE C 150 11.67 -10.73 -15.59
N VAL C 151 12.73 -9.96 -15.83
CA VAL C 151 13.96 -10.05 -15.05
C VAL C 151 14.04 -8.84 -14.14
N ALA C 152 14.11 -9.06 -12.83
CA ALA C 152 14.01 -7.95 -11.89
C ALA C 152 15.27 -7.70 -11.05
N ASP C 153 15.51 -6.43 -10.73
CA ASP C 153 16.60 -5.98 -9.87
C ASP C 153 16.39 -6.36 -8.38
N GLY C 154 17.26 -7.20 -7.85
CA GLY C 154 17.20 -7.60 -6.45
C GLY C 154 18.13 -6.77 -5.59
N GLU C 155 18.83 -5.84 -6.24
CA GLU C 155 19.77 -4.95 -5.59
C GLU C 155 20.76 -5.77 -4.78
N ALA C 156 21.04 -5.31 -3.57
CA ALA C 156 21.90 -6.05 -2.65
C ALA C 156 21.06 -6.81 -1.63
N GLY C 157 19.79 -7.02 -1.92
CA GLY C 157 18.93 -7.81 -1.04
C GLY C 157 18.43 -7.09 0.21
N PHE C 158 18.75 -5.81 0.38
CA PHE C 158 18.20 -5.00 1.48
C PHE C 158 18.57 -5.53 2.86
N GLY C 159 19.74 -6.14 2.97
CA GLY C 159 20.24 -6.55 4.27
C GLY C 159 20.94 -7.89 4.20
N GLY C 160 20.65 -8.77 5.15
CA GLY C 160 21.29 -10.07 5.19
C GLY C 160 20.64 -11.13 4.32
N ALA C 161 21.11 -12.37 4.52
CA ALA C 161 20.60 -13.54 3.82
C ALA C 161 19.08 -13.71 3.93
N LEU C 162 18.50 -13.33 5.07
CA LEU C 162 17.05 -13.46 5.26
C LEU C 162 16.29 -12.38 4.48
N ASN C 163 16.89 -11.19 4.37
CA ASN C 163 16.25 -10.13 3.60
C ASN C 163 16.25 -10.52 2.14
N VAL C 164 17.36 -11.11 1.70
CA VAL C 164 17.48 -11.64 0.35
C VAL C 164 16.41 -12.68 0.11
N TYR C 165 16.27 -13.59 1.07
CA TYR C 165 15.31 -14.68 0.94
C TYR C 165 13.91 -14.14 0.73
N GLU C 166 13.53 -13.16 1.55
CA GLU C 166 12.20 -12.60 1.50
C GLU C 166 11.95 -11.81 0.21
N LEU C 167 12.98 -11.14 -0.32
CA LEU C 167 12.83 -10.41 -1.58
C LEU C 167 12.56 -11.38 -2.70
N GLN C 168 13.32 -12.47 -2.75
CA GLN C 168 13.16 -13.44 -3.82
C GLN C 168 11.78 -14.07 -3.79
N LYS C 169 11.34 -14.41 -2.57
CA LYS C 169 10.03 -15.00 -2.37
C LYS C 169 8.96 -14.03 -2.88
N ALA C 170 9.11 -12.75 -2.58
CA ALA C 170 8.07 -11.80 -3.00
C ALA C 170 8.13 -11.56 -4.51
N LEU C 171 9.34 -11.56 -5.06
CA LEU C 171 9.51 -11.47 -6.50
C LEU C 171 8.78 -12.63 -7.19
N ILE C 172 8.93 -13.83 -6.61
CA ILE C 172 8.31 -15.01 -7.18
C ILE C 172 6.79 -14.96 -7.06
N ALA C 173 6.28 -14.60 -5.89
CA ALA C 173 4.84 -14.48 -5.71
C ALA C 173 4.24 -13.50 -6.73
N ALA C 174 5.01 -12.51 -7.13
CA ALA C 174 4.51 -11.53 -8.09
C ALA C 174 4.63 -12.02 -9.54
N GLY C 175 5.34 -13.14 -9.76
CA GLY C 175 5.48 -13.70 -11.10
C GLY C 175 6.76 -13.34 -11.84
N VAL C 176 7.84 -13.13 -11.10
CA VAL C 176 9.12 -12.81 -11.74
C VAL C 176 9.66 -14.07 -12.42
N ALA C 177 10.48 -13.88 -13.46
CA ALA C 177 11.11 -15.00 -14.16
C ALA C 177 12.55 -15.17 -13.71
N GLY C 178 13.24 -14.06 -13.50
CA GLY C 178 14.62 -14.10 -13.04
C GLY C 178 14.94 -12.89 -12.19
N SER C 179 16.01 -12.99 -11.39
CA SER C 179 16.39 -11.88 -10.53
C SER C 179 17.89 -11.77 -10.44
N HIS C 180 18.39 -10.55 -10.28
CA HIS C 180 19.82 -10.34 -10.16
C HIS C 180 20.25 -9.78 -8.81
N TRP C 181 21.42 -10.22 -8.37
CA TRP C 181 21.90 -9.93 -7.03
C TRP C 181 23.35 -9.47 -7.12
N GLU C 182 23.67 -8.34 -6.48
CA GLU C 182 24.99 -7.74 -6.61
C GLU C 182 25.79 -7.78 -5.32
N ASP C 183 27.11 -7.82 -5.44
CA ASP C 183 28.00 -8.03 -4.29
C ASP C 183 28.39 -6.76 -3.54
N GLN C 184 27.43 -5.87 -3.31
CA GLN C 184 27.70 -4.65 -2.56
C GLN C 184 27.15 -4.72 -1.14
N LEU C 185 27.66 -3.83 -0.28
CA LEU C 185 27.08 -3.66 1.04
C LEU C 185 25.75 -2.96 0.87
N ALA C 186 24.67 -3.57 1.37
CA ALA C 186 23.33 -2.98 1.18
C ALA C 186 23.18 -1.59 1.82
N SER C 187 23.75 -1.39 3.02
CA SER C 187 23.62 -0.08 3.70
C SER C 187 24.29 1.06 2.92
N GLU C 188 25.08 0.70 1.92
CA GLU C 188 25.81 1.67 1.13
C GLU C 188 25.69 1.34 -0.36
N LYS C 189 24.62 0.63 -0.72
CA LYS C 189 24.38 0.21 -2.12
C LYS C 189 24.34 1.42 -3.06
N LYS C 190 24.87 1.21 -4.27
CA LYS C 190 24.98 2.26 -5.27
C LYS C 190 24.63 1.69 -6.65
N CYS C 191 24.00 2.51 -7.47
CA CYS C 191 24.04 2.29 -8.92
C CYS C 191 25.49 1.99 -9.34
N GLY C 192 25.67 1.05 -10.26
CA GLY C 192 27.01 0.60 -10.59
C GLY C 192 27.91 1.67 -11.18
N HIS C 193 27.28 2.73 -11.71
CA HIS C 193 28.03 3.83 -12.34
C HIS C 193 28.06 5.06 -11.43
N LEU C 194 27.64 4.86 -10.20
CA LEU C 194 27.88 5.84 -9.14
C LEU C 194 29.21 5.54 -8.43
N GLY C 195 29.77 6.54 -7.76
CA GLY C 195 30.98 6.33 -6.98
C GLY C 195 30.65 5.83 -5.58
N GLY C 196 31.69 5.67 -4.77
CA GLY C 196 31.52 5.26 -3.38
C GLY C 196 30.92 3.88 -3.16
N LYS C 197 31.29 2.90 -3.98
CA LYS C 197 30.76 1.56 -3.81
C LYS C 197 31.63 0.74 -2.85
N VAL C 198 30.97 -0.10 -2.05
CA VAL C 198 31.64 -0.92 -1.05
C VAL C 198 31.28 -2.37 -1.30
N LEU C 199 32.30 -3.21 -1.56
CA LEU C 199 32.06 -4.61 -1.84
C LEU C 199 31.81 -5.39 -0.57
N ILE C 200 31.15 -6.53 -0.71
CA ILE C 200 31.11 -7.49 0.40
C ILE C 200 32.06 -8.64 0.07
N PRO C 201 32.45 -9.42 1.10
CA PRO C 201 33.34 -10.57 0.88
C PRO C 201 32.72 -11.57 -0.10
N THR C 202 33.57 -12.26 -0.87
CA THR C 202 33.10 -13.21 -1.87
C THR C 202 32.15 -14.26 -1.30
N GLN C 203 32.46 -14.76 -0.12
CA GLN C 203 31.61 -15.80 0.47
C GLN C 203 30.24 -15.23 0.82
N GLN C 204 30.22 -13.96 1.22
CA GLN C 204 28.95 -13.35 1.57
C GLN C 204 28.06 -13.27 0.34
N HIS C 205 28.63 -13.00 -0.83
CA HIS C 205 27.79 -12.99 -2.02
C HIS C 205 27.37 -14.39 -2.43
N ILE C 206 28.22 -15.39 -2.18
CA ILE C 206 27.77 -16.75 -2.43
C ILE C 206 26.57 -17.07 -1.50
N ARG C 207 26.62 -16.55 -0.27
CA ARG C 207 25.52 -16.72 0.67
CA ARG C 207 25.52 -16.74 0.67
C ARG C 207 24.24 -16.16 0.08
N THR C 208 24.35 -14.97 -0.51
CA THR C 208 23.21 -14.32 -1.13
C THR C 208 22.66 -15.16 -2.28
N LEU C 209 23.55 -15.62 -3.15
CA LEU C 209 23.13 -16.38 -4.32
C LEU C 209 22.46 -17.67 -3.88
N THR C 210 22.99 -18.26 -2.82
CA THR C 210 22.45 -19.46 -2.21
C THR C 210 21.05 -19.19 -1.65
N SER C 211 20.90 -18.10 -0.92
CA SER C 211 19.61 -17.72 -0.36
C SER C 211 18.55 -17.52 -1.46
N ALA C 212 18.94 -16.83 -2.54
CA ALA C 212 18.05 -16.60 -3.67
C ALA C 212 17.60 -17.91 -4.29
N ARG C 213 18.53 -18.84 -4.44
CA ARG C 213 18.19 -20.15 -5.00
C ARG C 213 17.29 -20.92 -4.03
N LEU C 214 17.57 -20.83 -2.73
CA LEU C 214 16.79 -21.56 -1.74
C LEU C 214 15.34 -21.09 -1.73
N ALA C 215 15.14 -19.77 -1.77
CA ALA C 215 13.79 -19.25 -1.82
C ALA C 215 13.07 -19.76 -3.07
N ALA C 216 13.79 -19.84 -4.19
CA ALA C 216 13.18 -20.37 -5.40
C ALA C 216 12.80 -21.84 -5.24
N ASP C 217 13.71 -22.64 -4.65
CA ASP C 217 13.43 -24.05 -4.40
C ASP C 217 12.24 -24.23 -3.47
N VAL C 218 12.18 -23.46 -2.39
CA VAL C 218 11.09 -23.59 -1.42
C VAL C 218 9.74 -23.24 -2.08
N ALA C 219 9.77 -22.23 -2.93
CA ALA C 219 8.59 -21.83 -3.72
C ALA C 219 8.34 -22.77 -4.90
N ASP C 220 9.26 -23.73 -5.10
CA ASP C 220 9.08 -24.79 -6.09
C ASP C 220 9.06 -24.28 -7.54
N VAL C 221 9.87 -23.26 -7.84
CA VAL C 221 9.94 -22.73 -9.22
C VAL C 221 11.38 -22.51 -9.71
N PRO C 222 11.62 -22.70 -11.02
CA PRO C 222 12.99 -22.67 -11.53
C PRO C 222 13.48 -21.28 -11.95
N THR C 223 13.24 -20.31 -11.08
CA THR C 223 13.75 -18.94 -11.27
C THR C 223 15.21 -18.85 -11.74
N VAL C 224 15.45 -18.01 -12.74
CA VAL C 224 16.80 -17.71 -13.20
C VAL C 224 17.53 -16.79 -12.23
N VAL C 225 18.64 -17.25 -11.66
CA VAL C 225 19.40 -16.45 -10.70
C VAL C 225 20.62 -15.79 -11.34
N ILE C 226 20.67 -14.46 -11.28
CA ILE C 226 21.76 -13.73 -11.94
C ILE C 226 22.73 -13.11 -10.94
N ALA C 227 24.04 -13.34 -11.13
CA ALA C 227 25.04 -12.80 -10.23
C ALA C 227 25.75 -11.61 -10.86
N ARG C 228 25.76 -10.48 -10.15
CA ARG C 228 26.41 -9.27 -10.62
C ARG C 228 27.59 -8.93 -9.70
N THR C 229 28.71 -8.57 -10.29
CA THR C 229 29.84 -8.06 -9.49
C THR C 229 30.12 -6.58 -9.76
N ASP C 230 30.39 -5.85 -8.68
CA ASP C 230 30.65 -4.42 -8.80
C ASP C 230 32.15 -4.11 -8.62
N ALA C 231 32.98 -5.13 -8.81
CA ALA C 231 34.39 -5.03 -8.50
C ALA C 231 35.22 -4.20 -9.50
N GLU C 232 34.67 -3.89 -10.67
CA GLU C 232 35.46 -3.14 -11.67
C GLU C 232 35.83 -1.75 -11.15
N ALA C 233 34.89 -1.10 -10.46
CA ALA C 233 35.08 0.27 -10.01
C ALA C 233 35.13 0.46 -8.48
N ALA C 234 34.60 -0.49 -7.72
CA ALA C 234 34.62 -0.38 -6.26
C ALA C 234 36.04 -0.41 -5.68
N THR C 235 36.35 0.53 -4.80
CA THR C 235 37.67 0.59 -4.16
C THR C 235 37.60 0.26 -2.70
N LEU C 236 36.43 -0.18 -2.25
CA LEU C 236 36.25 -0.50 -0.84
C LEU C 236 35.61 -1.86 -0.66
N ILE C 237 35.96 -2.53 0.43
CA ILE C 237 35.34 -3.80 0.82
C ILE C 237 35.18 -3.79 2.35
N THR C 238 34.11 -4.43 2.86
CA THR C 238 33.77 -4.34 4.28
C THR C 238 34.73 -5.09 5.19
N SER C 239 35.35 -6.15 4.66
CA SER C 239 36.17 -7.03 5.47
C SER C 239 37.23 -7.70 4.60
N ASP C 240 38.31 -8.14 5.24
CA ASP C 240 39.38 -8.90 4.58
C ASP C 240 39.34 -10.40 4.93
N VAL C 241 38.24 -10.83 5.55
CA VAL C 241 38.10 -12.20 6.05
C VAL C 241 38.30 -13.28 4.99
N ASP C 242 37.87 -13.02 3.76
CA ASP C 242 37.86 -14.07 2.72
C ASP C 242 39.18 -14.11 1.95
N GLU C 243 39.81 -15.29 1.93
CA GLU C 243 41.12 -15.45 1.27
C GLU C 243 41.11 -15.10 -0.21
N ARG C 244 39.96 -15.27 -0.86
CA ARG C 244 39.87 -14.98 -2.30
C ARG C 244 39.92 -13.48 -2.55
N ASP C 245 39.60 -12.71 -1.52
CA ASP C 245 39.56 -11.25 -1.62
C ASP C 245 40.90 -10.61 -1.26
N GLN C 246 41.62 -11.27 -0.36
CA GLN C 246 42.89 -10.76 0.19
C GLN C 246 43.95 -10.32 -0.85
N PRO C 247 44.02 -10.99 -2.02
CA PRO C 247 45.05 -10.51 -2.97
C PRO C 247 44.83 -9.08 -3.47
N PHE C 248 43.60 -8.56 -3.35
CA PHE C 248 43.32 -7.22 -3.85
C PHE C 248 43.31 -6.16 -2.74
N ILE C 249 43.33 -6.63 -1.50
CA ILE C 249 43.32 -5.73 -0.35
C ILE C 249 44.67 -5.05 -0.22
N THR C 250 44.68 -3.72 -0.09
CA THR C 250 45.95 -2.99 -0.01
C THR C 250 46.47 -2.93 1.42
N GLY C 251 45.56 -2.95 2.39
CA GLY C 251 45.97 -2.87 3.80
C GLY C 251 45.59 -1.53 4.39
N GLU C 252 45.26 -0.58 3.53
CA GLU C 252 44.76 0.73 3.96
C GLU C 252 43.29 0.68 4.41
N ARG C 253 42.97 1.35 5.53
CA ARG C 253 41.60 1.40 6.05
C ARG C 253 41.04 2.81 5.92
N THR C 254 39.73 2.94 6.10
CA THR C 254 39.08 4.26 6.11
C THR C 254 38.60 4.50 7.53
N ARG C 255 38.06 5.68 7.80
CA ARG C 255 37.61 5.97 9.17
C ARG C 255 36.41 5.12 9.58
N GLU C 256 35.60 4.71 8.61
CA GLU C 256 34.48 3.80 8.91
C GLU C 256 34.94 2.36 9.19
N GLY C 257 36.18 2.03 8.85
CA GLY C 257 36.67 0.68 9.02
C GLY C 257 36.63 -0.18 7.75
N PHE C 258 36.30 0.44 6.62
CA PHE C 258 36.32 -0.27 5.34
C PHE C 258 37.77 -0.51 4.91
N TYR C 259 38.00 -1.53 4.09
CA TYR C 259 39.33 -1.82 3.55
C TYR C 259 39.45 -1.33 2.10
N ARG C 260 40.56 -0.65 1.79
CA ARG C 260 40.84 -0.31 0.40
C ARG C 260 41.16 -1.58 -0.36
N THR C 261 40.66 -1.67 -1.59
CA THR C 261 40.87 -2.84 -2.43
C THR C 261 41.14 -2.37 -3.85
N LYS C 262 42.00 -3.12 -4.54
CA LYS C 262 42.41 -2.84 -5.91
C LYS C 262 41.29 -3.23 -6.85
N ASN C 263 40.72 -2.23 -7.54
CA ASN C 263 39.61 -2.47 -8.46
C ASN C 263 40.07 -2.86 -9.87
N GLY C 264 39.14 -3.31 -10.71
CA GLY C 264 39.48 -3.61 -12.09
C GLY C 264 38.90 -4.92 -12.58
N ILE C 265 39.28 -5.31 -13.80
CA ILE C 265 38.76 -6.54 -14.38
C ILE C 265 39.27 -7.80 -13.66
N GLU C 266 40.45 -7.71 -13.05
CA GLU C 266 41.02 -8.89 -12.39
C GLU C 266 40.15 -9.39 -11.22
N PRO C 267 39.78 -8.50 -10.28
CA PRO C 267 38.88 -9.00 -9.23
C PRO C 267 37.50 -9.42 -9.78
N CYS C 268 37.00 -8.76 -10.83
CA CYS C 268 35.73 -9.17 -11.43
C CYS C 268 35.77 -10.58 -11.96
N ILE C 269 36.87 -10.92 -12.61
CA ILE C 269 37.05 -12.24 -13.16
C ILE C 269 37.12 -13.30 -12.06
N ALA C 270 37.86 -13.01 -10.99
CA ALA C 270 37.96 -13.93 -9.86
C ALA C 270 36.60 -14.12 -9.20
N ARG C 271 35.88 -13.03 -9.02
CA ARG C 271 34.58 -13.12 -8.36
C ARG C 271 33.60 -13.87 -9.23
N ALA C 272 33.62 -13.58 -10.53
CA ALA C 272 32.74 -14.29 -11.45
C ALA C 272 32.95 -15.79 -11.37
N LYS C 273 34.21 -16.21 -11.27
CA LYS C 273 34.54 -17.63 -11.21
C LYS C 273 34.02 -18.26 -9.93
N ALA C 274 34.16 -17.52 -8.84
CA ALA C 274 33.61 -17.93 -7.54
C ALA C 274 32.09 -18.00 -7.58
N TYR C 275 31.44 -17.07 -8.29
CA TYR C 275 29.97 -17.05 -8.32
C TYR C 275 29.41 -18.06 -9.31
N ALA C 276 30.22 -18.44 -10.30
CA ALA C 276 29.74 -19.28 -11.39
C ALA C 276 28.88 -20.51 -11.05
N PRO C 277 29.30 -21.33 -10.05
CA PRO C 277 28.48 -22.50 -9.71
C PRO C 277 27.12 -22.13 -9.09
N PHE C 278 26.94 -20.87 -8.72
CA PHE C 278 25.73 -20.44 -8.05
C PHE C 278 24.89 -19.48 -8.90
N ALA C 279 25.27 -19.34 -10.18
CA ALA C 279 24.65 -18.35 -11.05
C ALA C 279 24.28 -18.85 -12.45
N ASP C 280 23.02 -18.67 -12.84
CA ASP C 280 22.59 -18.97 -14.22
C ASP C 280 23.18 -17.98 -15.23
N LEU C 281 23.38 -16.74 -14.79
CA LEU C 281 24.06 -15.73 -15.60
C LEU C 281 24.95 -14.88 -14.73
N ILE C 282 26.08 -14.45 -15.32
CA ILE C 282 27.00 -13.56 -14.61
C ILE C 282 27.18 -12.26 -15.38
N TRP C 283 27.29 -11.17 -14.61
CA TRP C 283 27.22 -9.82 -15.13
C TRP C 283 28.25 -9.01 -14.38
N MET C 284 29.15 -8.38 -15.13
CA MET C 284 30.15 -7.51 -14.56
C MET C 284 29.79 -6.08 -14.91
N GLU C 285 29.59 -5.23 -13.91
CA GLU C 285 29.34 -3.82 -14.18
C GLU C 285 30.64 -3.18 -14.70
N THR C 286 30.51 -2.34 -15.73
CA THR C 286 31.67 -1.65 -16.29
C THR C 286 31.44 -0.14 -16.40
N GLY C 287 32.53 0.60 -16.62
CA GLY C 287 32.50 2.05 -16.66
C GLY C 287 32.30 2.64 -18.04
N THR C 288 32.53 1.85 -19.08
CA THR C 288 32.39 2.30 -20.46
C THR C 288 31.88 1.15 -21.30
N PRO C 289 31.15 1.44 -22.39
CA PRO C 289 30.85 0.33 -23.30
C PRO C 289 32.12 0.03 -24.09
N ASP C 290 32.61 -1.21 -24.03
CA ASP C 290 33.91 -1.54 -24.59
C ASP C 290 33.93 -3.02 -24.95
N LEU C 291 33.79 -3.31 -26.24
CA LEU C 291 33.72 -4.69 -26.73
C LEU C 291 34.98 -5.48 -26.40
N GLU C 292 36.08 -4.75 -26.19
CA GLU C 292 37.35 -5.38 -25.91
C GLU C 292 37.38 -5.92 -24.47
N ALA C 293 37.07 -5.02 -23.52
CA ALA C 293 37.00 -5.40 -22.11
C ALA C 293 36.00 -6.54 -21.90
N ALA C 294 34.88 -6.48 -22.59
CA ALA C 294 33.88 -7.52 -22.53
C ALA C 294 34.42 -8.87 -22.96
N ARG C 295 35.22 -8.89 -24.04
CA ARG C 295 35.75 -10.15 -24.55
C ARG C 295 36.75 -10.76 -23.57
N GLN C 296 37.57 -9.88 -22.99
CA GLN C 296 38.51 -10.23 -21.95
C GLN C 296 37.82 -10.96 -20.79
N PHE C 297 36.81 -10.29 -20.23
CA PHE C 297 35.99 -10.88 -19.17
C PHE C 297 35.37 -12.20 -19.65
N SER C 298 34.76 -12.16 -20.83
CA SER C 298 34.03 -13.33 -21.33
C SER C 298 34.94 -14.55 -21.48
N GLU C 299 36.10 -14.32 -22.08
CA GLU C 299 37.06 -15.39 -22.32
C GLU C 299 37.60 -15.99 -21.01
N ALA C 300 37.93 -15.13 -20.05
CA ALA C 300 38.48 -15.60 -18.78
C ALA C 300 37.51 -16.52 -18.04
N VAL C 301 36.22 -16.16 -18.06
CA VAL C 301 35.20 -16.96 -17.38
C VAL C 301 34.93 -18.28 -18.10
N LYS C 302 34.78 -18.20 -19.42
CA LYS C 302 34.46 -19.40 -20.20
C LYS C 302 35.61 -20.40 -20.20
N ALA C 303 36.83 -19.92 -19.96
CA ALA C 303 37.99 -20.80 -19.86
C ALA C 303 37.80 -21.83 -18.75
N GLU C 304 37.11 -21.43 -17.69
CA GLU C 304 36.86 -22.31 -16.55
C GLU C 304 35.46 -22.89 -16.60
N TYR C 305 34.52 -22.09 -17.12
CA TYR C 305 33.12 -22.47 -17.24
C TYR C 305 32.64 -22.20 -18.66
N PRO C 306 32.82 -23.20 -19.55
CA PRO C 306 32.64 -22.94 -20.99
C PRO C 306 31.20 -22.60 -21.34
N ASP C 307 30.24 -23.14 -20.61
CA ASP C 307 28.82 -22.95 -20.92
C ASP C 307 28.15 -21.90 -20.04
N GLN C 308 28.96 -21.13 -19.33
CA GLN C 308 28.41 -20.14 -18.43
C GLN C 308 27.89 -18.96 -19.26
N MET C 309 26.59 -18.70 -19.18
CA MET C 309 26.00 -17.56 -19.89
C MET C 309 26.27 -16.26 -19.14
N LEU C 310 26.33 -15.15 -19.88
CA LEU C 310 26.65 -13.85 -19.30
C LEU C 310 25.55 -12.80 -19.56
N ALA C 311 25.59 -11.69 -18.85
CA ALA C 311 24.64 -10.61 -19.11
C ALA C 311 25.38 -9.29 -19.22
N TYR C 312 24.80 -8.34 -19.95
CA TYR C 312 25.50 -7.06 -20.16
C TYR C 312 24.56 -5.86 -20.04
N ASN C 313 24.95 -4.89 -19.22
CA ASN C 313 24.19 -3.66 -19.04
C ASN C 313 24.60 -2.62 -20.08
N CYS C 314 23.77 -2.45 -21.10
CA CYS C 314 23.96 -1.34 -22.02
C CYS C 314 23.42 -0.09 -21.34
N SER C 315 24.26 0.54 -20.53
CA SER C 315 23.81 1.58 -19.61
C SER C 315 23.75 3.01 -20.17
N PRO C 316 22.59 3.66 -20.00
CA PRO C 316 22.46 5.09 -20.31
C PRO C 316 23.35 5.97 -19.42
N SER C 317 24.00 5.39 -18.43
CA SER C 317 24.94 6.15 -17.60
C SER C 317 26.23 6.39 -18.35
N PHE C 318 26.36 5.71 -19.50
CA PHE C 318 27.45 5.96 -20.44
C PHE C 318 27.06 7.11 -21.37
N ASN C 319 28.01 7.98 -21.67
CA ASN C 319 27.85 8.88 -22.81
C ASN C 319 28.29 8.12 -24.07
N TRP C 320 27.31 7.59 -24.80
CA TRP C 320 27.58 6.68 -25.92
C TRP C 320 28.39 7.27 -27.08
N LYS C 321 28.31 8.59 -27.26
CA LYS C 321 29.02 9.22 -28.37
C LYS C 321 30.40 9.74 -27.98
N LYS C 322 30.64 9.83 -26.67
CA LYS C 322 31.95 10.21 -26.16
C LYS C 322 32.95 9.07 -26.34
N HIS C 323 32.43 7.85 -26.47
CA HIS C 323 33.26 6.65 -26.49
C HIS C 323 33.21 5.87 -27.81
N LEU C 324 32.04 5.78 -28.43
CA LEU C 324 31.89 4.94 -29.62
C LEU C 324 31.45 5.70 -30.87
N ASP C 325 31.43 4.98 -32.00
CA ASP C 325 30.99 5.52 -33.28
C ASP C 325 29.74 4.79 -33.77
N ASP C 326 29.01 5.40 -34.71
CA ASP C 326 27.71 4.86 -35.18
C ASP C 326 27.77 3.40 -35.68
N ALA C 327 28.81 3.07 -36.45
CA ALA C 327 28.96 1.70 -36.98
C ALA C 327 29.07 0.62 -35.89
N THR C 328 29.83 0.90 -34.85
CA THR C 328 30.03 -0.04 -33.75
C THR C 328 28.79 -0.12 -32.84
N ILE C 329 28.18 1.05 -32.61
CA ILE C 329 26.94 1.13 -31.85
C ILE C 329 25.90 0.20 -32.46
N ALA C 330 25.90 0.13 -33.78
CA ALA C 330 24.97 -0.72 -34.52
C ALA C 330 25.25 -2.21 -34.38
N LYS C 331 26.53 -2.58 -34.24
CA LYS C 331 26.93 -3.99 -34.14
C LYS C 331 27.04 -4.48 -32.69
N PHE C 332 27.13 -3.53 -31.76
CA PHE C 332 27.41 -3.78 -30.32
C PHE C 332 26.77 -5.02 -29.69
N GLN C 333 25.45 -5.09 -29.64
CA GLN C 333 24.78 -6.21 -28.97
C GLN C 333 25.05 -7.55 -29.68
N LYS C 334 25.08 -7.50 -31.01
CA LYS C 334 25.29 -8.70 -31.83
C LYS C 334 26.67 -9.31 -31.55
N GLU C 335 27.67 -8.46 -31.42
CA GLU C 335 29.03 -8.89 -31.12
C GLU C 335 29.13 -9.45 -29.70
N LEU C 336 28.46 -8.78 -28.77
CA LEU C 336 28.43 -9.23 -27.39
C LEU C 336 27.81 -10.61 -27.33
N ALA C 337 26.75 -10.81 -28.11
CA ALA C 337 26.02 -12.07 -28.10
C ALA C 337 26.94 -13.22 -28.50
N ALA C 338 27.89 -12.94 -29.38
CA ALA C 338 28.81 -13.97 -29.86
C ALA C 338 29.87 -14.33 -28.80
N MET C 339 30.08 -13.44 -27.83
CA MET C 339 30.99 -13.70 -26.72
C MET C 339 30.30 -14.47 -25.60
N GLY C 340 28.98 -14.62 -25.72
CA GLY C 340 28.20 -15.32 -24.71
C GLY C 340 27.40 -14.41 -23.79
N PHE C 341 27.20 -13.15 -24.16
CA PHE C 341 26.30 -12.31 -23.38
C PHE C 341 24.86 -12.51 -23.87
N LYS C 342 24.17 -13.48 -23.28
CA LYS C 342 22.86 -13.93 -23.77
C LYS C 342 21.65 -13.10 -23.28
N PHE C 343 21.86 -12.29 -22.25
CA PHE C 343 20.85 -11.34 -21.80
C PHE C 343 21.46 -9.95 -21.79
N GLN C 344 20.87 -9.04 -22.56
CA GLN C 344 21.36 -7.67 -22.65
C GLN C 344 20.20 -6.71 -22.46
N PHE C 345 20.46 -5.57 -21.83
CA PHE C 345 19.35 -4.72 -21.42
C PHE C 345 19.83 -3.28 -21.27
N ILE C 346 18.91 -2.34 -21.50
CA ILE C 346 19.16 -0.94 -21.18
C ILE C 346 18.38 -0.57 -19.92
N THR C 347 19.08 -0.53 -18.80
CA THR C 347 18.49 -0.27 -17.47
C THR C 347 17.51 0.89 -17.44
N LEU C 348 17.95 2.07 -17.88
CA LEU C 348 17.18 3.30 -17.69
C LEU C 348 16.37 3.77 -18.90
N ALA C 349 16.03 2.85 -19.80
CA ALA C 349 15.30 3.21 -21.03
C ALA C 349 13.97 3.89 -20.74
N GLY C 350 13.24 3.34 -19.77
CA GLY C 350 11.94 3.88 -19.41
C GLY C 350 12.01 5.28 -18.85
N PHE C 351 12.98 5.52 -17.97
CA PHE C 351 13.16 6.84 -17.37
C PHE C 351 13.33 7.86 -18.48
N HIS C 352 14.31 7.62 -19.34
CA HIS C 352 14.64 8.57 -20.40
C HIS C 352 13.51 8.77 -21.42
N ALA C 353 12.94 7.70 -21.94
CA ALA C 353 11.78 7.81 -22.84
C ALA C 353 10.59 8.60 -22.22
N LEU C 354 10.25 8.30 -20.96
CA LEU C 354 9.15 8.98 -20.28
C LEU C 354 9.50 10.43 -20.03
N ASN C 355 10.68 10.69 -19.46
CA ASN C 355 11.05 12.07 -19.13
C ASN C 355 11.17 12.92 -20.38
N TYR C 356 11.75 12.36 -21.44
CA TYR C 356 11.94 13.13 -22.66
C TYR C 356 10.62 13.46 -23.36
N SER C 357 9.81 12.43 -23.60
CA SER C 357 8.53 12.62 -24.28
C SER C 357 7.67 13.64 -23.56
N MET C 358 7.62 13.57 -22.23
CA MET C 358 6.84 14.56 -21.51
C MET C 358 7.46 15.95 -21.60
N PHE C 359 8.78 16.06 -21.51
CA PHE C 359 9.40 17.37 -21.64
C PHE C 359 9.12 17.97 -23.02
N ASP C 360 9.28 17.16 -24.06
CA ASP C 360 9.09 17.64 -25.42
C ASP C 360 7.65 18.13 -25.60
N LEU C 361 6.70 17.30 -25.16
CA LEU C 361 5.29 17.63 -25.25
C LEU C 361 4.96 18.91 -24.50
N ALA C 362 5.42 18.98 -23.25
CA ALA C 362 5.05 20.09 -22.39
C ALA C 362 5.65 21.40 -22.89
N TYR C 363 6.86 21.32 -23.42
CA TYR C 363 7.56 22.48 -23.97
C TYR C 363 6.77 23.12 -25.11
N GLY C 364 6.41 22.31 -26.09
CA GLY C 364 5.59 22.75 -27.20
C GLY C 364 4.25 23.30 -26.73
N TYR C 365 3.57 22.52 -25.90
CA TYR C 365 2.28 22.91 -25.31
C TYR C 365 2.36 24.33 -24.74
N ALA C 366 3.40 24.60 -23.97
CA ALA C 366 3.60 25.90 -23.35
C ALA C 366 3.59 27.06 -24.36
N GLN C 367 4.20 26.84 -25.52
CA GLN C 367 4.32 27.89 -26.54
C GLN C 367 3.27 27.82 -27.65
N ASN C 368 2.62 26.66 -27.79
CA ASN C 368 1.81 26.40 -28.97
C ASN C 368 0.50 25.68 -28.70
N GLN C 369 0.28 25.33 -27.43
CA GLN C 369 -0.95 24.66 -27.00
C GLN C 369 -1.35 23.46 -27.86
N MET C 370 -2.59 23.45 -28.32
CA MET C 370 -3.16 22.27 -28.97
C MET C 370 -2.41 21.75 -30.22
N SER C 371 -1.67 22.63 -30.88
CA SER C 371 -0.88 22.23 -32.04
C SER C 371 0.14 21.18 -31.64
N ALA C 372 0.84 21.44 -30.53
CA ALA C 372 1.83 20.49 -30.02
C ALA C 372 1.22 19.11 -29.73
N TYR C 373 0.05 19.09 -29.08
CA TYR C 373 -0.56 17.79 -28.83
C TYR C 373 -0.98 17.09 -30.11
N VAL C 374 -1.64 17.84 -31.00
CA VAL C 374 -2.17 17.27 -32.25
C VAL C 374 -1.05 16.54 -33.02
N GLU C 375 0.16 17.07 -32.91
CA GLU C 375 1.32 16.44 -33.54
C GLU C 375 1.58 15.03 -33.00
N LEU C 376 1.52 14.88 -31.67
CA LEU C 376 1.74 13.57 -31.06
C LEU C 376 0.68 12.60 -31.57
N GLN C 377 -0.56 13.08 -31.62
CA GLN C 377 -1.68 12.26 -32.05
C GLN C 377 -1.48 11.77 -33.48
N GLU C 378 -0.88 12.61 -34.32
CA GLU C 378 -0.62 12.26 -35.71
C GLU C 378 0.39 11.13 -35.83
N ARG C 379 1.53 11.28 -35.14
CA ARG C 379 2.55 10.23 -35.07
C ARG C 379 1.97 8.89 -34.61
N GLU C 380 1.03 8.96 -33.66
CA GLU C 380 0.34 7.77 -33.18
C GLU C 380 -0.49 7.13 -34.29
N PHE C 381 -1.21 7.96 -35.03
CA PHE C 381 -1.96 7.49 -36.19
C PHE C 381 -0.97 6.83 -37.17
N ALA C 382 0.10 7.56 -37.47
CA ALA C 382 1.16 7.07 -38.35
C ALA C 382 1.65 5.70 -37.91
N ALA C 383 2.09 5.61 -36.66
CA ALA C 383 2.71 4.40 -36.12
C ALA C 383 1.80 3.16 -36.15
N GLU C 384 0.53 3.36 -36.54
CA GLU C 384 -0.43 2.28 -36.61
C GLU C 384 0.02 1.23 -37.63
N GLU C 385 0.66 1.69 -38.69
CA GLU C 385 1.22 0.78 -39.69
C GLU C 385 2.21 -0.24 -39.11
N ARG C 386 3.00 0.18 -38.12
CA ARG C 386 3.99 -0.71 -37.50
C ARG C 386 3.42 -1.59 -36.36
N GLY C 387 2.15 -1.42 -36.02
CA GLY C 387 1.47 -2.30 -35.06
C GLY C 387 0.88 -1.64 -33.83
N TYR C 388 1.26 -0.39 -33.59
CA TYR C 388 0.79 0.42 -32.47
C TYR C 388 -0.74 0.48 -32.40
N THR C 389 -1.29 0.46 -31.19
CA THR C 389 -2.74 0.38 -31.02
C THR C 389 -3.27 1.36 -29.98
N ALA C 390 -2.36 2.09 -29.35
CA ALA C 390 -2.73 2.88 -28.18
C ALA C 390 -3.56 4.12 -28.50
N THR C 391 -3.59 4.50 -29.78
CA THR C 391 -4.42 5.63 -30.21
C THR C 391 -5.89 5.37 -29.87
N LYS C 392 -6.33 4.12 -30.05
CA LYS C 392 -7.64 3.74 -29.53
C LYS C 392 -7.47 3.36 -28.05
N HIS C 393 -7.28 4.38 -27.21
CA HIS C 393 -6.95 4.18 -25.79
C HIS C 393 -8.01 3.46 -24.97
N GLN C 394 -9.28 3.58 -25.35
CA GLN C 394 -10.33 2.93 -24.57
C GLN C 394 -10.17 1.42 -24.64
N ARG C 395 -10.10 0.88 -25.85
CA ARG C 395 -9.96 -0.56 -26.01
C ARG C 395 -8.59 -1.03 -25.50
N GLU C 396 -7.61 -0.14 -25.51
CA GLU C 396 -6.26 -0.46 -25.04
C GLU C 396 -6.23 -0.79 -23.53
N VAL C 397 -7.05 -0.09 -22.75
CA VAL C 397 -7.08 -0.35 -21.30
C VAL C 397 -8.21 -1.29 -20.87
N GLY C 398 -8.88 -1.90 -21.84
CA GLY C 398 -9.81 -2.98 -21.55
C GLY C 398 -11.31 -2.68 -21.57
N ALA C 399 -11.68 -1.52 -22.08
CA ALA C 399 -13.09 -1.16 -22.18
C ALA C 399 -13.93 -2.24 -22.87
N GLY C 400 -13.38 -2.88 -23.90
CA GLY C 400 -14.12 -3.91 -24.60
C GLY C 400 -14.13 -5.22 -23.84
N TYR C 401 -13.02 -5.51 -23.16
CA TYR C 401 -12.95 -6.69 -22.31
C TYR C 401 -14.00 -6.59 -21.20
N PHE C 402 -14.11 -5.40 -20.61
CA PHE C 402 -15.06 -5.23 -19.52
C PHE C 402 -16.51 -5.20 -19.99
N ASP C 403 -16.75 -4.64 -21.18
CA ASP C 403 -18.07 -4.77 -21.82
C ASP C 403 -18.47 -6.24 -21.96
N ARG C 404 -17.50 -7.08 -22.32
CA ARG C 404 -17.77 -8.51 -22.48
CA ARG C 404 -17.77 -8.51 -22.48
C ARG C 404 -18.13 -9.16 -21.14
N ILE C 405 -17.45 -8.77 -20.07
CA ILE C 405 -17.83 -9.27 -18.75
C ILE C 405 -19.24 -8.79 -18.46
N ALA C 406 -19.49 -7.51 -18.74
CA ALA C 406 -20.78 -6.89 -18.47
C ALA C 406 -21.94 -7.61 -19.18
N THR C 407 -21.74 -7.95 -20.46
CA THR C 407 -22.79 -8.66 -21.22
C THR C 407 -22.85 -10.13 -20.85
N THR C 408 -21.74 -10.69 -20.37
CA THR C 408 -21.73 -12.06 -19.88
C THR C 408 -22.65 -12.18 -18.66
N VAL C 409 -22.54 -11.22 -17.75
CA VAL C 409 -23.40 -11.17 -16.58
C VAL C 409 -24.84 -10.84 -16.98
N ASP C 410 -25.02 -9.82 -17.81
CA ASP C 410 -26.36 -9.46 -18.26
C ASP C 410 -26.32 -8.89 -19.68
N PRO C 411 -26.67 -9.72 -20.68
CA PRO C 411 -26.57 -9.43 -22.12
C PRO C 411 -27.30 -8.14 -22.49
N ASN C 412 -28.31 -7.78 -21.72
CA ASN C 412 -29.18 -6.63 -22.02
C ASN C 412 -28.80 -5.32 -21.34
N SER C 413 -27.67 -5.31 -20.62
CA SER C 413 -27.17 -4.08 -19.97
C SER C 413 -27.21 -2.86 -20.90
N SER C 414 -27.75 -1.77 -20.38
CA SER C 414 -27.80 -0.50 -21.11
C SER C 414 -26.61 0.37 -20.74
N THR C 415 -25.71 -0.19 -19.94
CA THR C 415 -24.61 0.60 -19.40
C THR C 415 -23.25 0.14 -19.90
N THR C 416 -23.18 -0.38 -21.13
CA THR C 416 -21.89 -0.74 -21.73
C THR C 416 -21.15 0.50 -22.25
N ALA C 417 -19.84 0.40 -22.38
CA ALA C 417 -19.00 1.59 -22.55
C ALA C 417 -18.62 1.95 -23.99
N LEU C 418 -18.22 0.94 -24.77
CA LEU C 418 -17.76 1.20 -26.15
C LEU C 418 -18.89 1.61 -27.11
N THR C 419 -20.05 0.96 -27.02
CA THR C 419 -21.20 1.36 -27.84
C THR C 419 -21.60 2.81 -27.53
N GLY C 420 -21.50 3.68 -28.53
CA GLY C 420 -21.83 5.08 -28.36
C GLY C 420 -20.63 5.96 -28.04
N SER C 421 -19.45 5.34 -27.97
CA SER C 421 -18.22 6.07 -27.64
C SER C 421 -17.70 6.92 -28.80
N THR C 422 -17.00 7.99 -28.47
CA THR C 422 -16.28 8.79 -29.46
C THR C 422 -15.10 8.02 -30.05
N GLU C 423 -14.70 6.92 -29.41
CA GLU C 423 -13.70 6.04 -30.00
C GLU C 423 -14.32 5.21 -31.13
N GLU C 424 -15.58 4.84 -30.95
CA GLU C 424 -16.33 4.09 -31.94
C GLU C 424 -16.69 4.96 -33.14
N GLY C 425 -16.99 6.23 -32.88
CA GLY C 425 -17.48 7.14 -33.92
C GLY C 425 -16.44 8.02 -34.59
N GLN C 426 -15.33 8.29 -33.91
CA GLN C 426 -14.30 9.15 -34.50
C GLN C 426 -13.05 8.38 -34.94
N PHE C 427 -12.99 7.10 -34.60
CA PHE C 427 -11.82 6.29 -34.89
C PHE C 427 -12.21 5.05 -35.69
N MET D 1 -1.25 18.30 26.58
CA MET D 1 -1.72 19.67 26.79
C MET D 1 -0.99 20.62 25.85
N SER D 2 -1.71 21.10 24.84
CA SER D 2 -1.11 21.93 23.79
C SER D 2 -2.17 22.76 23.05
N VAL D 3 -1.76 23.91 22.54
CA VAL D 3 -2.66 24.75 21.76
C VAL D 3 -2.26 24.76 20.29
N VAL D 4 -1.23 24.00 19.96
CA VAL D 4 -0.88 23.79 18.56
C VAL D 4 -2.05 23.13 17.83
N GLY D 5 -2.43 23.70 16.69
CA GLY D 5 -3.55 23.20 15.90
C GLY D 5 -4.93 23.39 16.50
N THR D 6 -5.10 24.39 17.38
CA THR D 6 -6.44 24.70 17.90
C THR D 6 -7.27 25.25 16.75
N PRO D 7 -8.53 24.79 16.61
CA PRO D 7 -9.32 25.28 15.47
C PRO D 7 -9.80 26.71 15.70
N LYS D 8 -10.12 27.41 14.62
CA LYS D 8 -10.65 28.77 14.71
C LYS D 8 -12.06 28.71 15.27
N SER D 9 -12.52 29.84 15.79
CA SER D 9 -13.88 29.95 16.29
C SER D 9 -14.83 30.06 15.11
N ALA D 10 -16.10 29.74 15.34
CA ALA D 10 -17.13 29.90 14.32
C ALA D 10 -17.12 31.34 13.77
N GLU D 11 -17.05 32.31 14.68
CA GLU D 11 -17.04 33.73 14.32
C GLU D 11 -15.90 34.08 13.36
N GLN D 12 -14.71 33.55 13.61
CA GLN D 12 -13.57 33.78 12.71
C GLN D 12 -13.81 33.18 11.33
N ILE D 13 -14.31 31.95 11.30
CA ILE D 13 -14.66 31.33 10.04
C ILE D 13 -15.71 32.18 9.32
N GLN D 14 -16.76 32.54 10.06
CA GLN D 14 -17.84 33.36 9.55
C GLN D 14 -17.33 34.65 8.92
N GLN D 15 -16.43 35.33 9.63
CA GLN D 15 -15.80 36.54 9.12
C GLN D 15 -15.09 36.33 7.79
N GLU D 16 -14.38 35.21 7.65
CA GLU D 16 -13.67 34.92 6.41
C GLU D 16 -14.65 34.73 5.26
N TRP D 17 -15.74 34.01 5.52
CA TRP D 17 -16.79 33.79 4.52
C TRP D 17 -17.48 35.10 4.10
N ASP D 18 -17.55 36.05 5.04
CA ASP D 18 -18.22 37.32 4.79
C ASP D 18 -17.35 38.28 3.98
N THR D 19 -16.09 38.38 4.37
CA THR D 19 -15.21 39.45 3.89
C THR D 19 -14.15 39.08 2.83
N ASN D 20 -13.64 37.84 2.89
CA ASN D 20 -12.62 37.38 1.93
C ASN D 20 -13.22 37.16 0.54
N PRO D 21 -12.71 37.91 -0.45
CA PRO D 21 -13.20 37.84 -1.83
C PRO D 21 -13.15 36.43 -2.42
N ARG D 22 -12.32 35.56 -1.84
CA ARG D 22 -12.27 34.16 -2.24
C ARG D 22 -13.67 33.53 -2.24
N TRP D 23 -14.46 33.87 -1.22
CA TRP D 23 -15.78 33.25 -1.03
C TRP D 23 -16.96 34.06 -1.58
N LYS D 24 -16.64 34.94 -2.54
CA LYS D 24 -17.57 35.89 -3.16
C LYS D 24 -18.95 35.30 -3.47
N ASP D 25 -19.09 34.55 -4.56
CA ASP D 25 -20.38 33.92 -4.85
C ASP D 25 -20.32 32.40 -4.58
N VAL D 26 -20.05 32.07 -3.32
CA VAL D 26 -20.03 30.68 -2.84
C VAL D 26 -21.14 30.46 -1.83
N THR D 27 -22.16 29.70 -2.22
CA THR D 27 -23.20 29.32 -1.26
C THR D 27 -22.70 28.14 -0.42
N ARG D 28 -22.88 28.24 0.90
CA ARG D 28 -22.74 27.08 1.80
C ARG D 28 -24.07 26.91 2.54
N THR D 29 -24.72 25.77 2.38
CA THR D 29 -26.03 25.57 3.02
C THR D 29 -25.92 25.17 4.49
N TYR D 30 -24.69 24.88 4.95
CA TYR D 30 -24.43 24.58 6.35
C TYR D 30 -23.78 25.80 7.00
N SER D 31 -23.63 25.75 8.32
CA SER D 31 -23.15 26.93 9.05
C SER D 31 -21.69 26.82 9.45
N ALA D 32 -21.15 27.95 9.92
CA ALA D 32 -19.79 27.97 10.44
C ALA D 32 -19.67 27.10 11.71
N GLU D 33 -20.71 27.07 12.52
CA GLU D 33 -20.71 26.23 13.72
C GLU D 33 -20.74 24.75 13.36
N ASP D 34 -21.41 24.42 12.25
CA ASP D 34 -21.41 23.04 11.75
C ASP D 34 -19.98 22.59 11.39
N VAL D 35 -19.19 23.48 10.79
CA VAL D 35 -17.82 23.13 10.42
C VAL D 35 -17.00 22.86 11.67
N VAL D 36 -17.07 23.78 12.63
CA VAL D 36 -16.29 23.67 13.86
C VAL D 36 -16.67 22.42 14.66
N ALA D 37 -17.93 22.05 14.61
CA ALA D 37 -18.42 20.88 15.33
C ALA D 37 -17.72 19.62 14.84
N LEU D 38 -17.28 19.63 13.59
CA LEU D 38 -16.64 18.44 13.01
C LEU D 38 -15.11 18.40 13.16
N GLN D 39 -14.53 19.42 13.79
CA GLN D 39 -13.07 19.57 13.77
C GLN D 39 -12.31 19.01 14.95
N GLY D 40 -13.00 18.38 15.89
CA GLY D 40 -12.35 17.82 17.05
C GLY D 40 -11.59 18.89 17.82
N SER D 41 -10.52 18.50 18.52
CA SER D 41 -9.73 19.44 19.31
C SER D 41 -8.49 19.88 18.58
N VAL D 42 -8.16 19.20 17.47
CA VAL D 42 -6.96 19.52 16.70
C VAL D 42 -7.21 19.57 15.20
N VAL D 43 -6.71 20.62 14.54
CA VAL D 43 -6.81 20.70 13.10
C VAL D 43 -5.40 20.62 12.51
N GLU D 44 -5.15 19.57 11.73
CA GLU D 44 -3.84 19.41 11.11
C GLU D 44 -3.64 20.45 10.02
N GLU D 45 -2.44 21.02 9.96
CA GLU D 45 -2.13 21.95 8.88
C GLU D 45 -1.87 21.20 7.59
N HIS D 46 -2.39 21.71 6.47
CA HIS D 46 -2.17 21.06 5.18
C HIS D 46 -1.47 22.04 4.24
N THR D 47 -0.17 22.20 4.49
CA THR D 47 0.66 23.21 3.85
C THR D 47 0.57 23.21 2.33
N LEU D 48 0.77 22.06 1.70
CA LEU D 48 0.77 22.00 0.24
C LEU D 48 -0.61 22.20 -0.38
N ALA D 49 -1.64 21.76 0.32
CA ALA D 49 -3.01 21.95 -0.15
C ALA D 49 -3.42 23.43 -0.06
N ARG D 50 -3.03 24.07 1.03
CA ARG D 50 -3.34 25.49 1.22
C ARG D 50 -2.58 26.30 0.17
N ARG D 51 -1.28 26.05 0.07
CA ARG D 51 -0.41 26.79 -0.83
C ARG D 51 -0.88 26.61 -2.26
N GLY D 52 -1.02 25.35 -2.67
CA GLY D 52 -1.50 25.07 -4.01
C GLY D 52 -2.84 25.70 -4.31
N ALA D 53 -3.79 25.62 -3.38
CA ALA D 53 -5.11 26.17 -3.67
C ALA D 53 -5.07 27.69 -3.78
N GLU D 54 -4.32 28.33 -2.88
CA GLU D 54 -4.16 29.79 -2.95
C GLU D 54 -3.49 30.21 -4.27
N VAL D 55 -2.33 29.63 -4.56
CA VAL D 55 -1.62 29.89 -5.81
C VAL D 55 -2.53 29.70 -7.03
N LEU D 56 -3.30 28.60 -7.06
CA LEU D 56 -4.14 28.29 -8.21
C LEU D 56 -5.23 29.33 -8.41
N TRP D 57 -5.83 29.79 -7.31
CA TRP D 57 -6.91 30.76 -7.38
C TRP D 57 -6.38 32.05 -7.99
N GLU D 58 -5.18 32.45 -7.58
CA GLU D 58 -4.52 33.63 -8.14
C GLU D 58 -4.24 33.51 -9.65
N GLN D 59 -3.60 32.42 -10.04
CA GLN D 59 -3.28 32.16 -11.44
C GLN D 59 -4.53 32.20 -12.32
N LEU D 60 -5.63 31.66 -11.82
CA LEU D 60 -6.88 31.64 -12.58
C LEU D 60 -7.39 33.06 -12.86
N HIS D 61 -6.96 34.00 -12.02
CA HIS D 61 -7.35 35.40 -12.18
C HIS D 61 -6.27 36.27 -12.83
N ASP D 62 -5.02 36.12 -12.38
CA ASP D 62 -3.88 36.90 -12.90
C ASP D 62 -3.45 36.53 -14.30
N LEU D 63 -3.79 35.31 -14.72
CA LEU D 63 -3.29 34.77 -15.98
C LEU D 63 -4.39 34.71 -17.03
N GLU D 64 -3.99 34.56 -18.29
CA GLU D 64 -4.93 34.63 -19.41
C GLU D 64 -5.83 33.41 -19.42
N TRP D 65 -5.21 32.26 -19.21
CA TRP D 65 -5.88 31.06 -18.73
C TRP D 65 -4.79 30.18 -18.15
N VAL D 66 -5.19 29.15 -17.40
CA VAL D 66 -4.23 28.19 -16.88
C VAL D 66 -4.45 26.91 -17.64
N ASN D 67 -3.38 26.41 -18.27
CA ASN D 67 -3.50 25.11 -18.93
C ASN D 67 -2.58 24.05 -18.33
N ALA D 68 -2.87 22.79 -18.63
CA ALA D 68 -2.24 21.68 -17.93
C ALA D 68 -2.35 20.42 -18.77
N LEU D 69 -1.45 19.46 -18.49
CA LEU D 69 -1.46 18.15 -19.14
C LEU D 69 -1.62 17.09 -18.05
N GLY D 70 -2.30 15.99 -18.37
CA GLY D 70 -2.44 14.90 -17.43
C GLY D 70 -1.10 14.26 -17.09
N ALA D 71 -0.77 14.21 -15.80
CA ALA D 71 0.43 13.53 -15.34
C ALA D 71 0.04 12.26 -14.61
N LEU D 72 0.84 11.20 -14.71
CA LEU D 72 0.54 9.98 -13.98
C LEU D 72 1.72 9.44 -13.18
N THR D 73 2.91 10.00 -13.42
CA THR D 73 4.04 9.75 -12.54
C THR D 73 4.63 11.07 -12.04
N GLY D 74 5.44 10.97 -11.01
CA GLY D 74 6.12 12.13 -10.44
C GLY D 74 7.11 12.79 -11.39
N ASN D 75 7.86 12.00 -12.15
CA ASN D 75 8.84 12.56 -13.08
C ASN D 75 8.09 13.38 -14.14
N MET D 76 6.93 12.85 -14.52
CA MET D 76 6.09 13.40 -15.57
C MET D 76 5.67 14.81 -15.20
N ALA D 77 5.33 15.00 -13.92
CA ALA D 77 4.95 16.34 -13.44
C ALA D 77 6.16 17.28 -13.37
N VAL D 78 7.31 16.74 -12.96
CA VAL D 78 8.53 17.55 -12.92
C VAL D 78 8.88 18.09 -14.31
N GLN D 79 8.71 17.27 -15.35
CA GLN D 79 9.05 17.68 -16.72
C GLN D 79 8.05 18.70 -17.22
N GLN D 80 6.81 18.59 -16.76
CA GLN D 80 5.77 19.55 -17.13
C GLN D 80 6.10 20.95 -16.62
N VAL D 81 6.51 21.03 -15.37
CA VAL D 81 6.85 22.31 -14.77
C VAL D 81 8.14 22.83 -15.39
N ARG D 82 9.16 21.97 -15.47
CA ARG D 82 10.43 22.32 -16.11
C ARG D 82 10.24 22.95 -17.50
N ALA D 83 9.20 22.51 -18.20
CA ALA D 83 8.93 23.01 -19.54
C ALA D 83 8.12 24.31 -19.53
N GLY D 84 7.86 24.83 -18.33
CA GLY D 84 7.17 26.10 -18.18
C GLY D 84 5.70 26.03 -17.78
N LEU D 85 5.13 24.83 -17.73
CA LEU D 85 3.71 24.70 -17.38
C LEU D 85 3.44 25.15 -15.95
N LYS D 86 2.24 25.68 -15.71
CA LYS D 86 1.97 26.35 -14.44
C LYS D 86 1.07 25.55 -13.51
N ALA D 87 0.49 24.48 -14.02
CA ALA D 87 -0.42 23.64 -13.24
C ALA D 87 -0.32 22.21 -13.74
N ILE D 88 -0.72 21.28 -12.88
CA ILE D 88 -0.69 19.86 -13.22
C ILE D 88 -2.09 19.30 -13.13
N TYR D 89 -2.45 18.45 -14.09
CA TYR D 89 -3.76 17.82 -14.05
C TYR D 89 -3.59 16.34 -13.75
N LEU D 90 -4.41 15.83 -12.83
CA LEU D 90 -4.32 14.44 -12.44
C LEU D 90 -5.56 13.72 -12.92
N SER D 91 -5.36 12.94 -13.98
CA SER D 91 -6.43 12.22 -14.64
C SER D 91 -6.77 10.90 -13.96
N GLY D 92 -8.06 10.72 -13.66
CA GLY D 92 -8.57 9.45 -13.16
C GLY D 92 -8.52 8.35 -14.21
N TRP D 93 -8.76 8.72 -15.46
CA TRP D 93 -8.65 7.77 -16.57
C TRP D 93 -7.24 7.16 -16.59
N GLN D 94 -6.24 8.01 -16.41
CA GLN D 94 -4.85 7.58 -16.42
C GLN D 94 -4.48 6.73 -15.20
N VAL D 95 -5.02 7.09 -14.04
CA VAL D 95 -4.84 6.25 -12.84
C VAL D 95 -5.43 4.87 -13.10
N ALA D 96 -6.63 4.85 -13.67
CA ALA D 96 -7.28 3.60 -14.02
C ALA D 96 -6.43 2.77 -14.97
N GLY D 97 -5.88 3.42 -16.01
CA GLY D 97 -5.11 2.72 -17.00
C GLY D 97 -3.74 2.21 -16.57
N ASP D 98 -3.04 2.96 -15.74
CA ASP D 98 -1.61 2.66 -15.53
C ASP D 98 -1.04 3.06 -14.16
N ALA D 99 -1.87 3.44 -13.21
CA ALA D 99 -1.31 3.94 -11.95
C ALA D 99 -2.25 3.90 -10.75
N ASN D 100 -2.93 2.78 -10.54
CA ASN D 100 -3.83 2.66 -9.38
C ASN D 100 -3.44 1.55 -8.41
N LEU D 101 -4.00 1.57 -7.22
CA LEU D 101 -3.54 0.70 -6.15
C LEU D 101 -3.97 -0.76 -6.22
N SER D 102 -4.79 -1.14 -7.19
CA SER D 102 -5.14 -2.56 -7.36
C SER D 102 -4.02 -3.25 -8.14
N GLY D 103 -3.21 -2.44 -8.81
CA GLY D 103 -2.16 -2.92 -9.69
C GLY D 103 -2.66 -3.35 -11.06
N HIS D 104 -3.96 -3.25 -11.31
CA HIS D 104 -4.53 -3.71 -12.59
C HIS D 104 -4.74 -2.62 -13.63
N THR D 105 -4.87 -3.02 -14.89
CA THR D 105 -5.24 -2.09 -15.96
C THR D 105 -6.77 -2.05 -16.09
N TYR D 106 -7.33 -0.85 -16.00
CA TYR D 106 -8.77 -0.72 -16.02
C TYR D 106 -9.25 0.34 -17.02
N PRO D 107 -10.46 0.12 -17.56
CA PRO D 107 -11.16 1.24 -18.23
C PRO D 107 -11.68 2.21 -17.19
N ASP D 108 -12.10 3.37 -17.67
CA ASP D 108 -12.41 4.49 -16.80
C ASP D 108 -13.85 4.36 -16.32
N GLN D 109 -14.04 3.50 -15.32
CA GLN D 109 -15.36 3.17 -14.83
C GLN D 109 -15.41 3.09 -13.29
N SER D 110 -14.54 3.84 -12.63
CA SER D 110 -14.43 3.86 -11.17
C SER D 110 -14.28 2.47 -10.59
N LEU D 111 -13.36 1.70 -11.18
CA LEU D 111 -13.11 0.33 -10.76
C LEU D 111 -11.99 0.24 -9.74
N TYR D 112 -11.13 1.26 -9.69
CA TYR D 112 -9.91 1.18 -8.90
C TYR D 112 -10.17 1.61 -7.45
N PRO D 113 -9.25 1.31 -6.53
CA PRO D 113 -9.49 1.70 -5.13
C PRO D 113 -9.51 3.22 -4.93
N ALA D 114 -10.47 3.66 -4.14
CA ALA D 114 -10.78 5.09 -4.00
C ALA D 114 -9.64 5.98 -3.49
N ASN D 115 -8.64 5.41 -2.83
CA ASN D 115 -7.48 6.20 -2.41
C ASN D 115 -6.36 6.29 -3.46
N SER D 116 -6.64 5.79 -4.66
CA SER D 116 -5.62 5.75 -5.71
C SER D 116 -5.21 7.14 -6.19
N VAL D 117 -6.18 8.02 -6.44
CA VAL D 117 -5.81 9.35 -6.90
C VAL D 117 -5.08 10.16 -5.82
N PRO D 118 -5.56 10.13 -4.56
CA PRO D 118 -4.76 10.76 -3.50
C PRO D 118 -3.30 10.32 -3.46
N GLN D 119 -3.02 9.05 -3.71
CA GLN D 119 -1.64 8.59 -3.67
C GLN D 119 -0.77 9.24 -4.75
N VAL D 120 -1.34 9.38 -5.95
CA VAL D 120 -0.62 10.02 -7.05
C VAL D 120 -0.42 11.52 -6.79
N VAL D 121 -1.42 12.17 -6.18
CA VAL D 121 -1.26 13.55 -5.70
C VAL D 121 -0.07 13.67 -4.75
N ARG D 122 0.02 12.77 -3.77
CA ARG D 122 1.14 12.81 -2.84
C ARG D 122 2.47 12.59 -3.57
N ARG D 123 2.48 11.64 -4.49
CA ARG D 123 3.67 11.32 -5.28
C ARG D 123 4.14 12.51 -6.11
N ILE D 124 3.18 13.13 -6.80
CA ILE D 124 3.47 14.30 -7.62
C ILE D 124 4.05 15.40 -6.74
N ASN D 125 3.42 15.69 -5.60
CA ASN D 125 4.00 16.66 -4.68
C ASN D 125 5.40 16.28 -4.18
N ASN D 126 5.62 15.00 -3.88
CA ASN D 126 6.95 14.55 -3.49
C ASN D 126 7.98 14.82 -4.61
N ALA D 127 7.63 14.43 -5.82
CA ALA D 127 8.50 14.62 -6.98
C ALA D 127 8.88 16.09 -7.21
N LEU D 128 7.88 16.97 -7.19
CA LEU D 128 8.13 18.41 -7.32
C LEU D 128 8.98 18.94 -6.16
N GLN D 129 8.75 18.43 -4.95
CA GLN D 129 9.55 18.84 -3.80
C GLN D 129 11.01 18.44 -3.96
N ARG D 130 11.24 17.28 -4.57
CA ARG D 130 12.62 16.82 -4.77
C ARG D 130 13.30 17.77 -5.75
N ALA D 131 12.60 18.10 -6.83
CA ALA D 131 13.15 18.99 -7.86
C ALA D 131 13.42 20.36 -7.28
N ASP D 132 12.48 20.85 -6.47
CA ASP D 132 12.69 22.10 -5.73
C ASP D 132 13.96 22.04 -4.87
N GLN D 133 14.13 20.95 -4.12
CA GLN D 133 15.32 20.74 -3.28
C GLN D 133 16.65 20.68 -4.04
N ILE D 134 16.62 20.07 -5.21
CA ILE D 134 17.84 19.91 -6.01
C ILE D 134 18.22 21.27 -6.60
N ALA D 135 17.21 21.94 -7.17
CA ALA D 135 17.41 23.24 -7.82
C ALA D 135 17.97 24.26 -6.85
N LYS D 136 17.53 24.18 -5.60
CA LYS D 136 17.99 25.11 -4.59
C LYS D 136 19.46 24.85 -4.26
N ILE D 137 19.83 23.58 -4.31
CA ILE D 137 21.21 23.18 -4.03
C ILE D 137 22.11 23.41 -5.25
N GLU D 138 21.53 23.38 -6.44
CA GLU D 138 22.28 23.63 -7.68
C GLU D 138 22.23 25.09 -8.11
N GLY D 139 21.58 25.94 -7.31
CA GLY D 139 21.41 27.34 -7.67
C GLY D 139 20.57 27.60 -8.92
N ASP D 140 19.82 26.61 -9.37
CA ASP D 140 18.93 26.75 -10.51
C ASP D 140 17.67 27.54 -10.12
N THR D 141 17.53 28.75 -10.65
CA THR D 141 16.35 29.58 -10.38
C THR D 141 15.50 29.78 -11.62
N SER D 142 15.71 28.94 -12.64
CA SER D 142 14.96 29.02 -13.89
C SER D 142 13.46 28.73 -13.74
N VAL D 143 13.10 27.99 -12.69
CA VAL D 143 11.69 27.77 -12.35
C VAL D 143 11.37 28.49 -11.04
N GLU D 144 10.41 29.39 -11.10
CA GLU D 144 10.08 30.22 -9.95
C GLU D 144 9.34 29.42 -8.90
N ASN D 145 8.35 28.64 -9.34
CA ASN D 145 7.54 27.82 -8.43
C ASN D 145 7.54 26.35 -8.83
N TRP D 146 8.30 25.53 -8.12
CA TRP D 146 8.29 24.09 -8.40
C TRP D 146 6.95 23.44 -8.02
N LEU D 147 6.38 23.89 -6.92
CA LEU D 147 5.14 23.32 -6.43
C LEU D 147 3.93 23.91 -7.17
N ALA D 148 3.79 23.55 -8.45
CA ALA D 148 2.63 23.93 -9.23
C ALA D 148 1.39 23.32 -8.59
N PRO D 149 0.24 24.01 -8.69
CA PRO D 149 -0.99 23.46 -8.12
C PRO D 149 -1.44 22.24 -8.90
N ILE D 150 -2.03 21.29 -8.17
CA ILE D 150 -2.48 20.03 -8.75
C ILE D 150 -3.99 20.02 -8.76
N VAL D 151 -4.59 19.79 -9.93
CA VAL D 151 -6.03 19.65 -10.00
C VAL D 151 -6.33 18.19 -10.28
N ALA D 152 -7.11 17.59 -9.39
CA ALA D 152 -7.32 16.14 -9.44
C ALA D 152 -8.75 15.68 -9.70
N ASP D 153 -8.86 14.51 -10.29
CA ASP D 153 -10.12 13.90 -10.69
C ASP D 153 -10.77 13.22 -9.47
N GLY D 154 -11.93 13.72 -9.04
CA GLY D 154 -12.68 13.09 -7.96
C GLY D 154 -13.74 12.13 -8.48
N GLU D 155 -13.77 11.99 -9.81
CA GLU D 155 -14.74 11.15 -10.51
C GLU D 155 -16.15 11.39 -9.98
N ALA D 156 -16.90 10.32 -9.72
CA ALA D 156 -18.24 10.46 -9.16
C ALA D 156 -18.22 10.23 -7.65
N GLY D 157 -17.04 10.31 -7.05
CA GLY D 157 -16.92 10.28 -5.61
C GLY D 157 -16.92 8.91 -4.96
N PHE D 158 -16.98 7.85 -5.78
CA PHE D 158 -16.93 6.46 -5.29
C PHE D 158 -18.06 6.06 -4.31
N GLY D 159 -19.23 6.66 -4.47
CA GLY D 159 -20.36 6.30 -3.65
C GLY D 159 -21.23 7.50 -3.37
N GLY D 160 -21.62 7.67 -2.10
CA GLY D 160 -22.50 8.76 -1.70
C GLY D 160 -21.74 9.94 -1.13
N ALA D 161 -22.45 10.82 -0.43
CA ALA D 161 -21.84 12.06 0.07
C ALA D 161 -20.68 11.82 1.02
N LEU D 162 -20.71 10.71 1.75
CA LEU D 162 -19.64 10.42 2.70
C LEU D 162 -18.41 9.91 1.97
N ASN D 163 -18.60 9.17 0.86
CA ASN D 163 -17.44 8.74 0.07
C ASN D 163 -16.78 9.97 -0.58
N VAL D 164 -17.61 10.85 -1.11
CA VAL D 164 -17.11 12.14 -1.61
C VAL D 164 -16.30 12.89 -0.55
N TYR D 165 -16.86 12.99 0.65
CA TYR D 165 -16.21 13.68 1.76
C TYR D 165 -14.81 13.09 2.00
N GLU D 166 -14.73 11.77 2.14
CA GLU D 166 -13.44 11.14 2.41
C GLU D 166 -12.45 11.28 1.28
N LEU D 167 -12.92 11.24 0.03
CA LEU D 167 -12.00 11.39 -1.11
C LEU D 167 -11.41 12.81 -1.11
N GLN D 168 -12.26 13.81 -0.90
CA GLN D 168 -11.78 15.18 -0.84
C GLN D 168 -10.79 15.38 0.30
N LYS D 169 -11.09 14.81 1.46
CA LYS D 169 -10.20 14.89 2.61
C LYS D 169 -8.85 14.23 2.32
N ALA D 170 -8.88 13.06 1.67
CA ALA D 170 -7.63 12.38 1.33
C ALA D 170 -6.84 13.19 0.29
N LEU D 171 -7.54 13.83 -0.64
CA LEU D 171 -6.87 14.64 -1.66
C LEU D 171 -6.10 15.81 -1.05
N ILE D 172 -6.71 16.43 -0.05
CA ILE D 172 -6.16 17.55 0.71
C ILE D 172 -4.98 17.15 1.58
N ALA D 173 -5.11 16.01 2.27
CA ALA D 173 -3.98 15.49 3.04
C ALA D 173 -2.77 15.31 2.13
N ALA D 174 -3.04 14.97 0.86
CA ALA D 174 -1.99 14.68 -0.11
C ALA D 174 -1.41 15.95 -0.73
N GLY D 175 -2.12 17.07 -0.59
CA GLY D 175 -1.67 18.36 -1.09
C GLY D 175 -2.30 18.81 -2.41
N VAL D 176 -3.54 18.40 -2.66
CA VAL D 176 -4.23 18.82 -3.87
C VAL D 176 -4.59 20.31 -3.80
N ALA D 177 -4.67 20.96 -4.95
CA ALA D 177 -5.08 22.38 -5.01
C ALA D 177 -6.52 22.50 -5.45
N GLY D 178 -6.95 21.61 -6.33
CA GLY D 178 -8.32 21.63 -6.79
C GLY D 178 -8.79 20.23 -7.08
N SER D 179 -10.11 20.05 -7.15
CA SER D 179 -10.69 18.74 -7.43
C SER D 179 -12.00 18.90 -8.17
N HIS D 180 -12.25 18.00 -9.12
CA HIS D 180 -13.50 18.04 -9.88
C HIS D 180 -14.41 16.85 -9.64
N TRP D 181 -15.72 17.10 -9.76
CA TRP D 181 -16.75 16.12 -9.39
C TRP D 181 -17.87 16.09 -10.44
N GLU D 182 -18.21 14.91 -10.93
CA GLU D 182 -19.17 14.80 -12.03
C GLU D 182 -20.52 14.20 -11.63
N ASP D 183 -21.55 14.57 -12.39
CA ASP D 183 -22.93 14.15 -12.05
C ASP D 183 -23.36 12.81 -12.64
N GLN D 184 -22.50 11.80 -12.48
CA GLN D 184 -22.81 10.42 -12.87
C GLN D 184 -23.08 9.51 -11.68
N LEU D 185 -23.80 8.41 -11.92
CA LEU D 185 -23.95 7.36 -10.92
C LEU D 185 -22.62 6.63 -10.78
N ALA D 186 -22.00 6.70 -9.59
CA ALA D 186 -20.66 6.12 -9.42
C ALA D 186 -20.61 4.64 -9.83
N SER D 187 -21.66 3.89 -9.49
CA SER D 187 -21.68 2.45 -9.78
C SER D 187 -21.71 2.14 -11.29
N GLU D 188 -21.88 3.18 -12.12
CA GLU D 188 -21.92 3.00 -13.57
C GLU D 188 -21.08 4.04 -14.27
N LYS D 189 -20.12 4.62 -13.53
CA LYS D 189 -19.34 5.75 -14.02
C LYS D 189 -18.62 5.40 -15.34
N LYS D 190 -18.50 6.40 -16.22
CA LYS D 190 -17.76 6.28 -17.48
C LYS D 190 -16.95 7.54 -17.69
N CYS D 191 -15.81 7.40 -18.38
CA CYS D 191 -15.13 8.58 -18.90
C CYS D 191 -16.15 9.36 -19.74
N GLY D 192 -16.01 10.68 -19.77
CA GLY D 192 -16.99 11.51 -20.47
C GLY D 192 -17.26 11.12 -21.91
N HIS D 193 -16.27 10.47 -22.54
CA HIS D 193 -16.36 10.14 -23.95
C HIS D 193 -16.57 8.66 -24.24
N LEU D 194 -16.92 7.91 -23.21
CA LEU D 194 -17.52 6.59 -23.39
C LEU D 194 -19.04 6.76 -23.38
N GLY D 195 -19.76 5.72 -23.73
CA GLY D 195 -21.21 5.75 -23.67
C GLY D 195 -21.69 4.89 -22.52
N GLY D 196 -23.00 4.67 -22.45
CA GLY D 196 -23.58 3.91 -21.35
C GLY D 196 -23.51 4.72 -20.07
N LYS D 197 -23.64 6.04 -20.19
CA LYS D 197 -23.54 6.95 -19.04
C LYS D 197 -24.89 7.12 -18.35
N VAL D 198 -24.86 7.29 -17.03
CA VAL D 198 -26.08 7.50 -16.26
C VAL D 198 -25.91 8.71 -15.34
N LEU D 199 -26.81 9.68 -15.48
CA LEU D 199 -26.84 10.85 -14.63
C LEU D 199 -27.52 10.51 -13.32
N ILE D 200 -27.18 11.28 -12.29
CA ILE D 200 -27.92 11.27 -11.04
C ILE D 200 -28.70 12.59 -11.00
N PRO D 201 -29.73 12.68 -10.14
CA PRO D 201 -30.54 13.91 -10.10
C PRO D 201 -29.71 15.16 -9.81
N THR D 202 -30.13 16.30 -10.33
CA THR D 202 -29.44 17.56 -10.08
C THR D 202 -29.14 17.82 -8.60
N GLN D 203 -30.13 17.67 -7.74
CA GLN D 203 -29.93 17.91 -6.31
C GLN D 203 -28.88 16.96 -5.69
N GLN D 204 -28.84 15.73 -6.21
CA GLN D 204 -27.82 14.78 -5.74
C GLN D 204 -26.42 15.29 -6.04
N HIS D 205 -26.24 15.95 -7.19
CA HIS D 205 -24.91 16.50 -7.45
C HIS D 205 -24.57 17.70 -6.57
N ILE D 206 -25.58 18.48 -6.23
CA ILE D 206 -25.41 19.62 -5.33
C ILE D 206 -24.91 19.13 -3.98
N ARG D 207 -25.52 18.03 -3.54
CA ARG D 207 -25.08 17.31 -2.36
C ARG D 207 -23.59 16.98 -2.47
N THR D 208 -23.18 16.39 -3.59
CA THR D 208 -21.78 16.08 -3.82
C THR D 208 -20.87 17.30 -3.67
N LEU D 209 -21.27 18.41 -4.30
CA LEU D 209 -20.43 19.62 -4.29
C LEU D 209 -20.40 20.24 -2.92
N THR D 210 -21.51 20.12 -2.21
CA THR D 210 -21.60 20.62 -0.85
C THR D 210 -20.68 19.79 0.04
N SER D 211 -20.75 18.47 -0.10
CA SER D 211 -19.86 17.60 0.67
C SER D 211 -18.38 17.92 0.38
N ALA D 212 -18.03 18.12 -0.89
CA ALA D 212 -16.63 18.40 -1.22
C ALA D 212 -16.17 19.72 -0.57
N ARG D 213 -17.07 20.71 -0.54
CA ARG D 213 -16.73 21.97 0.10
C ARG D 213 -16.63 21.80 1.62
N LEU D 214 -17.55 21.03 2.19
CA LEU D 214 -17.51 20.78 3.62
C LEU D 214 -16.18 20.18 4.05
N ALA D 215 -15.68 19.20 3.28
CA ALA D 215 -14.43 18.55 3.66
C ALA D 215 -13.27 19.54 3.63
N ALA D 216 -13.27 20.41 2.63
CA ALA D 216 -12.24 21.44 2.53
C ALA D 216 -12.33 22.45 3.68
N ASP D 217 -13.55 22.87 4.02
CA ASP D 217 -13.77 23.74 5.18
C ASP D 217 -13.32 23.11 6.50
N VAL D 218 -13.74 21.86 6.76
CA VAL D 218 -13.31 21.16 7.96
C VAL D 218 -11.80 21.06 7.99
N ALA D 219 -11.20 20.86 6.82
CA ALA D 219 -9.74 20.75 6.74
C ALA D 219 -9.10 22.13 6.72
N ASP D 220 -9.94 23.17 6.71
CA ASP D 220 -9.49 24.57 6.72
C ASP D 220 -8.52 24.95 5.60
N VAL D 221 -8.83 24.52 4.38
CA VAL D 221 -8.07 24.94 3.20
C VAL D 221 -9.02 25.34 2.08
N PRO D 222 -8.65 26.39 1.33
CA PRO D 222 -9.51 26.97 0.29
C PRO D 222 -9.52 26.19 -1.02
N THR D 223 -9.63 24.86 -0.94
CA THR D 223 -9.56 24.00 -2.12
C THR D 223 -10.51 24.44 -3.23
N VAL D 224 -10.01 24.46 -4.46
CA VAL D 224 -10.85 24.79 -5.61
C VAL D 224 -11.76 23.62 -6.01
N VAL D 225 -13.06 23.87 -5.98
CA VAL D 225 -14.08 22.87 -6.26
C VAL D 225 -14.64 23.06 -7.66
N ILE D 226 -14.52 22.03 -8.49
CA ILE D 226 -14.96 22.07 -9.88
C ILE D 226 -16.14 21.12 -10.09
N ALA D 227 -17.21 21.61 -10.74
CA ALA D 227 -18.32 20.74 -11.07
C ALA D 227 -18.29 20.41 -12.55
N ARG D 228 -18.49 19.13 -12.88
CA ARG D 228 -18.60 18.71 -14.27
C ARG D 228 -19.97 18.09 -14.52
N THR D 229 -20.61 18.46 -15.62
CA THR D 229 -21.83 17.78 -16.00
C THR D 229 -21.57 16.91 -17.23
N ASP D 230 -22.20 15.75 -17.24
CA ASP D 230 -22.09 14.80 -18.34
C ASP D 230 -23.41 14.68 -19.07
N ALA D 231 -24.21 15.75 -19.02
CA ALA D 231 -25.55 15.72 -19.61
C ALA D 231 -25.63 15.82 -21.15
N GLU D 232 -24.53 16.18 -21.80
CA GLU D 232 -24.53 16.30 -23.27
C GLU D 232 -24.79 14.99 -24.00
N ALA D 233 -24.19 13.89 -23.52
CA ALA D 233 -24.35 12.60 -24.18
C ALA D 233 -25.14 11.55 -23.40
N ALA D 234 -25.14 11.66 -22.08
CA ALA D 234 -25.91 10.74 -21.23
C ALA D 234 -27.38 10.69 -21.64
N THR D 235 -27.89 9.49 -21.88
CA THR D 235 -29.28 9.31 -22.26
C THR D 235 -30.07 8.63 -21.13
N LEU D 236 -29.43 8.53 -19.97
CA LEU D 236 -30.01 7.85 -18.82
C LEU D 236 -29.83 8.66 -17.54
N ILE D 237 -30.75 8.48 -16.60
CA ILE D 237 -30.69 9.13 -15.31
C ILE D 237 -31.33 8.20 -14.30
N THR D 238 -30.82 8.21 -13.07
CA THR D 238 -31.25 7.23 -12.07
C THR D 238 -32.70 7.43 -11.65
N SER D 239 -33.16 8.67 -11.66
CA SER D 239 -34.50 8.97 -11.16
C SER D 239 -35.05 10.26 -11.76
N ASP D 240 -36.38 10.38 -11.76
CA ASP D 240 -37.05 11.59 -12.26
C ASP D 240 -37.53 12.47 -11.10
N VAL D 241 -36.97 12.23 -9.92
CA VAL D 241 -37.41 12.88 -8.69
C VAL D 241 -37.22 14.40 -8.68
N ASP D 242 -36.14 14.89 -9.30
CA ASP D 242 -35.84 16.32 -9.29
C ASP D 242 -36.60 17.04 -10.42
N GLU D 243 -37.46 17.98 -10.05
CA GLU D 243 -38.27 18.71 -11.04
C GLU D 243 -37.42 19.46 -12.09
N ARG D 244 -36.18 19.81 -11.76
CA ARG D 244 -35.32 20.45 -12.76
C ARG D 244 -34.91 19.45 -13.84
N ASP D 245 -35.04 18.16 -13.55
CA ASP D 245 -34.66 17.12 -14.49
C ASP D 245 -35.85 16.60 -15.33
N GLN D 246 -37.06 16.72 -14.78
CA GLN D 246 -38.27 16.22 -15.43
C GLN D 246 -38.54 16.71 -16.88
N PRO D 247 -38.17 17.97 -17.23
CA PRO D 247 -38.38 18.41 -18.61
C PRO D 247 -37.73 17.49 -19.65
N PHE D 248 -36.63 16.84 -19.27
CA PHE D 248 -35.85 16.05 -20.21
C PHE D 248 -36.19 14.55 -20.19
N ILE D 249 -36.97 14.13 -19.19
CA ILE D 249 -37.44 12.75 -19.08
C ILE D 249 -38.38 12.41 -20.24
N THR D 250 -38.13 11.29 -20.93
CA THR D 250 -38.96 10.87 -22.06
C THR D 250 -40.10 9.95 -21.61
N GLY D 251 -39.92 9.27 -20.49
CA GLY D 251 -40.94 8.35 -20.00
C GLY D 251 -40.55 6.89 -20.16
N GLU D 252 -39.76 6.59 -21.18
CA GLU D 252 -39.25 5.24 -21.38
C GLU D 252 -38.28 4.85 -20.27
N ARG D 253 -38.30 3.58 -19.87
CA ARG D 253 -37.38 3.07 -18.86
C ARG D 253 -36.59 1.85 -19.37
N THR D 254 -35.62 1.39 -18.58
CA THR D 254 -34.86 0.20 -18.92
C THR D 254 -35.26 -0.94 -18.00
N ARG D 255 -34.76 -2.14 -18.28
CA ARG D 255 -34.98 -3.26 -17.38
C ARG D 255 -34.28 -3.05 -16.04
N GLU D 256 -33.27 -2.18 -16.00
CA GLU D 256 -32.58 -1.86 -14.75
C GLU D 256 -33.30 -0.79 -13.94
N GLY D 257 -34.29 -0.14 -14.56
CA GLY D 257 -35.09 0.84 -13.84
C GLY D 257 -34.67 2.27 -14.10
N PHE D 258 -33.64 2.47 -14.92
CA PHE D 258 -33.17 3.82 -15.22
C PHE D 258 -34.23 4.56 -16.03
N TYR D 259 -34.15 5.89 -16.05
CA TYR D 259 -35.07 6.70 -16.84
C TYR D 259 -34.35 7.22 -18.06
N ARG D 260 -35.03 7.14 -19.21
CA ARG D 260 -34.51 7.71 -20.44
C ARG D 260 -34.64 9.24 -20.35
N THR D 261 -33.61 9.96 -20.76
CA THR D 261 -33.65 11.41 -20.73
C THR D 261 -33.09 11.95 -22.03
N LYS D 262 -33.54 13.14 -22.43
CA LYS D 262 -33.08 13.76 -23.68
C LYS D 262 -31.76 14.47 -23.46
N ASN D 263 -30.70 13.98 -24.10
CA ASN D 263 -29.37 14.57 -23.97
C ASN D 263 -29.21 15.81 -24.84
N GLY D 264 -28.11 16.54 -24.65
CA GLY D 264 -27.83 17.73 -25.46
C GLY D 264 -27.30 18.88 -24.62
N ILE D 265 -27.06 20.02 -25.26
CA ILE D 265 -26.53 21.18 -24.55
C ILE D 265 -27.55 21.75 -23.57
N GLU D 266 -28.83 21.56 -23.87
CA GLU D 266 -29.91 22.11 -23.02
C GLU D 266 -29.77 21.73 -21.52
N PRO D 267 -29.78 20.42 -21.19
CA PRO D 267 -29.68 20.10 -19.76
C PRO D 267 -28.34 20.48 -19.17
N CYS D 268 -27.32 20.55 -20.03
CA CYS D 268 -26.00 20.97 -19.60
C CYS D 268 -26.01 22.40 -19.08
N ILE D 269 -26.71 23.30 -19.77
CA ILE D 269 -26.81 24.69 -19.32
C ILE D 269 -27.66 24.81 -18.06
N ALA D 270 -28.79 24.10 -18.03
CA ALA D 270 -29.62 24.06 -16.83
C ALA D 270 -28.84 23.53 -15.61
N ARG D 271 -28.13 22.42 -15.77
CA ARG D 271 -27.33 21.85 -14.68
C ARG D 271 -26.16 22.78 -14.28
N ALA D 272 -25.47 23.32 -15.28
CA ALA D 272 -24.43 24.32 -15.01
C ALA D 272 -24.93 25.45 -14.10
N LYS D 273 -26.10 25.99 -14.42
CA LYS D 273 -26.69 27.06 -13.61
C LYS D 273 -27.02 26.59 -12.20
N ALA D 274 -27.56 25.37 -12.10
CA ALA D 274 -27.88 24.84 -10.78
C ALA D 274 -26.63 24.65 -9.92
N TYR D 275 -25.52 24.22 -10.54
CA TYR D 275 -24.27 23.94 -9.83
C TYR D 275 -23.49 25.22 -9.54
N ALA D 276 -23.72 26.26 -10.33
CA ALA D 276 -22.91 27.49 -10.23
C ALA D 276 -22.65 28.05 -8.83
N PRO D 277 -23.67 28.11 -7.96
CA PRO D 277 -23.35 28.66 -6.65
C PRO D 277 -22.48 27.73 -5.79
N PHE D 278 -22.24 26.51 -6.27
CA PHE D 278 -21.50 25.51 -5.48
C PHE D 278 -20.19 25.11 -6.13
N ALA D 279 -19.80 25.85 -7.16
CA ALA D 279 -18.63 25.48 -7.98
C ALA D 279 -17.74 26.67 -8.34
N ASP D 280 -16.44 26.55 -8.05
CA ASP D 280 -15.50 27.59 -8.42
C ASP D 280 -15.24 27.60 -9.92
N LEU D 281 -15.42 26.46 -10.55
CA LEU D 281 -15.36 26.35 -12.01
C LEU D 281 -16.39 25.33 -12.49
N ILE D 282 -16.89 25.54 -13.70
CA ILE D 282 -17.87 24.63 -14.27
C ILE D 282 -17.34 24.08 -15.58
N TRP D 283 -17.65 22.81 -15.85
CA TRP D 283 -17.07 22.06 -16.95
C TRP D 283 -18.15 21.21 -17.59
N MET D 284 -18.23 21.27 -18.92
CA MET D 284 -19.25 20.53 -19.65
C MET D 284 -18.57 19.59 -20.65
N GLU D 285 -18.90 18.31 -20.60
CA GLU D 285 -18.33 17.32 -21.53
C GLU D 285 -18.98 17.40 -22.91
N THR D 286 -18.15 17.43 -23.95
CA THR D 286 -18.61 17.60 -25.33
C THR D 286 -18.25 16.39 -26.19
N GLY D 287 -18.97 16.22 -27.30
CA GLY D 287 -18.68 15.15 -28.23
C GLY D 287 -17.55 15.46 -29.20
N THR D 288 -17.31 16.76 -29.43
CA THR D 288 -16.33 17.24 -30.42
C THR D 288 -15.66 18.52 -29.93
N PRO D 289 -14.46 18.83 -30.44
CA PRO D 289 -13.81 20.09 -30.00
C PRO D 289 -14.32 21.32 -30.78
N ASP D 290 -15.59 21.68 -30.59
CA ASP D 290 -16.21 22.78 -31.33
C ASP D 290 -16.29 24.10 -30.56
N LEU D 291 -15.64 25.14 -31.09
CA LEU D 291 -15.65 26.46 -30.48
C LEU D 291 -17.06 27.08 -30.37
N GLU D 292 -17.90 26.80 -31.36
CA GLU D 292 -19.26 27.35 -31.38
C GLU D 292 -20.11 26.83 -30.23
N ALA D 293 -20.09 25.52 -30.04
CA ALA D 293 -20.78 24.88 -28.92
C ALA D 293 -20.31 25.45 -27.58
N ALA D 294 -19.02 25.74 -27.48
CA ALA D 294 -18.43 26.27 -26.26
C ALA D 294 -18.88 27.70 -25.99
N ARG D 295 -18.98 28.48 -27.05
CA ARG D 295 -19.51 29.83 -26.99
C ARG D 295 -20.97 29.83 -26.51
N GLN D 296 -21.75 28.92 -27.07
CA GLN D 296 -23.16 28.75 -26.71
C GLN D 296 -23.33 28.37 -25.23
N PHE D 297 -22.52 27.41 -24.77
CA PHE D 297 -22.58 26.99 -23.36
C PHE D 297 -22.14 28.14 -22.46
N SER D 298 -20.99 28.72 -22.78
CA SER D 298 -20.41 29.81 -21.98
C SER D 298 -21.36 30.99 -21.77
N GLU D 299 -21.76 31.64 -22.88
CA GLU D 299 -22.68 32.78 -22.85
C GLU D 299 -23.91 32.53 -21.99
N ALA D 300 -24.55 31.38 -22.18
CA ALA D 300 -25.74 31.03 -21.41
C ALA D 300 -25.46 31.06 -19.91
N VAL D 301 -24.26 30.67 -19.51
CA VAL D 301 -23.90 30.62 -18.09
C VAL D 301 -23.56 32.01 -17.53
N LYS D 302 -22.80 32.80 -18.27
CA LYS D 302 -22.36 34.11 -17.79
C LYS D 302 -23.51 35.13 -17.69
N ALA D 303 -24.57 34.91 -18.46
CA ALA D 303 -25.73 35.80 -18.43
C ALA D 303 -26.40 35.80 -17.05
N GLU D 304 -26.35 34.66 -16.36
CA GLU D 304 -26.88 34.54 -15.02
C GLU D 304 -25.75 34.61 -14.00
N TYR D 305 -24.61 34.03 -14.35
CA TYR D 305 -23.44 34.06 -13.49
C TYR D 305 -22.23 34.67 -14.18
N PRO D 306 -22.17 36.02 -14.20
CA PRO D 306 -21.15 36.82 -14.89
C PRO D 306 -19.71 36.47 -14.50
N ASP D 307 -19.46 36.28 -13.21
CA ASP D 307 -18.09 35.99 -12.74
C ASP D 307 -17.71 34.51 -12.73
N GLN D 308 -18.63 33.65 -13.16
CA GLN D 308 -18.41 32.21 -13.11
C GLN D 308 -17.36 31.75 -14.12
N MET D 309 -16.20 31.31 -13.62
CA MET D 309 -15.16 30.75 -14.47
C MET D 309 -15.52 29.36 -14.98
N LEU D 310 -14.90 28.97 -16.09
CA LEU D 310 -15.20 27.69 -16.71
C LEU D 310 -13.93 26.88 -16.99
N ALA D 311 -14.11 25.60 -17.26
CA ALA D 311 -13.00 24.70 -17.53
C ALA D 311 -13.31 23.87 -18.76
N TYR D 312 -12.29 23.55 -19.55
CA TYR D 312 -12.49 22.82 -20.80
C TYR D 312 -11.50 21.67 -20.95
N ASN D 313 -12.03 20.52 -21.34
CA ASN D 313 -11.23 19.32 -21.55
C ASN D 313 -10.86 19.17 -23.03
N CYS D 314 -9.65 19.58 -23.36
CA CYS D 314 -9.10 19.35 -24.70
C CYS D 314 -8.68 17.89 -24.78
N SER D 315 -9.63 17.03 -25.13
CA SER D 315 -9.49 15.60 -24.93
C SER D 315 -8.93 14.79 -26.12
N PRO D 316 -7.99 13.88 -25.83
CA PRO D 316 -7.47 12.90 -26.80
C PRO D 316 -8.52 11.88 -27.23
N SER D 317 -9.69 11.92 -26.59
CA SER D 317 -10.80 11.09 -27.05
C SER D 317 -11.41 11.67 -28.33
N PHE D 318 -11.04 12.92 -28.64
CA PHE D 318 -11.39 13.55 -29.91
C PHE D 318 -10.30 13.27 -30.95
N ASN D 319 -10.71 12.85 -32.14
CA ASN D 319 -9.82 12.82 -33.29
C ASN D 319 -9.70 14.25 -33.79
N TRP D 320 -8.62 14.94 -33.39
CA TRP D 320 -8.53 16.40 -33.56
C TRP D 320 -8.56 16.96 -34.99
N LYS D 321 -7.78 16.38 -35.90
CA LYS D 321 -7.76 16.87 -37.28
C LYS D 321 -8.93 16.35 -38.13
N LYS D 322 -9.72 15.45 -37.54
CA LYS D 322 -10.93 14.96 -38.20
C LYS D 322 -12.03 16.02 -38.13
N HIS D 323 -11.83 17.04 -37.29
CA HIS D 323 -12.84 18.07 -37.05
C HIS D 323 -12.33 19.49 -37.29
N LEU D 324 -11.11 19.76 -36.84
CA LEU D 324 -10.58 21.12 -36.92
C LEU D 324 -9.47 21.25 -37.94
N ASP D 325 -9.22 22.47 -38.40
CA ASP D 325 -8.06 22.76 -39.25
C ASP D 325 -6.89 23.29 -38.41
N ASP D 326 -5.68 23.22 -38.98
CA ASP D 326 -4.47 23.63 -38.27
C ASP D 326 -4.50 25.11 -37.81
N ALA D 327 -5.31 25.92 -38.49
CA ALA D 327 -5.45 27.33 -38.10
C ALA D 327 -6.27 27.49 -36.82
N THR D 328 -7.36 26.75 -36.72
CA THR D 328 -8.24 26.80 -35.55
C THR D 328 -7.61 26.10 -34.33
N ILE D 329 -7.10 24.89 -34.58
CA ILE D 329 -6.36 24.12 -33.58
C ILE D 329 -5.32 24.99 -32.88
N ALA D 330 -4.59 25.78 -33.65
CA ALA D 330 -3.58 26.67 -33.09
C ALA D 330 -4.15 27.80 -32.25
N LYS D 331 -5.38 28.23 -32.56
CA LYS D 331 -5.98 29.35 -31.83
C LYS D 331 -6.97 28.87 -30.75
N PHE D 332 -7.22 27.56 -30.73
CA PHE D 332 -8.27 26.94 -29.90
C PHE D 332 -8.29 27.41 -28.44
N GLN D 333 -7.19 27.19 -27.73
CA GLN D 333 -7.12 27.53 -26.31
C GLN D 333 -7.26 29.03 -26.06
N LYS D 334 -6.64 29.83 -26.93
CA LYS D 334 -6.75 31.29 -26.80
C LYS D 334 -8.21 31.71 -26.98
N GLU D 335 -8.87 31.11 -27.96
CA GLU D 335 -10.28 31.41 -28.22
C GLU D 335 -11.17 31.02 -27.03
N LEU D 336 -11.04 29.77 -26.58
CA LEU D 336 -11.72 29.30 -25.39
C LEU D 336 -11.49 30.24 -24.21
N ALA D 337 -10.24 30.64 -24.03
CA ALA D 337 -9.87 31.52 -22.91
C ALA D 337 -10.70 32.79 -22.89
N ALA D 338 -10.94 33.36 -24.08
CA ALA D 338 -11.78 34.55 -24.22
C ALA D 338 -13.19 34.31 -23.70
N MET D 339 -13.75 33.14 -24.03
CA MET D 339 -15.11 32.80 -23.65
C MET D 339 -15.31 32.59 -22.14
N GLY D 340 -14.21 32.49 -21.38
CA GLY D 340 -14.29 32.35 -19.94
C GLY D 340 -13.72 31.05 -19.38
N PHE D 341 -13.09 30.25 -20.25
CA PHE D 341 -12.45 28.99 -19.84
C PHE D 341 -11.01 29.22 -19.40
N LYS D 342 -10.85 29.49 -18.11
CA LYS D 342 -9.56 29.85 -17.56
C LYS D 342 -8.73 28.61 -17.15
N PHE D 343 -9.38 27.44 -17.13
CA PHE D 343 -8.69 26.17 -16.91
C PHE D 343 -8.94 25.19 -18.06
N GLN D 344 -7.88 24.86 -18.79
CA GLN D 344 -7.98 23.95 -19.91
C GLN D 344 -6.90 22.88 -19.78
N PHE D 345 -7.22 21.66 -20.18
CA PHE D 345 -6.33 20.55 -19.86
C PHE D 345 -6.49 19.40 -20.83
N ILE D 346 -5.38 18.74 -21.13
CA ILE D 346 -5.44 17.52 -21.91
C ILE D 346 -5.41 16.32 -20.97
N THR D 347 -6.58 15.71 -20.75
CA THR D 347 -6.73 14.60 -19.79
C THR D 347 -5.71 13.47 -19.95
N LEU D 348 -5.59 12.93 -21.16
CA LEU D 348 -4.77 11.74 -21.36
C LEU D 348 -3.39 11.98 -21.99
N ALA D 349 -2.82 13.16 -21.77
CA ALA D 349 -1.53 13.52 -22.35
C ALA D 349 -0.42 12.55 -21.97
N GLY D 350 -0.35 12.21 -20.68
CA GLY D 350 0.69 11.32 -20.16
C GLY D 350 0.57 9.95 -20.77
N PHE D 351 -0.64 9.41 -20.82
CA PHE D 351 -0.87 8.10 -21.39
C PHE D 351 -0.28 8.02 -22.78
N HIS D 352 -0.70 8.94 -23.64
CA HIS D 352 -0.23 8.92 -25.03
C HIS D 352 1.26 9.18 -25.18
N ALA D 353 1.77 10.19 -24.48
CA ALA D 353 3.20 10.42 -24.44
C ALA D 353 3.99 9.17 -24.03
N LEU D 354 3.58 8.53 -22.94
CA LEU D 354 4.25 7.32 -22.44
C LEU D 354 4.16 6.14 -23.41
N ASN D 355 2.94 5.81 -23.83
CA ASN D 355 2.74 4.63 -24.66
C ASN D 355 3.38 4.74 -26.03
N TYR D 356 3.28 5.92 -26.62
CA TYR D 356 3.89 6.15 -27.94
C TYR D 356 5.41 6.12 -27.87
N SER D 357 5.98 6.95 -27.00
CA SER D 357 7.43 7.08 -26.89
C SER D 357 8.13 5.74 -26.61
N MET D 358 7.46 4.86 -25.86
CA MET D 358 8.02 3.54 -25.54
C MET D 358 7.79 2.54 -26.66
N PHE D 359 6.65 2.61 -27.33
CA PHE D 359 6.46 1.79 -28.52
C PHE D 359 7.51 2.14 -29.59
N ASP D 360 7.73 3.44 -29.79
CA ASP D 360 8.70 3.91 -30.80
C ASP D 360 10.08 3.33 -30.51
N LEU D 361 10.54 3.53 -29.28
CA LEU D 361 11.86 3.05 -28.86
C LEU D 361 11.98 1.52 -28.94
N ALA D 362 11.02 0.83 -28.34
CA ALA D 362 11.04 -0.63 -28.34
C ALA D 362 11.00 -1.22 -29.74
N TYR D 363 10.29 -0.53 -30.64
CA TYR D 363 10.21 -1.00 -32.02
C TYR D 363 11.53 -0.83 -32.75
N GLY D 364 12.18 0.32 -32.57
CA GLY D 364 13.49 0.52 -33.14
C GLY D 364 14.44 -0.54 -32.58
N TYR D 365 14.44 -0.62 -31.25
CA TYR D 365 15.31 -1.51 -30.47
C TYR D 365 15.21 -2.95 -30.93
N ALA D 366 14.00 -3.39 -31.30
CA ALA D 366 13.82 -4.75 -31.77
C ALA D 366 14.51 -5.00 -33.13
N GLN D 367 14.59 -3.95 -33.96
CA GLN D 367 15.26 -4.07 -35.27
C GLN D 367 16.74 -3.67 -35.23
N ASN D 368 17.06 -2.59 -34.51
CA ASN D 368 18.37 -1.98 -34.57
C ASN D 368 19.21 -2.03 -33.27
N GLN D 369 18.62 -2.54 -32.19
CA GLN D 369 19.27 -2.51 -30.87
C GLN D 369 19.84 -1.14 -30.49
N MET D 370 21.13 -1.08 -30.19
CA MET D 370 21.69 0.15 -29.59
C MET D 370 21.53 1.42 -30.43
N SER D 371 21.48 1.26 -31.75
CA SER D 371 21.26 2.39 -32.65
C SER D 371 19.99 3.15 -32.26
N ALA D 372 18.90 2.40 -32.11
CA ALA D 372 17.62 2.96 -31.64
C ALA D 372 17.73 3.75 -30.33
N TYR D 373 18.47 3.25 -29.35
CA TYR D 373 18.57 3.99 -28.09
C TYR D 373 19.35 5.29 -28.25
N VAL D 374 20.50 5.25 -28.92
CA VAL D 374 21.34 6.44 -29.03
C VAL D 374 20.61 7.58 -29.75
N GLU D 375 19.75 7.21 -30.69
CA GLU D 375 18.89 8.18 -31.36
C GLU D 375 18.14 9.00 -30.31
N LEU D 376 17.56 8.30 -29.32
CA LEU D 376 16.89 8.96 -28.19
C LEU D 376 17.86 9.76 -27.32
N GLN D 377 19.01 9.19 -26.97
CA GLN D 377 19.95 9.93 -26.11
C GLN D 377 20.45 11.19 -26.79
N GLU D 378 20.49 11.16 -28.11
CA GLU D 378 20.92 12.30 -28.91
C GLU D 378 19.89 13.44 -28.85
N ARG D 379 18.61 13.09 -28.90
CA ARG D 379 17.54 14.09 -28.79
C ARG D 379 17.55 14.77 -27.43
N GLU D 380 17.78 13.98 -26.38
CA GLU D 380 17.84 14.49 -25.02
C GLU D 380 19.00 15.45 -24.89
N PHE D 381 20.12 15.07 -25.49
CA PHE D 381 21.28 15.94 -25.55
C PHE D 381 20.90 17.24 -26.27
N ALA D 382 20.25 17.10 -27.42
CA ALA D 382 19.86 18.27 -28.20
C ALA D 382 18.93 19.21 -27.43
N ALA D 383 18.29 18.71 -26.38
CA ALA D 383 17.28 19.48 -25.66
C ALA D 383 17.79 20.27 -24.44
N GLU D 384 19.07 20.14 -24.11
CA GLU D 384 19.64 20.90 -23.00
C GLU D 384 19.66 22.40 -23.29
N GLU D 385 19.43 22.75 -24.56
CA GLU D 385 19.30 24.14 -24.96
C GLU D 385 17.95 24.71 -24.53
N ARG D 386 16.91 23.86 -24.56
CA ARG D 386 15.56 24.28 -24.19
C ARG D 386 15.34 24.20 -22.68
N GLY D 387 16.32 23.65 -21.97
CA GLY D 387 16.23 23.53 -20.53
C GLY D 387 16.11 22.11 -20.00
N TYR D 388 16.06 21.12 -20.89
CA TYR D 388 15.99 19.72 -20.48
C TYR D 388 17.20 19.36 -19.64
N THR D 389 16.99 18.54 -18.61
CA THR D 389 18.02 18.27 -17.61
C THR D 389 18.17 16.80 -17.24
N ALA D 390 17.24 15.96 -17.71
CA ALA D 390 17.20 14.57 -17.28
C ALA D 390 18.28 13.69 -17.92
N THR D 391 19.01 14.24 -18.88
CA THR D 391 20.17 13.55 -19.44
C THR D 391 21.14 13.16 -18.34
N LYS D 392 21.36 14.08 -17.41
CA LYS D 392 22.14 13.80 -16.22
C LYS D 392 21.19 13.18 -15.17
N HIS D 393 20.85 11.91 -15.37
CA HIS D 393 19.81 11.27 -14.58
C HIS D 393 20.13 11.13 -13.09
N GLN D 394 21.41 11.04 -12.74
CA GLN D 394 21.79 10.88 -11.34
C GLN D 394 21.39 12.10 -10.52
N ARG D 395 21.79 13.28 -10.99
CA ARG D 395 21.42 14.51 -10.32
C ARG D 395 19.92 14.75 -10.40
N GLU D 396 19.29 14.32 -11.50
CA GLU D 396 17.88 14.60 -11.77
C GLU D 396 16.98 13.98 -10.69
N VAL D 397 17.53 12.96 -10.04
CA VAL D 397 16.76 12.04 -9.22
C VAL D 397 17.22 12.21 -7.76
N GLY D 398 18.16 13.13 -7.55
CA GLY D 398 18.58 13.49 -6.21
C GLY D 398 19.92 13.01 -5.68
N ALA D 399 20.73 12.38 -6.53
CA ALA D 399 22.03 11.90 -6.08
C ALA D 399 22.87 12.99 -5.39
N GLY D 400 22.86 14.19 -5.95
CA GLY D 400 23.63 15.29 -5.37
C GLY D 400 23.01 15.78 -4.08
N TYR D 401 21.68 15.72 -4.02
CA TYR D 401 20.97 16.14 -2.84
C TYR D 401 21.25 15.20 -1.67
N PHE D 402 21.20 13.91 -1.93
CA PHE D 402 21.51 12.96 -0.85
C PHE D 402 23.01 12.94 -0.49
N ASP D 403 23.87 13.25 -1.47
CA ASP D 403 25.29 13.43 -1.15
C ASP D 403 25.44 14.56 -0.13
N ARG D 404 24.68 15.63 -0.33
CA ARG D 404 24.75 16.76 0.61
C ARG D 404 24.27 16.37 2.00
N ILE D 405 23.17 15.61 2.07
CA ILE D 405 22.74 15.04 3.36
C ILE D 405 23.86 14.24 3.99
N ALA D 406 24.48 13.37 3.19
CA ALA D 406 25.55 12.49 3.67
C ALA D 406 26.73 13.26 4.25
N THR D 407 27.13 14.33 3.56
CA THR D 407 28.27 15.14 3.99
C THR D 407 27.92 16.02 5.18
N THR D 408 26.65 16.41 5.28
CA THR D 408 26.16 17.18 6.43
C THR D 408 26.23 16.31 7.67
N VAL D 409 25.84 15.04 7.52
CA VAL D 409 25.87 14.11 8.64
C VAL D 409 27.31 13.76 8.99
N ASP D 410 28.10 13.47 7.96
CA ASP D 410 29.52 13.14 8.17
C ASP D 410 30.35 13.65 7.00
N PRO D 411 31.00 14.80 7.20
CA PRO D 411 31.78 15.44 6.14
C PRO D 411 32.94 14.57 5.67
N ASN D 412 33.36 13.61 6.50
CA ASN D 412 34.47 12.72 6.17
C ASN D 412 34.02 11.42 5.51
N SER D 413 32.74 11.32 5.20
CA SER D 413 32.18 10.12 4.56
C SER D 413 32.89 9.74 3.26
N SER D 414 33.44 8.53 3.22
CA SER D 414 34.12 8.07 2.00
C SER D 414 33.21 7.24 1.07
N THR D 415 31.89 7.31 1.27
CA THR D 415 30.96 6.57 0.41
C THR D 415 29.87 7.44 -0.22
N THR D 416 30.19 8.70 -0.54
CA THR D 416 29.25 9.55 -1.28
C THR D 416 29.17 9.10 -2.73
N ALA D 417 28.10 9.51 -3.43
CA ALA D 417 27.74 8.91 -4.72
C ALA D 417 28.26 9.60 -5.99
N LEU D 418 28.16 10.92 -6.06
CA LEU D 418 28.55 11.66 -7.28
C LEU D 418 30.05 11.70 -7.57
N THR D 419 30.88 11.89 -6.54
CA THR D 419 32.32 11.84 -6.75
C THR D 419 32.72 10.45 -7.24
N GLY D 420 33.35 10.39 -8.42
CA GLY D 420 33.76 9.12 -9.00
C GLY D 420 32.74 8.52 -9.94
N SER D 421 31.57 9.18 -10.05
CA SER D 421 30.53 8.70 -10.95
C SER D 421 30.90 8.87 -12.42
N THR D 422 30.29 8.07 -13.28
CA THR D 422 30.43 8.25 -14.72
C THR D 422 29.75 9.54 -15.14
N GLU D 423 28.72 9.94 -14.39
CA GLU D 423 28.02 11.21 -14.65
C GLU D 423 28.98 12.39 -14.46
N GLU D 424 29.77 12.35 -13.38
CA GLU D 424 30.78 13.37 -13.10
C GLU D 424 31.93 13.34 -14.13
N GLY D 425 32.06 12.23 -14.85
CA GLY D 425 33.19 12.05 -15.75
C GLY D 425 32.90 12.03 -17.24
N GLN D 426 31.66 11.69 -17.62
CA GLN D 426 31.30 11.60 -19.02
C GLN D 426 30.29 12.68 -19.47
N PHE D 427 29.79 13.45 -18.52
CA PHE D 427 28.74 14.44 -18.79
C PHE D 427 29.21 15.81 -18.32
MG MG E . 12.32 -3.04 18.33
MG MG F . 21.59 14.05 26.13
C01 VGX G . 12.98 -7.07 20.92
C02 VGX G . 11.72 -6.34 21.29
C03 VGX G . 11.04 -7.28 22.24
C04 VGX G . 11.50 -7.33 23.67
O05 VGX G . 11.07 -6.43 24.44
O06 VGX G . 12.30 -8.26 23.99
O07 VGX G . 10.15 -8.01 21.87
MG MG H . -20.05 -6.53 7.22
C01 VGX I . -22.70 -4.65 10.38
C02 VGX I . -21.84 -5.87 10.69
C03 VGX I . -21.82 -5.98 12.18
C04 VGX I . -22.92 -6.68 12.95
O05 VGX I . -23.95 -6.02 13.26
O06 VGX I . -22.77 -7.89 13.25
O07 VGX I . -20.91 -5.46 12.77
MG MG J . 19.86 -1.34 -9.99
C01 VGX K . 23.35 2.38 -11.58
C02 VGX K . 22.21 1.63 -12.25
C03 VGX K . 21.86 2.24 -13.59
C04 VGX K . 22.85 2.22 -14.73
O05 VGX K . 22.64 1.50 -15.74
O06 VGX K . 23.90 2.91 -14.66
O07 VGX K . 20.76 2.75 -13.75
MG MG L . -11.45 10.94 -15.64
C01 VGX M . -13.28 9.63 -21.14
C02 VGX M . -12.20 10.06 -20.17
C03 VGX M . -11.01 10.66 -20.87
C04 VGX M . -11.20 11.83 -21.81
O05 VGX M . -11.98 11.72 -22.79
O06 VGX M . -10.56 12.89 -21.62
O07 VGX M . -9.90 10.21 -20.66
#